data_8TDW
#
_entry.id   8TDW
#
_cell.length_a   1.00
_cell.length_b   1.00
_cell.length_c   1.00
_cell.angle_alpha   90.00
_cell.angle_beta   90.00
_cell.angle_gamma   90.00
#
_symmetry.space_group_name_H-M   'P 1'
#
loop_
_entity.id
_entity.type
_entity.pdbx_description
1 polymer 'Deoxynucleoside triphosphate triphosphohydrolase SAMHD1'
2 polymer "RNA (5'-R(P*CP*CP*GP*GP*CP*C)-3')"
3 polymer "RNA (5'-R(P*CP*CP*GP*AP*CP*C)-3')"
4 non-polymer 'FE (III) ION'
#
loop_
_entity_poly.entity_id
_entity_poly.type
_entity_poly.pdbx_seq_one_letter_code
_entity_poly.pdbx_strand_id
1 'polypeptide(L)'
;MQRADSEQPSKRPRCDDSPRTPSNTPSAEADWSPGLELHPDYKTWGPEQVCSFLRRGGFEEPVLLKNIRENEITGALLPC
LDESRFENLGVSSLGERKKLLSYIQRLVQIHVDTMKVINDPIHGHIELHPLLVRIIDTPQFQRLRYIKQLGGGYYVFPGA
SHNRFEHSLGVGYLAGCLVHALGEKQPELQISERDVLCVQIAGLCHDLGHGPFSHMFDGRFIPLARPEVKWTHEQGSVMM
FEHLINSNGIKPVMEQYGLIPEEDICFIKEQIVGPLESPVEDSLWPYKGRPENKSFLYEIVSNKRNGIDVDKWDYFARDC
HHLGIQNNFDYKRFIKFARVCEVDNELRICARDKEVGNLYDMFHTRNSLHRRAYQHKVGNIIDTMITDAFLKADDYIEIT
GAGGKKYRISTAIDDMEAYTKLTDNIFLEILYSTDPKLKDAREILKQIEYRNLFKYVGETQPTGQIKIKREDYESLPKEV
ASAKPKVLLDVKLKAEDFIVDVINMDYGMQEKNPIDHVSFYCKTAPNRAIRITKNQVSQLLPEKFAEQLIRVYCKKVDRK
SLYAARQYFVQWCADRNFTKPQDGDVIAPLITPQKKEWNDSTSVQNPTRLREASKSRVQLFKDDPM
;
A,B,E,F
2 'polyribonucleotide' CCGGCC J
3 'polyribonucleotide' CCGACC K
#
# COMPACT_ATOMS: atom_id res chain seq x y z
N MET A 115 -5.10 -30.69 -8.18
CA MET A 115 -4.92 -29.29 -8.53
C MET A 115 -4.76 -28.45 -7.28
N LYS A 116 -3.83 -28.85 -6.42
CA LYS A 116 -3.64 -28.24 -5.12
C LYS A 116 -3.36 -26.75 -5.23
N VAL A 117 -3.49 -26.07 -4.10
CA VAL A 117 -3.15 -24.66 -3.96
C VAL A 117 -2.54 -24.47 -2.59
N ILE A 118 -1.38 -23.83 -2.52
CA ILE A 118 -0.64 -23.69 -1.27
C ILE A 118 -0.56 -22.20 -0.94
N ASN A 119 -0.97 -21.86 0.27
CA ASN A 119 -1.01 -20.46 0.69
C ASN A 119 0.35 -20.03 1.21
N ASP A 120 0.86 -18.93 0.68
CA ASP A 120 2.18 -18.46 1.04
C ASP A 120 2.12 -17.04 1.57
N PRO A 121 2.88 -16.71 2.62
CA PRO A 121 2.87 -15.36 3.16
C PRO A 121 3.56 -14.32 2.30
N ILE A 122 4.11 -14.70 1.14
CA ILE A 122 4.78 -13.77 0.24
C ILE A 122 4.12 -13.75 -1.13
N HIS A 123 3.88 -14.93 -1.71
CA HIS A 123 3.31 -15.05 -3.04
C HIS A 123 1.82 -15.34 -3.03
N GLY A 124 1.18 -15.31 -1.86
CA GLY A 124 -0.25 -15.54 -1.80
C GLY A 124 -0.62 -16.99 -2.07
N HIS A 125 -1.29 -17.24 -3.19
CA HIS A 125 -1.66 -18.60 -3.58
C HIS A 125 -0.70 -19.11 -4.64
N ILE A 126 -0.37 -20.40 -4.54
CA ILE A 126 0.63 -21.04 -5.38
C ILE A 126 0.01 -22.20 -6.14
N GLU A 127 -1.23 -22.02 -6.60
CA GLU A 127 -2.00 -23.07 -7.26
C GLU A 127 -1.13 -23.96 -8.13
N LEU A 128 -1.25 -25.27 -7.93
CA LEU A 128 -0.35 -26.26 -8.49
C LEU A 128 -1.09 -27.15 -9.49
N HIS A 129 -0.37 -28.15 -9.97
CA HIS A 129 -0.77 -29.18 -10.92
C HIS A 129 -0.58 -30.54 -10.25
N PRO A 130 -1.33 -31.57 -10.67
CA PRO A 130 -1.19 -32.87 -10.01
C PRO A 130 0.23 -33.44 -10.04
N LEU A 131 0.95 -33.24 -11.14
CA LEU A 131 2.31 -33.74 -11.22
C LEU A 131 3.23 -33.03 -10.24
N LEU A 132 3.04 -31.72 -10.08
CA LEU A 132 3.83 -30.99 -9.09
C LEU A 132 3.53 -31.48 -7.69
N VAL A 133 2.27 -31.84 -7.42
CA VAL A 133 1.92 -32.39 -6.12
C VAL A 133 2.59 -33.74 -5.90
N ARG A 134 2.61 -34.59 -6.94
CA ARG A 134 3.32 -35.86 -6.81
C ARG A 134 4.80 -35.65 -6.51
N ILE A 135 5.42 -34.69 -7.19
CA ILE A 135 6.82 -34.40 -6.91
C ILE A 135 7.00 -33.79 -5.54
N ILE A 136 5.96 -33.15 -5.01
CA ILE A 136 6.09 -32.40 -3.75
C ILE A 136 5.89 -33.29 -2.54
N ASP A 137 4.91 -34.18 -2.57
CA ASP A 137 4.66 -35.08 -1.45
C ASP A 137 5.52 -36.33 -1.61
N THR A 138 6.82 -36.14 -1.44
CA THR A 138 7.80 -37.21 -1.46
C THR A 138 8.77 -36.97 -0.32
N PRO A 139 9.47 -38.03 0.14
CA PRO A 139 10.48 -37.82 1.17
C PRO A 139 11.58 -36.87 0.75
N GLN A 140 12.00 -36.92 -0.50
CA GLN A 140 13.14 -36.15 -0.95
C GLN A 140 12.83 -34.68 -1.14
N PHE A 141 11.57 -34.33 -1.34
CA PHE A 141 11.22 -32.92 -1.39
C PHE A 141 10.89 -32.38 -0.01
N GLN A 142 10.13 -33.15 0.79
CA GLN A 142 9.82 -32.75 2.15
C GLN A 142 11.04 -32.72 3.04
N ARG A 143 12.15 -33.32 2.62
CA ARG A 143 13.41 -33.13 3.34
C ARG A 143 13.78 -31.66 3.40
N LEU A 144 13.38 -30.87 2.41
CA LEU A 144 13.66 -29.45 2.42
C LEU A 144 12.98 -28.72 3.55
N ARG A 145 11.98 -29.34 4.19
CA ARG A 145 11.26 -28.67 5.25
C ARG A 145 12.08 -28.49 6.51
N TYR A 146 13.28 -29.07 6.58
CA TYR A 146 14.15 -29.01 7.75
C TYR A 146 15.54 -28.53 7.37
N ILE A 147 15.64 -27.66 6.37
CA ILE A 147 16.92 -27.08 5.96
C ILE A 147 16.78 -25.56 5.99
N LYS A 148 17.59 -24.91 6.82
CA LYS A 148 17.51 -23.47 7.00
C LYS A 148 17.87 -22.75 5.71
N GLN A 149 17.07 -21.74 5.36
CA GLN A 149 17.34 -20.96 4.15
C GLN A 149 18.55 -20.06 4.33
N LEU A 150 18.63 -19.33 5.44
CA LEU A 150 19.79 -18.49 5.70
C LEU A 150 20.90 -19.23 6.43
N GLY A 151 20.72 -20.49 6.74
CA GLY A 151 21.77 -21.27 7.37
C GLY A 151 22.05 -20.85 8.79
N GLY A 152 23.26 -20.36 9.05
CA GLY A 152 23.59 -19.90 10.38
C GLY A 152 22.98 -18.58 10.77
N GLY A 153 22.39 -17.88 9.81
CA GLY A 153 21.79 -16.59 10.07
C GLY A 153 20.66 -16.62 11.07
N TYR A 154 20.14 -17.80 11.42
CA TYR A 154 19.14 -17.84 12.46
C TYR A 154 19.71 -17.45 13.81
N TYR A 155 21.00 -17.65 14.02
CA TYR A 155 21.60 -17.33 15.31
C TYR A 155 22.07 -15.89 15.38
N VAL A 156 21.85 -15.11 14.32
CA VAL A 156 22.08 -13.68 14.33
C VAL A 156 20.80 -12.90 14.08
N PHE A 157 19.93 -13.39 13.19
CA PHE A 157 18.63 -12.79 12.97
C PHE A 157 17.53 -13.69 13.47
N PRO A 158 16.89 -13.39 14.60
CA PRO A 158 15.85 -14.29 15.12
C PRO A 158 14.68 -14.48 14.21
N GLY A 159 14.44 -13.56 13.28
CA GLY A 159 13.29 -13.69 12.40
C GLY A 159 13.48 -14.63 11.24
N ALA A 160 14.73 -14.85 10.81
CA ALA A 160 15.03 -15.66 9.63
C ALA A 160 14.98 -17.14 10.00
N SER A 161 13.77 -17.59 10.32
CA SER A 161 13.54 -18.99 10.68
C SER A 161 12.95 -19.80 9.54
N HIS A 162 12.93 -19.24 8.32
CA HIS A 162 12.28 -19.92 7.21
C HIS A 162 13.21 -20.95 6.60
N ASN A 163 12.61 -21.95 5.95
CA ASN A 163 13.32 -23.09 5.38
C ASN A 163 13.26 -23.05 3.86
N ARG A 164 14.02 -23.97 3.25
CA ARG A 164 14.07 -24.06 1.80
C ARG A 164 12.78 -24.54 1.19
N PHE A 165 11.88 -25.12 1.98
CA PHE A 165 10.67 -25.71 1.42
C PHE A 165 9.78 -24.65 0.78
N GLU A 166 9.44 -23.60 1.53
CA GLU A 166 8.60 -22.55 0.99
C GLU A 166 9.31 -21.76 -0.09
N HIS A 167 10.63 -21.59 0.03
CA HIS A 167 11.38 -20.91 -1.03
C HIS A 167 11.30 -21.68 -2.33
N SER A 168 11.44 -23.00 -2.28
CA SER A 168 11.34 -23.80 -3.50
C SER A 168 9.93 -23.75 -4.07
N LEU A 169 8.92 -23.76 -3.20
CA LEU A 169 7.54 -23.60 -3.67
C LEU A 169 7.35 -22.28 -4.41
N GLY A 170 7.86 -21.20 -3.82
CA GLY A 170 7.75 -19.90 -4.46
C GLY A 170 8.52 -19.81 -5.75
N VAL A 171 9.68 -20.46 -5.82
CA VAL A 171 10.46 -20.46 -7.06
C VAL A 171 9.72 -21.18 -8.16
N GLY A 172 9.13 -22.33 -7.84
CA GLY A 172 8.32 -22.99 -8.86
C GLY A 172 7.17 -22.12 -9.30
N TYR A 173 6.52 -21.45 -8.36
CA TYR A 173 5.43 -20.55 -8.70
C TYR A 173 5.90 -19.45 -9.65
N LEU A 174 6.99 -18.79 -9.31
CA LEU A 174 7.45 -17.67 -10.13
C LEU A 174 7.90 -18.14 -11.51
N ALA A 175 8.56 -19.30 -11.58
CA ALA A 175 8.95 -19.82 -12.89
C ALA A 175 7.74 -20.13 -13.74
N GLY A 176 6.71 -20.72 -13.14
CA GLY A 176 5.48 -20.96 -13.88
C GLY A 176 4.84 -19.67 -14.34
N CYS A 177 4.83 -18.65 -13.48
CA CYS A 177 4.23 -17.38 -13.84
C CYS A 177 4.97 -16.73 -15.00
N LEU A 178 6.29 -16.72 -14.97
CA LEU A 178 7.04 -16.09 -16.05
C LEU A 178 6.88 -16.85 -17.36
N VAL A 179 6.96 -18.18 -17.35
CA VAL A 179 6.83 -18.91 -18.61
C VAL A 179 5.41 -18.80 -19.13
N HIS A 180 4.41 -18.82 -18.25
CA HIS A 180 3.03 -18.68 -18.69
C HIS A 180 2.76 -17.29 -19.26
N ALA A 181 3.31 -16.25 -18.63
CA ALA A 181 3.17 -14.90 -19.16
C ALA A 181 3.78 -14.78 -20.55
N LEU A 182 5.01 -15.27 -20.71
CA LEU A 182 5.65 -15.21 -22.01
C LEU A 182 4.90 -16.01 -23.05
N GLY A 183 4.33 -17.15 -22.67
CA GLY A 183 3.62 -17.98 -23.62
C GLY A 183 2.28 -17.41 -24.02
N GLU A 184 1.59 -16.75 -23.09
CA GLU A 184 0.30 -16.16 -23.44
C GLU A 184 0.49 -14.88 -24.25
N LYS A 185 1.51 -14.08 -23.92
CA LYS A 185 1.74 -12.86 -24.67
C LYS A 185 2.10 -13.15 -26.12
N GLN A 186 2.97 -14.12 -26.36
CA GLN A 186 3.53 -14.38 -27.69
C GLN A 186 3.17 -15.78 -28.16
N PRO A 187 2.17 -15.94 -29.04
CA PRO A 187 1.85 -17.27 -29.55
C PRO A 187 2.86 -17.82 -30.55
N GLU A 188 3.97 -17.13 -30.80
CA GLU A 188 4.93 -17.59 -31.80
C GLU A 188 6.06 -18.44 -31.21
N LEU A 189 6.39 -18.25 -29.94
CA LEU A 189 7.47 -19.00 -29.33
C LEU A 189 7.14 -20.48 -29.19
N GLN A 190 5.89 -20.87 -29.40
CA GLN A 190 5.46 -22.27 -29.32
C GLN A 190 5.65 -22.85 -27.92
N ILE A 191 5.51 -22.03 -26.90
CA ILE A 191 5.63 -22.52 -25.53
C ILE A 191 4.46 -23.44 -25.23
N SER A 192 4.74 -24.74 -25.14
CA SER A 192 3.70 -25.72 -24.85
C SER A 192 3.58 -25.93 -23.35
N GLU A 193 2.52 -26.65 -22.96
CA GLU A 193 2.33 -26.94 -21.54
C GLU A 193 3.43 -27.85 -21.01
N ARG A 194 4.01 -28.69 -21.87
CA ARG A 194 5.10 -29.56 -21.44
C ARG A 194 6.26 -28.75 -20.88
N ASP A 195 6.71 -27.75 -21.62
CA ASP A 195 7.84 -26.95 -21.16
C ASP A 195 7.48 -26.07 -19.99
N VAL A 196 6.21 -25.65 -19.88
CA VAL A 196 5.77 -24.93 -18.69
C VAL A 196 5.93 -25.80 -17.46
N LEU A 197 5.43 -27.04 -17.54
CA LEU A 197 5.55 -27.97 -16.42
C LEU A 197 7.00 -28.28 -16.12
N CYS A 198 7.82 -28.41 -17.16
CA CYS A 198 9.24 -28.70 -16.96
C CYS A 198 9.96 -27.55 -16.28
N VAL A 199 9.61 -26.31 -16.62
CA VAL A 199 10.22 -25.17 -15.94
C VAL A 199 9.74 -25.09 -14.49
N GLN A 200 8.47 -25.42 -14.25
CA GLN A 200 7.98 -25.48 -12.87
C GLN A 200 8.70 -26.56 -12.07
N ILE A 201 8.92 -27.73 -12.67
CA ILE A 201 9.64 -28.80 -11.99
C ILE A 201 11.06 -28.37 -11.69
N ALA A 202 11.72 -27.73 -12.66
CA ALA A 202 13.06 -27.24 -12.42
C ALA A 202 13.09 -26.19 -11.33
N GLY A 203 12.04 -25.39 -11.22
CA GLY A 203 11.96 -24.43 -10.13
C GLY A 203 11.81 -25.10 -8.77
N LEU A 204 10.96 -26.12 -8.68
CA LEU A 204 10.76 -26.81 -7.41
C LEU A 204 11.98 -27.63 -7.00
N CYS A 205 12.69 -28.20 -7.96
CA CYS A 205 13.83 -29.07 -7.69
C CYS A 205 15.16 -28.36 -7.83
N HIS A 206 15.16 -27.03 -7.83
CA HIS A 206 16.41 -26.30 -7.99
C HIS A 206 17.23 -26.27 -6.71
N ASP A 207 16.67 -26.69 -5.58
CA ASP A 207 17.38 -26.65 -4.31
C ASP A 207 17.33 -27.98 -3.58
N LEU A 208 16.91 -29.05 -4.27
CA LEU A 208 16.80 -30.35 -3.63
C LEU A 208 18.13 -30.83 -3.07
N GLY A 209 19.24 -30.29 -3.54
CA GLY A 209 20.53 -30.79 -3.14
C GLY A 209 21.16 -30.10 -1.95
N HIS A 210 20.45 -29.21 -1.29
CA HIS A 210 21.04 -28.53 -0.15
C HIS A 210 21.23 -29.48 1.02
N GLY A 211 22.30 -29.24 1.77
CA GLY A 211 22.59 -30.04 2.93
C GLY A 211 22.35 -29.28 4.20
N PRO A 212 22.94 -29.73 5.30
CA PRO A 212 22.77 -29.02 6.58
C PRO A 212 23.19 -27.57 6.48
N PHE A 213 22.31 -26.68 6.93
CA PHE A 213 22.57 -25.24 6.99
C PHE A 213 22.91 -24.66 5.63
N SER A 214 22.28 -25.19 4.58
CA SER A 214 22.31 -24.63 3.23
C SER A 214 23.71 -24.34 2.72
N HIS A 215 23.98 -23.07 2.42
CA HIS A 215 25.23 -22.72 1.76
C HIS A 215 26.44 -22.89 2.65
N MET A 216 26.26 -23.21 3.92
CA MET A 216 27.40 -23.55 4.76
C MET A 216 27.91 -24.95 4.47
N PHE A 217 27.07 -25.82 3.90
CA PHE A 217 27.45 -27.21 3.67
C PHE A 217 28.33 -27.36 2.44
N ASP A 218 27.82 -26.93 1.27
CA ASP A 218 28.63 -26.97 0.06
C ASP A 218 29.56 -25.77 -0.05
N GLY A 219 29.53 -24.90 0.95
CA GLY A 219 30.35 -23.71 1.03
C GLY A 219 31.55 -23.97 1.91
N ARG A 220 31.48 -23.63 3.19
CA ARG A 220 32.63 -23.79 4.05
C ARG A 220 32.84 -25.22 4.55
N PHE A 221 31.81 -26.07 4.58
CA PHE A 221 32.02 -27.38 5.20
C PHE A 221 32.69 -28.36 4.25
N ILE A 222 32.05 -28.70 3.13
CA ILE A 222 32.52 -29.81 2.32
C ILE A 222 33.94 -29.57 1.80
N PRO A 223 34.28 -28.40 1.25
CA PRO A 223 35.68 -28.17 0.88
C PRO A 223 36.67 -28.34 2.02
N LEU A 224 36.32 -27.88 3.23
CA LEU A 224 37.22 -28.02 4.36
C LEU A 224 37.30 -29.46 4.86
N ALA A 225 36.32 -30.29 4.51
CA ALA A 225 36.31 -31.69 4.91
C ALA A 225 36.89 -32.61 3.84
N ARG A 226 36.47 -32.45 2.59
CA ARG A 226 36.93 -33.28 1.48
C ARG A 226 37.54 -32.38 0.41
N PRO A 227 38.83 -32.09 0.49
CA PRO A 227 39.46 -31.23 -0.52
C PRO A 227 39.59 -31.85 -1.89
N GLU A 228 39.31 -33.14 -2.03
CA GLU A 228 39.51 -33.85 -3.29
C GLU A 228 38.21 -34.00 -4.09
N VAL A 229 37.11 -33.40 -3.66
CA VAL A 229 35.82 -33.54 -4.33
C VAL A 229 35.32 -32.15 -4.67
N LYS A 230 34.84 -31.98 -5.90
CA LYS A 230 34.17 -30.76 -6.33
C LYS A 230 32.67 -31.02 -6.28
N TRP A 231 32.02 -30.42 -5.30
CA TRP A 231 30.60 -30.66 -5.03
C TRP A 231 29.88 -29.33 -4.96
N THR A 232 28.74 -29.24 -5.62
CA THR A 232 27.88 -28.06 -5.59
C THR A 232 26.45 -28.52 -5.38
N HIS A 233 25.64 -27.65 -4.79
CA HIS A 233 24.26 -28.03 -4.49
C HIS A 233 23.42 -28.22 -5.75
N GLU A 234 23.87 -27.72 -6.90
CA GLU A 234 23.13 -27.99 -8.14
C GLU A 234 23.33 -29.43 -8.59
N GLN A 235 24.54 -29.96 -8.44
CA GLN A 235 24.76 -31.38 -8.71
C GLN A 235 23.95 -32.24 -7.76
N GLY A 236 23.92 -31.86 -6.49
CA GLY A 236 23.06 -32.56 -5.55
C GLY A 236 21.60 -32.45 -5.90
N SER A 237 21.19 -31.33 -6.47
CA SER A 237 19.82 -31.18 -6.92
C SER A 237 19.52 -32.14 -8.07
N VAL A 238 20.43 -32.23 -9.03
CA VAL A 238 20.25 -33.17 -10.14
C VAL A 238 20.16 -34.60 -9.60
N MET A 239 21.08 -34.96 -8.71
CA MET A 239 21.10 -36.33 -8.17
C MET A 239 19.85 -36.63 -7.36
N MET A 240 19.41 -35.68 -6.53
CA MET A 240 18.23 -35.89 -5.72
C MET A 240 16.98 -35.96 -6.58
N PHE A 241 16.92 -35.20 -7.68
CA PHE A 241 15.76 -35.27 -8.56
C PHE A 241 15.72 -36.60 -9.31
N GLU A 242 16.87 -37.10 -9.73
CA GLU A 242 16.89 -38.42 -10.35
C GLU A 242 16.44 -39.49 -9.36
N HIS A 243 16.92 -39.39 -8.11
CA HIS A 243 16.50 -40.32 -7.07
C HIS A 243 15.01 -40.18 -6.76
N LEU A 244 14.47 -38.96 -6.87
CA LEU A 244 13.06 -38.74 -6.55
C LEU A 244 12.16 -39.30 -7.63
N ILE A 245 12.57 -39.19 -8.90
CA ILE A 245 11.76 -39.74 -9.98
C ILE A 245 11.93 -41.25 -10.09
N ASN A 246 13.05 -41.79 -9.60
CA ASN A 246 13.22 -43.24 -9.60
C ASN A 246 12.49 -43.89 -8.44
N SER A 247 12.70 -43.37 -7.23
CA SER A 247 12.13 -43.99 -6.03
C SER A 247 10.62 -43.93 -6.03
N ASN A 248 10.06 -42.80 -6.46
CA ASN A 248 8.65 -42.54 -6.27
C ASN A 248 7.79 -42.91 -7.49
N GLY A 249 8.39 -43.42 -8.54
CA GLY A 249 7.63 -43.82 -9.71
C GLY A 249 6.91 -42.68 -10.40
N ILE A 250 7.53 -41.50 -10.44
CA ILE A 250 6.92 -40.34 -11.08
C ILE A 250 6.81 -40.53 -12.59
N LYS A 251 7.72 -41.32 -13.17
CA LYS A 251 7.79 -41.42 -14.63
C LYS A 251 6.47 -41.84 -15.29
N PRO A 252 5.74 -42.84 -14.80
CA PRO A 252 4.43 -43.11 -15.41
C PRO A 252 3.49 -41.92 -15.37
N VAL A 253 3.51 -41.15 -14.29
CA VAL A 253 2.66 -39.96 -14.19
C VAL A 253 3.11 -38.89 -15.19
N MET A 254 4.42 -38.74 -15.35
CA MET A 254 4.95 -37.81 -16.36
C MET A 254 4.55 -38.24 -17.77
N GLU A 255 4.51 -39.56 -18.00
CA GLU A 255 3.96 -40.05 -19.26
C GLU A 255 2.50 -39.65 -19.39
N GLN A 256 1.74 -39.74 -18.31
CA GLN A 256 0.31 -39.45 -18.35
C GLN A 256 0.03 -38.01 -18.72
N TYR A 257 0.83 -37.08 -18.21
CA TYR A 257 0.56 -35.65 -18.35
C TYR A 257 1.33 -35.01 -19.49
N GLY A 258 1.55 -35.74 -20.58
CA GLY A 258 2.07 -35.17 -21.79
C GLY A 258 3.58 -35.11 -21.88
N LEU A 259 4.28 -35.25 -20.76
CA LEU A 259 5.73 -35.17 -20.80
C LEU A 259 6.33 -36.43 -21.41
N ILE A 260 7.54 -36.28 -21.93
CA ILE A 260 8.34 -37.41 -22.41
C ILE A 260 9.61 -37.44 -21.58
N PRO A 261 9.74 -38.38 -20.64
CA PRO A 261 10.86 -38.30 -19.68
C PRO A 261 12.22 -38.28 -20.33
N GLU A 262 12.41 -39.03 -21.42
CA GLU A 262 13.73 -39.12 -22.05
C GLU A 262 14.25 -37.76 -22.50
N GLU A 263 13.36 -36.81 -22.76
CA GLU A 263 13.75 -35.44 -23.10
C GLU A 263 13.51 -34.46 -21.96
N ASP A 264 12.35 -34.56 -21.31
CA ASP A 264 11.97 -33.59 -20.29
C ASP A 264 12.85 -33.69 -19.06
N ILE A 265 13.25 -34.90 -18.66
CA ILE A 265 14.08 -35.04 -17.48
C ILE A 265 15.47 -34.46 -17.74
N CYS A 266 16.02 -34.70 -18.93
CA CYS A 266 17.29 -34.08 -19.28
C CYS A 266 17.17 -32.57 -19.32
N PHE A 267 16.06 -32.06 -19.85
CA PHE A 267 15.84 -30.61 -19.89
C PHE A 267 15.75 -30.02 -18.48
N ILE A 268 15.05 -30.70 -17.56
CA ILE A 268 14.96 -30.23 -16.18
C ILE A 268 16.32 -30.24 -15.52
N LYS A 269 17.08 -31.31 -15.70
CA LYS A 269 18.42 -31.35 -15.13
C LYS A 269 19.29 -30.22 -15.67
N GLU A 270 19.20 -29.96 -16.98
CA GLU A 270 19.99 -28.90 -17.58
C GLU A 270 19.59 -27.54 -17.03
N GLN A 271 18.28 -27.32 -16.86
CA GLN A 271 17.84 -26.06 -16.27
C GLN A 271 18.37 -25.90 -14.86
N ILE A 272 18.50 -27.00 -14.12
CA ILE A 272 18.99 -26.92 -12.75
C ILE A 272 20.48 -26.61 -12.73
N VAL A 273 21.27 -27.33 -13.52
CA VAL A 273 22.72 -27.23 -13.37
C VAL A 273 23.39 -26.66 -14.62
N GLY A 274 22.81 -26.90 -15.80
CA GLY A 274 23.43 -26.50 -17.03
C GLY A 274 23.58 -27.65 -17.99
N PRO A 275 24.38 -27.46 -19.04
CA PRO A 275 24.56 -28.53 -20.04
C PRO A 275 25.30 -29.71 -19.43
N LEU A 276 24.61 -30.85 -19.34
CA LEU A 276 25.14 -32.00 -18.63
C LEU A 276 26.28 -32.66 -19.39
N GLU A 277 26.29 -32.56 -20.72
CA GLU A 277 27.09 -33.43 -21.57
C GLU A 277 28.40 -32.79 -22.02
N SER A 278 29.04 -31.98 -21.16
CA SER A 278 30.35 -31.41 -21.46
C SER A 278 30.32 -30.68 -22.80
N PRO A 279 29.76 -29.47 -22.83
CA PRO A 279 29.47 -28.81 -24.11
C PRO A 279 30.65 -28.81 -25.07
N VAL A 280 30.34 -29.09 -26.34
CA VAL A 280 31.39 -29.14 -27.36
C VAL A 280 31.97 -27.75 -27.61
N GLU A 281 33.12 -27.73 -28.28
CA GLU A 281 33.89 -26.49 -28.40
C GLU A 281 33.23 -25.49 -29.34
N ASP A 282 32.59 -25.95 -30.42
CA ASP A 282 32.00 -25.05 -31.39
C ASP A 282 30.75 -24.37 -30.81
N SER A 283 30.44 -23.19 -31.34
CA SER A 283 29.33 -22.39 -30.85
C SER A 283 28.01 -22.94 -31.38
N LEU A 284 27.80 -24.22 -31.12
CA LEU A 284 26.54 -24.88 -31.41
C LEU A 284 25.62 -24.77 -30.20
N TRP A 285 24.54 -25.53 -30.20
CA TRP A 285 23.61 -25.53 -29.09
C TRP A 285 24.09 -26.55 -28.07
N PRO A 286 24.54 -26.14 -26.88
CA PRO A 286 25.14 -27.09 -25.93
C PRO A 286 24.13 -27.86 -25.09
N TYR A 287 22.84 -27.59 -25.23
CA TYR A 287 21.81 -28.28 -24.48
C TYR A 287 21.21 -29.37 -25.35
N LYS A 288 21.13 -30.58 -24.80
CA LYS A 288 20.53 -31.70 -25.50
C LYS A 288 19.05 -31.86 -25.20
N GLY A 289 18.50 -31.03 -24.31
CA GLY A 289 17.10 -31.12 -23.98
C GLY A 289 16.21 -30.34 -24.93
N ARG A 290 16.46 -29.04 -25.07
CA ARG A 290 15.62 -28.23 -25.94
C ARG A 290 16.38 -27.76 -27.16
N PRO A 291 15.75 -27.80 -28.34
CA PRO A 291 16.34 -27.17 -29.51
C PRO A 291 16.41 -25.67 -29.34
N GLU A 292 17.38 -25.06 -30.03
CA GLU A 292 17.73 -23.67 -29.78
C GLU A 292 16.57 -22.72 -29.98
N ASN A 293 15.54 -23.13 -30.73
CA ASN A 293 14.44 -22.20 -30.91
C ASN A 293 13.63 -21.99 -29.65
N LYS A 294 14.10 -22.53 -28.52
CA LYS A 294 13.52 -22.27 -27.22
C LYS A 294 14.59 -21.82 -26.24
N SER A 295 15.63 -21.14 -26.74
CA SER A 295 16.76 -20.74 -25.91
C SER A 295 16.37 -19.85 -24.75
N PHE A 296 15.21 -19.20 -24.83
CA PHE A 296 14.75 -18.35 -23.73
C PHE A 296 14.35 -19.17 -22.52
N LEU A 297 13.87 -20.40 -22.74
CA LEU A 297 13.36 -21.19 -21.63
C LEU A 297 14.43 -21.52 -20.60
N TYR A 298 15.70 -21.49 -20.98
CA TYR A 298 16.79 -21.72 -20.05
C TYR A 298 17.16 -20.48 -19.25
N GLU A 299 16.33 -19.45 -19.27
CA GLU A 299 16.60 -18.24 -18.54
C GLU A 299 15.65 -18.01 -17.38
N ILE A 300 14.66 -18.88 -17.19
CA ILE A 300 13.66 -18.65 -16.17
C ILE A 300 14.19 -19.03 -14.79
N VAL A 301 14.55 -20.30 -14.61
CA VAL A 301 14.85 -20.80 -13.27
C VAL A 301 16.18 -20.22 -12.77
N SER A 302 17.27 -20.54 -13.46
CA SER A 302 18.60 -20.07 -13.06
C SER A 302 19.24 -19.38 -14.26
N ASN A 303 19.76 -18.18 -14.03
CA ASN A 303 20.35 -17.39 -15.09
C ASN A 303 21.72 -16.91 -14.65
N LYS A 304 22.70 -17.02 -15.53
CA LYS A 304 24.05 -16.52 -15.27
C LYS A 304 24.44 -15.32 -16.11
N ARG A 305 23.81 -15.14 -17.27
CA ARG A 305 24.18 -14.03 -18.14
C ARG A 305 23.87 -12.68 -17.50
N ASN A 306 22.68 -12.54 -16.90
CA ASN A 306 22.27 -11.27 -16.32
C ASN A 306 21.75 -11.37 -14.89
N GLY A 307 21.37 -12.55 -14.42
CA GLY A 307 20.90 -12.68 -13.06
C GLY A 307 19.46 -12.33 -12.82
N ILE A 308 18.63 -12.34 -13.86
CA ILE A 308 17.20 -12.13 -13.72
C ILE A 308 16.56 -13.51 -13.75
N ASP A 309 16.46 -14.12 -12.56
CA ASP A 309 15.91 -15.46 -12.41
C ASP A 309 14.93 -15.45 -11.24
N VAL A 310 13.88 -16.26 -11.37
CA VAL A 310 12.80 -16.27 -10.39
C VAL A 310 13.31 -16.71 -9.03
N ASP A 311 14.37 -17.52 -9.00
CA ASP A 311 14.96 -17.93 -7.74
C ASP A 311 15.41 -16.70 -6.94
N LYS A 312 16.13 -15.79 -7.59
CA LYS A 312 16.60 -14.59 -6.92
C LYS A 312 15.44 -13.71 -6.45
N TRP A 313 14.40 -13.56 -7.29
CA TRP A 313 13.25 -12.78 -6.87
C TRP A 313 12.64 -13.35 -5.60
N ASP A 314 12.39 -14.66 -5.61
CA ASP A 314 11.70 -15.28 -4.48
C ASP A 314 12.52 -15.15 -3.21
N TYR A 315 13.81 -15.46 -3.28
CA TYR A 315 14.55 -15.44 -2.03
C TYR A 315 14.90 -14.03 -1.59
N PHE A 316 14.99 -13.06 -2.50
CA PHE A 316 15.10 -11.66 -2.07
C PHE A 316 13.86 -11.22 -1.31
N ALA A 317 12.68 -11.49 -1.87
CA ALA A 317 11.45 -11.10 -1.19
C ALA A 317 11.32 -11.80 0.14
N ARG A 318 11.62 -13.10 0.19
CA ARG A 318 11.46 -13.84 1.43
C ARG A 318 12.45 -13.39 2.50
N ASP A 319 13.71 -13.14 2.12
CA ASP A 319 14.69 -12.67 3.09
C ASP A 319 14.33 -11.29 3.60
N CYS A 320 13.81 -10.42 2.73
CA CYS A 320 13.41 -9.10 3.21
C CYS A 320 12.20 -9.21 4.13
N HIS A 321 11.28 -10.14 3.85
CA HIS A 321 10.14 -10.32 4.72
C HIS A 321 10.55 -10.81 6.09
N HIS A 322 11.51 -11.74 6.14
CA HIS A 322 11.90 -12.35 7.41
C HIS A 322 12.99 -11.59 8.15
N LEU A 323 13.65 -10.63 7.51
CA LEU A 323 14.72 -9.89 8.15
C LEU A 323 14.30 -8.48 8.56
N GLY A 324 13.11 -8.05 8.17
CA GLY A 324 12.65 -6.70 8.44
C GLY A 324 13.07 -5.68 7.40
N ILE A 325 14.00 -6.01 6.52
CA ILE A 325 14.39 -5.08 5.47
C ILE A 325 13.18 -4.80 4.58
N GLN A 326 13.21 -3.66 3.91
CA GLN A 326 12.11 -3.21 3.08
C GLN A 326 12.41 -3.51 1.62
N ASN A 327 11.58 -4.34 1.00
CA ASN A 327 11.76 -4.74 -0.38
C ASN A 327 11.03 -3.75 -1.28
N ASN A 328 11.78 -3.09 -2.16
CA ASN A 328 11.18 -2.14 -3.09
C ASN A 328 10.86 -2.77 -4.44
N PHE A 329 11.64 -3.76 -4.85
CA PHE A 329 11.39 -4.44 -6.12
C PHE A 329 10.03 -5.11 -6.11
N ASP A 330 9.36 -5.09 -7.26
CA ASP A 330 8.06 -5.72 -7.43
C ASP A 330 8.14 -6.60 -8.67
N TYR A 331 8.26 -7.91 -8.46
CA TYR A 331 8.46 -8.83 -9.57
C TYR A 331 7.25 -8.88 -10.50
N LYS A 332 6.06 -8.56 -10.00
CA LYS A 332 4.87 -8.66 -10.83
C LYS A 332 4.94 -7.68 -12.01
N ARG A 333 5.44 -6.47 -11.75
CA ARG A 333 5.59 -5.48 -12.80
C ARG A 333 6.58 -5.99 -13.86
N PHE A 334 7.66 -6.62 -13.42
CA PHE A 334 8.62 -7.20 -14.38
C PHE A 334 7.97 -8.31 -15.20
N ILE A 335 7.21 -9.19 -14.56
CA ILE A 335 6.62 -10.32 -15.25
C ILE A 335 5.62 -9.85 -16.30
N LYS A 336 4.93 -8.77 -16.00
CA LYS A 336 4.01 -8.20 -16.98
C LYS A 336 4.81 -7.68 -18.16
N PHE A 337 5.88 -6.94 -17.87
CA PHE A 337 6.70 -6.36 -18.93
C PHE A 337 7.62 -7.40 -19.56
N ALA A 338 7.81 -8.53 -18.90
CA ALA A 338 8.72 -9.55 -19.41
C ALA A 338 8.29 -9.98 -20.80
N ARG A 339 9.25 -10.04 -21.72
CA ARG A 339 8.95 -10.45 -23.08
C ARG A 339 10.17 -11.06 -23.74
N VAL A 340 9.96 -11.98 -24.68
CA VAL A 340 11.08 -12.62 -25.36
C VAL A 340 11.50 -11.81 -26.58
N CYS A 341 12.74 -11.34 -26.58
CA CYS A 341 13.24 -10.54 -27.69
C CYS A 341 14.50 -11.15 -28.29
N GLU A 342 14.83 -10.76 -29.51
CA GLU A 342 16.00 -11.34 -30.18
C GLU A 342 17.26 -10.52 -29.96
N VAL A 343 18.24 -11.10 -29.29
CA VAL A 343 19.51 -10.41 -29.06
C VAL A 343 20.63 -11.33 -29.55
N ASP A 344 21.52 -10.78 -30.38
CA ASP A 344 22.65 -11.53 -30.91
C ASP A 344 22.21 -12.82 -31.58
N ASN A 345 21.11 -12.73 -32.33
CA ASN A 345 20.54 -13.84 -33.08
C ASN A 345 20.06 -14.98 -32.19
N GLU A 346 19.82 -14.71 -30.90
CA GLU A 346 19.27 -15.71 -29.99
C GLU A 346 18.09 -15.11 -29.23
N LEU A 347 17.04 -15.90 -29.08
CA LEU A 347 15.87 -15.45 -28.35
C LEU A 347 16.20 -15.36 -26.86
N ARG A 348 15.83 -14.24 -26.25
CA ARG A 348 16.06 -14.02 -24.83
C ARG A 348 14.86 -13.30 -24.24
N ILE A 349 14.85 -13.19 -22.92
CA ILE A 349 13.79 -12.51 -22.19
C ILE A 349 14.29 -11.13 -21.82
N CYS A 350 13.50 -10.10 -22.12
CA CYS A 350 13.87 -8.71 -21.88
C CYS A 350 12.76 -8.07 -21.06
N ALA A 351 12.92 -6.78 -20.77
CA ALA A 351 11.91 -6.04 -20.02
C ALA A 351 11.63 -4.72 -20.71
N ARG A 352 10.47 -4.15 -20.41
CA ARG A 352 10.15 -2.82 -20.90
C ARG A 352 11.11 -1.81 -20.30
N ASP A 353 11.38 -0.75 -21.06
CA ASP A 353 12.31 0.28 -20.61
C ASP A 353 11.80 1.02 -19.39
N LYS A 354 10.50 0.95 -19.09
CA LYS A 354 9.98 1.61 -17.91
C LYS A 354 10.54 1.00 -16.63
N GLU A 355 10.65 -0.32 -16.57
CA GLU A 355 11.01 -1.01 -15.34
C GLU A 355 12.50 -0.94 -15.01
N VAL A 356 13.27 -0.09 -15.68
CA VAL A 356 14.70 -0.03 -15.39
C VAL A 356 14.94 0.43 -13.95
N GLY A 357 14.13 1.38 -13.47
CA GLY A 357 14.24 1.77 -12.09
C GLY A 357 13.87 0.65 -11.15
N ASN A 358 12.91 -0.18 -11.55
CA ASN A 358 12.55 -1.34 -10.74
C ASN A 358 13.73 -2.28 -10.65
N LEU A 359 14.46 -2.45 -11.74
CA LEU A 359 15.63 -3.31 -11.67
C LEU A 359 16.68 -2.70 -10.77
N TYR A 360 16.81 -1.38 -10.80
CA TYR A 360 17.73 -0.75 -9.86
C TYR A 360 17.32 -1.05 -8.43
N ASP A 361 16.01 -1.00 -8.15
CA ASP A 361 15.57 -1.35 -6.81
C ASP A 361 15.90 -2.78 -6.48
N MET A 362 15.70 -3.70 -7.43
CA MET A 362 16.02 -5.08 -7.15
C MET A 362 17.48 -5.24 -6.81
N PHE A 363 18.35 -4.58 -7.57
CA PHE A 363 19.77 -4.76 -7.27
C PHE A 363 20.16 -4.02 -6.01
N HIS A 364 19.46 -2.93 -5.68
CA HIS A 364 19.72 -2.32 -4.39
C HIS A 364 19.33 -3.28 -3.28
N THR A 365 18.20 -3.96 -3.43
CA THR A 365 17.82 -4.96 -2.44
C THR A 365 18.85 -6.06 -2.37
N ARG A 366 19.37 -6.49 -3.52
CA ARG A 366 20.40 -7.50 -3.50
C ARG A 366 21.59 -7.04 -2.67
N ASN A 367 22.06 -5.83 -2.92
CA ASN A 367 23.23 -5.38 -2.19
C ASN A 367 22.95 -5.28 -0.70
N SER A 368 21.74 -4.84 -0.33
CA SER A 368 21.43 -4.75 1.09
C SER A 368 21.44 -6.13 1.72
N LEU A 369 20.82 -7.10 1.05
CA LEU A 369 20.78 -8.44 1.63
C LEU A 369 22.19 -8.99 1.75
N HIS A 370 23.06 -8.67 0.81
CA HIS A 370 24.42 -9.17 0.92
C HIS A 370 25.20 -8.45 2.01
N ARG A 371 25.09 -7.13 2.09
CA ARG A 371 25.94 -6.45 3.06
C ARG A 371 25.40 -6.51 4.47
N ARG A 372 24.15 -6.88 4.68
CA ARG A 372 23.61 -6.96 6.02
C ARG A 372 23.37 -8.39 6.50
N ALA A 373 22.82 -9.25 5.65
CA ALA A 373 22.50 -10.61 6.05
C ALA A 373 23.60 -11.61 5.70
N TYR A 374 23.92 -11.74 4.42
CA TYR A 374 24.78 -12.83 3.97
C TYR A 374 26.25 -12.61 4.30
N GLN A 375 26.65 -11.41 4.69
CA GLN A 375 28.03 -11.12 5.04
C GLN A 375 28.13 -10.63 6.47
N HIS A 376 27.18 -11.04 7.31
CA HIS A 376 27.14 -10.61 8.69
C HIS A 376 28.45 -10.94 9.40
N LYS A 377 28.92 -10.03 10.23
CA LYS A 377 30.17 -10.25 10.94
C LYS A 377 30.08 -11.47 11.84
N VAL A 378 28.99 -11.59 12.60
CA VAL A 378 28.86 -12.67 13.57
C VAL A 378 28.09 -13.87 13.03
N GLY A 379 27.26 -13.68 12.00
CA GLY A 379 26.63 -14.82 11.37
C GLY A 379 27.60 -15.71 10.63
N ASN A 380 28.79 -15.19 10.33
CA ASN A 380 29.84 -16.01 9.76
C ASN A 380 30.71 -16.64 10.83
N ILE A 381 30.89 -15.98 11.96
CA ILE A 381 31.60 -16.63 13.07
C ILE A 381 30.80 -17.84 13.53
N ILE A 382 29.48 -17.70 13.65
CA ILE A 382 28.66 -18.83 14.06
C ILE A 382 28.70 -19.95 13.02
N ASP A 383 28.70 -19.59 11.74
CA ASP A 383 28.85 -20.61 10.70
C ASP A 383 30.18 -21.34 10.82
N THR A 384 31.25 -20.61 11.12
CA THR A 384 32.54 -21.23 11.30
C THR A 384 32.52 -22.21 12.47
N MET A 385 31.89 -21.81 13.57
CA MET A 385 31.80 -22.69 14.73
C MET A 385 31.01 -23.95 14.40
N ILE A 386 29.89 -23.80 13.69
CA ILE A 386 29.09 -24.98 13.31
C ILE A 386 29.89 -25.88 12.39
N THR A 387 30.63 -25.29 11.45
CA THR A 387 31.46 -26.07 10.54
C THR A 387 32.53 -26.85 11.29
N ASP A 388 33.17 -26.20 12.27
CA ASP A 388 34.19 -26.89 13.06
C ASP A 388 33.57 -28.02 13.86
N ALA A 389 32.38 -27.80 14.41
CA ALA A 389 31.69 -28.86 15.13
C ALA A 389 31.40 -30.04 14.24
N PHE A 390 30.93 -29.79 13.01
CA PHE A 390 30.70 -30.89 12.08
C PHE A 390 31.99 -31.60 11.72
N LEU A 391 33.08 -30.85 11.54
CA LEU A 391 34.35 -31.47 11.22
C LEU A 391 34.79 -32.43 12.32
N LYS A 392 34.77 -31.96 13.56
CA LYS A 392 35.21 -32.83 14.65
C LYS A 392 34.30 -34.04 14.80
N ALA A 393 33.03 -33.90 14.44
CA ALA A 393 32.07 -35.00 14.53
C ALA A 393 31.93 -35.76 13.22
N ASP A 394 32.70 -35.41 12.20
CA ASP A 394 32.54 -36.07 10.90
C ASP A 394 32.87 -37.56 10.99
N ASP A 395 33.73 -37.95 11.92
CA ASP A 395 34.21 -39.32 12.01
C ASP A 395 33.45 -40.17 13.02
N TYR A 396 32.41 -39.64 13.64
CA TYR A 396 31.67 -40.40 14.65
C TYR A 396 30.16 -40.29 14.48
N ILE A 397 29.69 -39.91 13.31
CA ILE A 397 28.26 -39.81 13.03
C ILE A 397 27.98 -40.69 11.82
N GLU A 398 27.62 -41.95 12.06
CA GLU A 398 27.32 -42.86 10.98
C GLU A 398 25.92 -42.61 10.44
N ILE A 399 25.81 -42.49 9.13
CA ILE A 399 24.54 -42.31 8.45
C ILE A 399 24.36 -43.47 7.48
N THR A 400 23.21 -44.12 7.55
CA THR A 400 22.99 -45.30 6.74
C THR A 400 22.56 -44.91 5.33
N GLY A 401 22.96 -45.71 4.35
CA GLY A 401 22.60 -45.47 2.97
C GLY A 401 21.77 -46.57 2.36
N ALA A 402 21.91 -46.79 1.06
CA ALA A 402 21.20 -47.87 0.39
C ALA A 402 21.95 -49.17 0.58
N GLY A 403 21.23 -50.20 1.03
CA GLY A 403 21.88 -51.45 1.34
C GLY A 403 22.61 -51.47 2.66
N GLY A 404 22.31 -50.56 3.56
CA GLY A 404 22.91 -50.57 4.88
C GLY A 404 24.29 -49.98 4.98
N LYS A 405 24.81 -49.39 3.90
CA LYS A 405 26.16 -48.86 3.91
C LYS A 405 26.22 -47.59 4.74
N LYS A 406 27.03 -47.60 5.80
CA LYS A 406 27.12 -46.46 6.70
C LYS A 406 28.01 -45.40 6.07
N TYR A 407 27.42 -44.26 5.71
CA TYR A 407 28.18 -43.11 5.23
C TYR A 407 28.31 -42.09 6.35
N ARG A 408 29.37 -41.30 6.31
CA ARG A 408 29.55 -40.24 7.29
C ARG A 408 28.94 -38.96 6.74
N ILE A 409 29.12 -37.85 7.46
CA ILE A 409 28.53 -36.59 7.03
C ILE A 409 29.10 -36.17 5.69
N SER A 410 30.41 -36.28 5.52
CA SER A 410 31.06 -35.77 4.31
C SER A 410 30.81 -36.69 3.12
N THR A 411 30.85 -38.01 3.33
CA THR A 411 30.64 -38.93 2.22
C THR A 411 29.17 -39.16 1.92
N ALA A 412 28.26 -38.60 2.71
CA ALA A 412 26.84 -38.79 2.46
C ALA A 412 26.41 -38.16 1.15
N ILE A 413 27.22 -37.25 0.59
CA ILE A 413 26.93 -36.70 -0.73
C ILE A 413 27.16 -37.71 -1.84
N ASP A 414 27.74 -38.86 -1.52
CA ASP A 414 27.97 -39.91 -2.50
C ASP A 414 26.83 -40.91 -2.56
N ASP A 415 25.75 -40.68 -1.82
CA ASP A 415 24.57 -41.53 -1.88
C ASP A 415 23.36 -40.70 -1.50
N MET A 416 22.27 -40.90 -2.24
CA MET A 416 21.08 -40.09 -2.01
C MET A 416 20.09 -40.73 -1.05
N GLU A 417 20.34 -41.97 -0.62
CA GLU A 417 19.56 -42.50 0.48
C GLU A 417 20.13 -42.07 1.82
N ALA A 418 21.42 -41.76 1.88
CA ALA A 418 22.01 -41.23 3.09
C ALA A 418 22.07 -39.71 3.11
N TYR A 419 22.05 -39.07 1.94
CA TYR A 419 21.96 -37.61 1.90
C TYR A 419 20.54 -37.15 2.19
N THR A 420 19.55 -37.98 1.90
CA THR A 420 18.17 -37.65 2.24
C THR A 420 17.99 -37.60 3.74
N LYS A 421 18.70 -38.46 4.48
CA LYS A 421 18.62 -38.52 5.92
C LYS A 421 19.59 -37.55 6.60
N LEU A 422 20.02 -36.51 5.89
CA LEU A 422 21.04 -35.58 6.36
C LEU A 422 20.46 -34.18 6.27
N THR A 423 20.07 -33.61 7.40
CA THR A 423 19.33 -32.35 7.44
C THR A 423 19.91 -31.51 8.57
N ASP A 424 19.18 -30.48 8.98
CA ASP A 424 19.66 -29.63 10.07
C ASP A 424 19.68 -30.34 11.41
N ASN A 425 18.92 -31.43 11.58
CA ASN A 425 18.89 -32.13 12.86
C ASN A 425 20.27 -32.60 13.29
N ILE A 426 21.19 -32.79 12.35
CA ILE A 426 22.55 -33.17 12.68
C ILE A 426 23.13 -32.22 13.70
N PHE A 427 22.89 -30.92 13.52
CA PHE A 427 23.27 -29.94 14.52
C PHE A 427 22.88 -30.41 15.91
N LEU A 428 21.58 -30.58 16.14
CA LEU A 428 21.11 -31.02 17.44
C LEU A 428 21.59 -32.41 17.77
N GLU A 429 21.76 -33.25 16.76
CA GLU A 429 22.27 -34.60 17.00
C GLU A 429 23.66 -34.59 17.60
N ILE A 430 24.41 -33.52 17.41
CA ILE A 430 25.69 -33.38 18.09
C ILE A 430 25.52 -32.66 19.42
N LEU A 431 24.54 -31.76 19.51
CA LEU A 431 24.34 -31.01 20.75
C LEU A 431 23.84 -31.91 21.87
N TYR A 432 22.99 -32.88 21.54
CA TYR A 432 22.40 -33.77 22.52
C TYR A 432 23.18 -35.05 22.72
N SER A 433 24.39 -35.13 22.18
CA SER A 433 25.16 -36.37 22.23
C SER A 433 25.54 -36.71 23.67
N THR A 434 25.32 -37.97 24.05
CA THR A 434 25.89 -38.53 25.26
C THR A 434 27.16 -39.32 24.99
N ASP A 435 27.60 -39.37 23.74
CA ASP A 435 28.78 -40.14 23.36
C ASP A 435 30.04 -39.39 23.76
N PRO A 436 31.00 -40.06 24.41
CA PRO A 436 32.28 -39.39 24.70
C PRO A 436 33.04 -38.99 23.45
N LYS A 437 32.93 -39.75 22.36
CA LYS A 437 33.70 -39.44 21.16
C LYS A 437 33.34 -38.08 20.59
N LEU A 438 32.10 -37.66 20.77
CA LEU A 438 31.64 -36.36 20.29
C LEU A 438 31.84 -35.26 21.30
N LYS A 439 32.50 -35.54 22.43
CA LYS A 439 32.60 -34.57 23.49
C LYS A 439 33.13 -33.24 22.99
N ASP A 440 34.17 -33.27 22.15
CA ASP A 440 34.68 -32.02 21.60
C ASP A 440 33.64 -31.32 20.74
N ALA A 441 33.06 -32.04 19.78
CA ALA A 441 32.14 -31.41 18.85
C ALA A 441 30.94 -30.83 19.57
N ARG A 442 30.28 -31.65 20.40
CA ARG A 442 29.19 -31.12 21.23
C ARG A 442 29.64 -29.90 21.99
N GLU A 443 30.85 -29.93 22.56
CA GLU A 443 31.35 -28.79 23.32
C GLU A 443 31.27 -27.52 22.51
N ILE A 444 31.69 -27.57 21.24
CA ILE A 444 31.66 -26.38 20.41
C ILE A 444 30.25 -25.85 20.29
N LEU A 445 29.29 -26.74 20.06
CA LEU A 445 27.90 -26.31 19.97
C LEU A 445 27.45 -25.66 21.26
N LYS A 446 27.91 -26.20 22.40
CA LYS A 446 27.54 -25.58 23.67
C LYS A 446 28.07 -24.16 23.75
N GLN A 447 29.28 -23.93 23.21
CA GLN A 447 29.86 -22.60 23.32
C GLN A 447 29.01 -21.58 22.56
N ILE A 448 28.00 -22.06 21.83
CA ILE A 448 27.12 -21.20 21.07
C ILE A 448 25.85 -20.92 21.85
N GLU A 449 25.32 -21.94 22.53
CA GLU A 449 24.17 -21.73 23.41
C GLU A 449 24.49 -20.70 24.48
N TYR A 450 25.66 -20.81 25.11
CA TYR A 450 26.12 -19.79 26.04
C TYR A 450 26.45 -18.49 25.35
N ARG A 451 26.49 -18.47 24.02
CA ARG A 451 26.94 -17.31 23.24
C ARG A 451 28.35 -16.91 23.66
N ASN A 452 29.27 -17.84 23.44
CA ASN A 452 30.68 -17.63 23.76
C ASN A 452 31.52 -17.74 22.49
N LEU A 453 31.08 -17.06 21.43
CA LEU A 453 31.60 -17.26 20.10
C LEU A 453 33.05 -16.80 19.98
N PHE A 454 33.65 -17.10 18.82
CA PHE A 454 34.98 -16.58 18.50
C PHE A 454 34.92 -15.09 18.25
N LYS A 455 35.97 -14.37 18.64
CA LYS A 455 36.02 -12.94 18.45
C LYS A 455 36.62 -12.61 17.09
N TYR A 456 36.18 -11.49 16.52
CA TYR A 456 36.70 -11.05 15.24
C TYR A 456 38.08 -10.42 15.41
N VAL A 457 38.90 -10.55 14.36
CA VAL A 457 40.24 -9.98 14.33
C VAL A 457 40.38 -8.93 13.23
N GLY A 458 40.01 -9.28 12.02
CA GLY A 458 40.09 -8.33 10.92
C GLY A 458 39.63 -8.96 9.63
N GLU A 459 39.53 -8.11 8.60
CA GLU A 459 39.09 -8.49 7.28
C GLU A 459 40.04 -7.92 6.24
N THR A 460 40.12 -8.60 5.09
CA THR A 460 40.99 -8.19 4.00
C THR A 460 40.35 -8.61 2.68
N GLN A 461 40.84 -8.02 1.60
CA GLN A 461 40.33 -8.31 0.27
C GLN A 461 41.46 -8.69 -0.66
N PRO A 462 41.17 -9.49 -1.69
CA PRO A 462 42.23 -9.89 -2.62
C PRO A 462 42.52 -8.80 -3.64
N THR A 463 43.81 -8.65 -3.95
CA THR A 463 44.28 -7.64 -4.90
C THR A 463 44.68 -8.34 -6.20
N GLY A 464 44.16 -7.84 -7.31
CA GLY A 464 44.46 -8.42 -8.61
C GLY A 464 43.44 -9.48 -8.98
N GLN A 465 43.92 -10.64 -9.43
CA GLN A 465 43.06 -11.73 -9.82
C GLN A 465 43.40 -13.06 -9.14
N ILE A 466 44.42 -13.09 -8.28
CA ILE A 466 44.81 -14.32 -7.58
C ILE A 466 43.81 -14.51 -6.45
N LYS A 467 42.79 -15.33 -6.68
CA LYS A 467 41.71 -15.54 -5.72
C LYS A 467 41.83 -16.94 -5.11
N ILE A 468 41.76 -17.01 -3.79
CA ILE A 468 41.83 -18.30 -3.10
C ILE A 468 40.57 -19.11 -3.40
N LYS A 469 40.76 -20.40 -3.65
CA LYS A 469 39.67 -21.29 -4.02
C LYS A 469 39.27 -22.18 -2.84
N ARG A 470 38.17 -22.91 -3.03
CA ARG A 470 37.72 -23.83 -1.99
C ARG A 470 38.69 -24.98 -1.79
N GLU A 471 39.34 -25.43 -2.86
CA GLU A 471 40.32 -26.50 -2.75
C GLU A 471 41.49 -26.13 -1.84
N ASP A 472 41.78 -24.84 -1.69
CA ASP A 472 42.81 -24.38 -0.78
C ASP A 472 42.27 -23.94 0.58
N TYR A 473 40.95 -24.05 0.78
CA TYR A 473 40.37 -23.58 2.04
C TYR A 473 40.96 -24.31 3.24
N GLU A 474 41.08 -25.64 3.14
CA GLU A 474 41.66 -26.41 4.24
C GLU A 474 43.10 -26.04 4.51
N SER A 475 43.77 -25.38 3.56
CA SER A 475 45.13 -24.91 3.74
C SER A 475 45.22 -23.46 4.21
N LEU A 476 44.09 -22.74 4.22
CA LEU A 476 44.14 -21.32 4.55
C LEU A 476 44.62 -21.04 5.97
N PRO A 477 44.08 -21.67 7.01
CA PRO A 477 44.53 -21.32 8.37
C PRO A 477 46.01 -21.60 8.63
N LYS A 478 46.56 -22.66 8.04
CA LYS A 478 47.94 -23.02 8.33
C LYS A 478 48.91 -21.90 7.93
N GLU A 479 48.67 -21.29 6.77
CA GLU A 479 49.49 -20.14 6.39
C GLU A 479 49.36 -19.02 7.41
N VAL A 480 48.14 -18.76 7.88
CA VAL A 480 47.95 -17.80 8.95
C VAL A 480 48.68 -18.26 10.20
N ALA A 481 48.73 -19.57 10.42
CA ALA A 481 49.56 -20.10 11.49
C ALA A 481 51.03 -19.79 11.25
N SER A 482 51.49 -19.93 10.00
CA SER A 482 52.88 -19.63 9.69
C SER A 482 53.17 -18.14 9.81
N ALA A 483 52.13 -17.30 9.81
CA ALA A 483 52.31 -15.86 9.93
C ALA A 483 52.56 -15.50 11.39
N LYS A 484 53.78 -15.12 11.72
CA LYS A 484 54.17 -14.70 13.06
C LYS A 484 54.67 -13.26 12.97
N PRO A 485 54.12 -12.33 13.75
CA PRO A 485 54.54 -10.93 13.64
C PRO A 485 56.01 -10.77 14.03
N LYS A 486 56.63 -9.73 13.46
CA LYS A 486 58.04 -9.45 13.68
C LYS A 486 58.32 -8.81 15.03
N VAL A 487 57.37 -8.84 15.95
CA VAL A 487 57.54 -8.30 17.29
C VAL A 487 57.18 -9.39 18.30
N LEU A 488 57.50 -9.13 19.56
CA LEU A 488 57.22 -10.08 20.62
C LEU A 488 55.73 -10.33 20.75
N LEU A 489 55.36 -11.59 20.98
CA LEU A 489 53.97 -12.00 21.12
C LEU A 489 53.80 -12.69 22.46
N ASP A 490 52.84 -12.20 23.26
CA ASP A 490 52.58 -12.81 24.56
C ASP A 490 52.06 -14.23 24.40
N VAL A 491 51.17 -14.45 23.45
CA VAL A 491 50.58 -15.75 23.18
C VAL A 491 50.95 -16.18 21.77
N LYS A 492 51.44 -17.40 21.64
CA LYS A 492 51.78 -17.98 20.34
C LYS A 492 50.65 -18.90 19.95
N LEU A 493 49.70 -18.37 19.18
CA LEU A 493 48.53 -19.14 18.80
C LEU A 493 48.91 -20.27 17.85
N LYS A 494 48.42 -21.47 18.13
CA LYS A 494 48.74 -22.64 17.32
C LYS A 494 48.03 -22.56 15.97
N ALA A 495 48.21 -23.61 15.17
CA ALA A 495 47.58 -23.63 13.85
C ALA A 495 46.06 -23.61 13.95
N GLU A 496 45.50 -24.41 14.87
CA GLU A 496 44.06 -24.44 15.05
C GLU A 496 43.54 -23.33 15.94
N ASP A 497 44.42 -22.55 16.55
CA ASP A 497 44.00 -21.48 17.44
C ASP A 497 43.45 -20.27 16.70
N PHE A 498 43.53 -20.26 15.37
CA PHE A 498 42.99 -19.18 14.55
C PHE A 498 42.15 -19.78 13.42
N ILE A 499 41.14 -19.03 12.99
CA ILE A 499 40.28 -19.45 11.89
C ILE A 499 40.38 -18.38 10.81
N VAL A 500 40.60 -18.83 9.57
CA VAL A 500 40.65 -17.94 8.42
C VAL A 500 39.53 -18.35 7.50
N ASP A 501 38.50 -17.52 7.40
CA ASP A 501 37.30 -17.83 6.64
C ASP A 501 37.22 -16.94 5.40
N VAL A 502 37.06 -17.56 4.25
CA VAL A 502 36.90 -16.82 3.00
C VAL A 502 35.40 -16.63 2.75
N ILE A 503 35.08 -15.56 2.04
CA ILE A 503 33.70 -15.24 1.69
C ILE A 503 33.70 -14.77 0.25
N ASN A 504 32.82 -15.35 -0.57
CA ASN A 504 32.75 -15.03 -1.98
C ASN A 504 31.77 -13.89 -2.24
N ASN A 513 27.25 -4.64 -13.48
CA ASN A 513 26.38 -3.55 -13.02
C ASN A 513 24.95 -3.81 -13.42
N PRO A 514 24.07 -2.84 -13.17
CA PRO A 514 22.66 -3.03 -13.56
C PRO A 514 22.49 -3.32 -15.04
N ILE A 515 23.26 -2.67 -15.91
CA ILE A 515 23.18 -2.95 -17.35
C ILE A 515 24.19 -4.05 -17.63
N ASP A 516 23.79 -5.28 -17.32
CA ASP A 516 24.55 -6.46 -17.65
C ASP A 516 24.08 -6.93 -19.03
N HIS A 517 24.21 -8.22 -19.32
CA HIS A 517 23.64 -8.77 -20.54
C HIS A 517 22.13 -8.89 -20.38
N VAL A 518 21.49 -7.73 -20.19
CA VAL A 518 20.05 -7.63 -19.97
C VAL A 518 19.47 -6.69 -21.02
N SER A 519 18.53 -7.20 -21.81
CA SER A 519 17.89 -6.39 -22.84
C SER A 519 16.77 -5.55 -22.22
N PHE A 520 16.37 -4.50 -22.96
CA PHE A 520 15.30 -3.60 -22.53
C PHE A 520 14.42 -3.26 -23.73
N TYR A 521 13.28 -3.95 -23.85
CA TYR A 521 12.30 -3.70 -24.91
C TYR A 521 12.05 -2.20 -25.09
N CYS A 522 12.34 -1.70 -26.29
CA CYS A 522 12.32 -0.25 -26.51
C CYS A 522 10.90 0.30 -26.54
N LYS A 523 10.11 -0.13 -27.52
CA LYS A 523 8.80 0.47 -27.78
C LYS A 523 7.89 -0.62 -28.32
N THR A 524 6.80 -0.21 -28.97
CA THR A 524 5.82 -1.15 -29.51
C THR A 524 6.41 -1.83 -30.74
N ALA A 525 7.30 -2.79 -30.47
CA ALA A 525 7.94 -3.61 -31.47
C ALA A 525 8.42 -4.88 -30.78
N PRO A 526 8.12 -6.06 -31.32
CA PRO A 526 8.46 -7.30 -30.60
C PRO A 526 9.94 -7.47 -30.36
N ASN A 527 10.73 -7.59 -31.41
CA ASN A 527 12.18 -7.73 -31.30
C ASN A 527 12.89 -6.40 -31.55
N ARG A 528 12.54 -5.40 -30.75
CA ARG A 528 13.22 -4.11 -30.86
C ARG A 528 14.65 -4.19 -30.34
N ALA A 529 14.84 -4.81 -29.17
CA ALA A 529 16.14 -5.14 -28.62
C ALA A 529 17.02 -3.88 -28.46
N ILE A 530 16.54 -2.97 -27.61
CA ILE A 530 17.36 -1.86 -27.15
C ILE A 530 18.07 -2.37 -25.90
N ARG A 531 19.34 -2.73 -26.05
CA ARG A 531 19.98 -3.55 -25.02
C ARG A 531 21.39 -3.09 -24.68
N ILE A 532 21.69 -1.80 -24.83
CA ILE A 532 23.01 -1.34 -24.43
C ILE A 532 22.90 -0.52 -23.15
N THR A 533 22.27 0.65 -23.24
CA THR A 533 21.98 1.52 -22.10
C THR A 533 23.25 2.05 -21.44
N LYS A 534 24.41 1.52 -21.86
CA LYS A 534 25.75 1.96 -21.48
C LYS A 534 25.89 2.29 -19.99
N ASN A 535 25.10 1.62 -19.14
CA ASN A 535 25.05 1.88 -17.70
C ASN A 535 25.12 3.37 -17.37
N GLN A 536 24.42 4.19 -18.14
CA GLN A 536 24.51 5.65 -17.99
C GLN A 536 23.72 6.13 -16.78
N GLU A 547 36.27 -9.11 -5.49
CA GLU A 547 36.61 -10.51 -5.61
C GLU A 547 36.06 -11.32 -4.45
N GLN A 548 36.76 -11.29 -3.32
CA GLN A 548 36.37 -12.06 -2.15
C GLN A 548 36.98 -11.41 -0.92
N LEU A 549 36.47 -11.81 0.25
CA LEU A 549 36.91 -11.28 1.53
C LEU A 549 37.48 -12.40 2.38
N ILE A 550 38.41 -12.07 3.27
CA ILE A 550 39.00 -13.01 4.20
C ILE A 550 38.89 -12.43 5.59
N ARG A 551 38.36 -13.21 6.53
CA ARG A 551 38.14 -12.79 7.90
C ARG A 551 38.91 -13.71 8.84
N VAL A 552 39.60 -13.12 9.80
CA VAL A 552 40.39 -13.85 10.78
C VAL A 552 39.68 -13.79 12.12
N TYR A 553 39.47 -14.95 12.74
CA TYR A 553 38.80 -15.04 14.03
C TYR A 553 39.69 -15.81 15.01
N CYS A 554 39.60 -15.44 16.29
CA CYS A 554 40.47 -15.96 17.33
C CYS A 554 39.69 -16.88 18.26
N LYS A 555 40.24 -18.08 18.50
CA LYS A 555 39.63 -19.01 19.45
C LYS A 555 39.77 -18.49 20.88
N LYS A 556 40.90 -17.90 21.21
CA LYS A 556 41.11 -17.32 22.53
C LYS A 556 40.57 -15.90 22.56
N VAL A 557 40.11 -15.49 23.75
CA VAL A 557 39.44 -14.20 23.91
C VAL A 557 40.14 -13.31 24.92
N ASP A 558 41.36 -13.63 25.30
CA ASP A 558 42.10 -12.76 26.20
C ASP A 558 42.54 -11.49 25.47
N ARG A 559 42.79 -10.44 26.25
CA ARG A 559 43.26 -9.19 25.67
C ARG A 559 44.61 -9.37 24.99
N LYS A 560 45.53 -10.07 25.66
CA LYS A 560 46.81 -10.40 25.04
C LYS A 560 46.61 -11.33 23.85
N SER A 561 45.69 -12.29 23.96
CA SER A 561 45.37 -13.16 22.84
C SER A 561 44.78 -12.36 21.69
N LEU A 562 43.91 -11.39 22.00
CA LEU A 562 43.37 -10.52 20.95
C LEU A 562 44.47 -9.74 20.24
N TYR A 563 45.41 -9.19 21.01
CA TYR A 563 46.52 -8.45 20.42
C TYR A 563 47.39 -9.35 19.55
N ALA A 564 47.68 -10.57 20.02
CA ALA A 564 48.48 -11.49 19.24
C ALA A 564 47.79 -11.87 17.95
N ALA A 565 46.48 -12.12 18.01
CA ALA A 565 45.73 -12.46 16.80
C ALA A 565 45.69 -11.30 15.83
N ARG A 566 45.55 -10.07 16.35
CA ARG A 566 45.59 -8.90 15.49
C ARG A 566 46.95 -8.75 14.81
N GLN A 567 48.03 -8.98 15.56
CA GLN A 567 49.37 -8.91 14.98
C GLN A 567 49.55 -9.96 13.90
N TYR A 568 49.09 -11.19 14.15
CA TYR A 568 49.21 -12.24 13.14
C TYR A 568 48.37 -11.93 11.92
N PHE A 569 47.17 -11.36 12.11
CA PHE A 569 46.35 -10.99 10.97
C PHE A 569 47.01 -9.90 10.14
N VAL A 570 47.60 -8.90 10.81
CA VAL A 570 48.30 -7.84 10.10
C VAL A 570 49.50 -8.41 9.34
N GLN A 571 50.20 -9.36 9.94
CA GLN A 571 51.31 -9.99 9.25
C GLN A 571 50.83 -10.75 8.01
N TRP A 572 49.73 -11.47 8.12
CA TRP A 572 49.18 -12.19 6.97
C TRP A 572 48.74 -11.22 5.88
N CYS A 573 48.09 -10.13 6.24
CA CYS A 573 47.63 -9.15 5.27
C CYS A 573 48.74 -8.26 4.73
N ALA A 574 49.95 -8.36 5.29
CA ALA A 574 51.09 -7.59 4.82
C ALA A 574 52.13 -8.43 4.12
N ASP A 575 51.88 -9.73 3.93
CA ASP A 575 52.85 -10.62 3.29
C ASP A 575 52.28 -11.51 2.21
N ARG A 576 50.95 -11.67 2.13
CA ARG A 576 50.32 -12.53 1.14
C ARG A 576 49.77 -11.75 -0.05
N ASN A 577 50.31 -10.54 -0.30
CA ASN A 577 49.91 -9.68 -1.41
C ASN A 577 48.44 -9.27 -1.34
N PHE A 578 47.81 -9.46 -0.20
CA PHE A 578 46.40 -9.15 -0.01
C PHE A 578 46.25 -7.77 0.61
N THR A 579 45.07 -7.17 0.39
CA THR A 579 44.84 -5.80 0.83
C THR A 579 44.94 -5.69 2.34
N LYS A 580 45.46 -4.55 2.80
CA LYS A 580 45.66 -4.32 4.21
C LYS A 580 44.32 -4.20 4.93
N PRO A 581 44.30 -4.43 6.24
CA PRO A 581 43.03 -4.38 6.99
C PRO A 581 42.48 -2.96 7.06
N GLN A 582 41.18 -2.88 7.32
CA GLN A 582 40.52 -1.59 7.44
C GLN A 582 41.06 -0.80 8.63
N ASP A 583 41.30 -1.48 9.76
CA ASP A 583 41.84 -0.87 10.97
C ASP A 583 43.16 -1.52 11.35
N GLY A 584 43.98 -1.83 10.34
CA GLY A 584 45.24 -2.51 10.60
C GLY A 584 46.23 -1.67 11.39
N ASP A 585 46.25 -0.36 11.14
CA ASP A 585 47.19 0.51 11.85
C ASP A 585 46.91 0.57 13.35
N VAL A 586 45.68 0.27 13.77
CA VAL A 586 45.35 0.29 15.20
C VAL A 586 45.37 -1.14 15.73
N ILE A 587 45.14 -2.12 14.84
CA ILE A 587 45.16 -3.52 15.25
C ILE A 587 46.59 -3.96 15.57
N ALA A 588 47.55 -3.55 14.75
CA ALA A 588 48.95 -3.94 14.96
C ALA A 588 49.91 -2.93 14.35
N PRO A 589 50.74 -2.28 15.15
CA PRO A 589 51.72 -1.33 14.60
C PRO A 589 53.05 -1.95 14.21
N LEU A 590 53.35 -3.17 14.66
CA LEU A 590 54.61 -3.84 14.36
C LEU A 590 54.46 -4.96 13.34
N ILE A 591 53.30 -5.10 12.70
CA ILE A 591 53.09 -6.13 11.69
C ILE A 591 52.53 -5.51 10.43
N THR A 592 52.62 -4.18 10.33
CA THR A 592 52.16 -3.46 9.15
C THR A 592 53.16 -3.59 8.01
N PRO A 593 54.43 -3.24 8.25
CA PRO A 593 55.45 -3.31 7.18
C PRO A 593 56.16 -4.66 7.12
N GLN A 594 55.44 -5.69 6.67
CA GLN A 594 56.01 -7.02 6.54
C GLN A 594 56.69 -7.21 5.18
N LYS A 595 55.96 -6.95 4.09
CA LYS A 595 56.49 -7.10 2.75
C LYS A 595 55.92 -6.01 1.86
N LYS A 596 56.61 -5.76 0.75
CA LYS A 596 56.13 -4.80 -0.25
C LYS A 596 55.10 -5.41 -1.19
N GLU A 597 54.86 -6.72 -1.12
CA GLU A 597 53.87 -7.34 -1.99
C GLU A 597 52.45 -6.94 -1.59
N TRP A 598 52.19 -6.76 -0.29
CA TRP A 598 50.86 -6.43 0.21
C TRP A 598 50.78 -5.02 0.75
N ASN A 599 51.64 -4.10 0.28
CA ASN A 599 51.65 -2.72 0.74
C ASN A 599 51.40 -1.73 -0.38
N ASP A 600 51.03 -2.19 -1.57
CA ASP A 600 50.76 -1.33 -2.71
C ASP A 600 49.26 -1.28 -2.96
N SER A 601 48.70 -0.07 -2.98
CA SER A 601 47.28 0.13 -3.25
C SER A 601 46.99 0.35 -4.73
N THR A 602 48.01 0.41 -5.56
CA THR A 602 47.83 0.63 -7.00
C THR A 602 47.30 -0.64 -7.67
N MET B 115 23.83 -3.68 27.28
CA MET B 115 22.57 -3.09 26.83
C MET B 115 22.35 -3.37 25.35
N LYS B 116 22.36 -4.64 24.97
CA LYS B 116 22.32 -5.01 23.57
C LYS B 116 20.93 -4.79 22.99
N VAL B 117 20.83 -4.93 21.68
CA VAL B 117 19.58 -4.75 20.95
C VAL B 117 19.46 -5.86 19.92
N ILE B 118 18.25 -6.40 19.77
CA ILE B 118 17.96 -7.48 18.84
C ILE B 118 16.95 -6.99 17.82
N ASN B 119 17.21 -7.24 16.54
CA ASN B 119 16.28 -6.87 15.49
C ASN B 119 15.22 -7.95 15.36
N ASP B 120 13.96 -7.53 15.36
CA ASP B 120 12.85 -8.44 15.19
C ASP B 120 11.99 -7.93 14.03
N PRO B 121 11.55 -8.80 13.14
CA PRO B 121 10.72 -8.35 12.02
C PRO B 121 9.42 -7.73 12.45
N ILE B 122 8.99 -7.96 13.69
CA ILE B 122 7.72 -7.44 14.17
C ILE B 122 7.94 -6.14 14.94
N HIS B 123 8.74 -6.21 16.00
CA HIS B 123 8.88 -5.10 16.94
C HIS B 123 10.09 -4.24 16.65
N GLY B 124 10.81 -4.48 15.57
CA GLY B 124 11.95 -3.64 15.26
C GLY B 124 13.07 -3.86 16.26
N HIS B 125 13.62 -2.78 16.78
CA HIS B 125 14.68 -2.90 17.78
C HIS B 125 14.09 -3.28 19.13
N ILE B 126 14.67 -4.29 19.76
CA ILE B 126 14.31 -4.71 21.11
C ILE B 126 15.55 -4.49 21.96
N GLU B 127 15.47 -3.57 22.92
CA GLU B 127 16.58 -3.37 23.83
C GLU B 127 16.47 -4.32 25.01
N LEU B 128 17.62 -4.74 25.54
CA LEU B 128 17.66 -5.69 26.63
C LEU B 128 18.60 -5.19 27.71
N HIS B 129 18.18 -5.35 28.95
CA HIS B 129 19.07 -5.10 30.06
C HIS B 129 20.19 -6.13 30.04
N PRO B 130 21.33 -5.84 30.68
CA PRO B 130 22.36 -6.89 30.78
C PRO B 130 21.88 -8.15 31.47
N LEU B 131 21.02 -8.01 32.48
CA LEU B 131 20.44 -9.20 33.11
C LEU B 131 19.58 -9.99 32.14
N LEU B 132 18.81 -9.30 31.31
CA LEU B 132 18.01 -10.01 30.32
C LEU B 132 18.88 -10.80 29.36
N VAL B 133 20.00 -10.21 28.93
CA VAL B 133 20.90 -10.93 28.04
C VAL B 133 21.52 -12.12 28.75
N ARG B 134 21.97 -11.93 29.99
CA ARG B 134 22.54 -13.05 30.75
C ARG B 134 21.55 -14.19 30.85
N ILE B 135 20.28 -13.87 31.11
CA ILE B 135 19.26 -14.90 31.21
C ILE B 135 19.00 -15.53 29.84
N ILE B 136 19.07 -14.74 28.78
CA ILE B 136 18.75 -15.26 27.45
C ILE B 136 19.82 -16.23 26.97
N ASP B 137 21.10 -15.90 27.17
CA ASP B 137 22.19 -16.72 26.69
C ASP B 137 22.48 -17.84 27.69
N THR B 138 21.51 -18.74 27.81
CA THR B 138 21.63 -19.94 28.61
C THR B 138 21.04 -21.08 27.79
N PRO B 139 21.45 -22.32 28.05
CA PRO B 139 20.88 -23.44 27.30
C PRO B 139 19.37 -23.56 27.43
N GLN B 140 18.83 -23.25 28.60
CA GLN B 140 17.40 -23.42 28.82
C GLN B 140 16.59 -22.45 27.99
N PHE B 141 17.07 -21.22 27.83
CA PHE B 141 16.36 -20.27 26.99
C PHE B 141 16.56 -20.58 25.51
N GLN B 142 17.79 -20.90 25.12
CA GLN B 142 18.09 -21.19 23.73
C GLN B 142 17.47 -22.50 23.26
N ARG B 143 16.96 -23.31 24.19
CA ARG B 143 16.18 -24.48 23.81
C ARG B 143 14.95 -24.07 23.00
N LEU B 144 14.49 -22.84 23.15
CA LEU B 144 13.29 -22.40 22.45
C LEU B 144 13.50 -22.23 20.96
N ARG B 145 14.74 -22.09 20.49
CA ARG B 145 14.97 -21.95 19.06
C ARG B 145 14.47 -23.16 18.28
N TYR B 146 14.38 -24.32 18.93
CA TYR B 146 14.06 -25.57 18.26
C TYR B 146 12.70 -26.09 18.68
N ILE B 147 11.75 -25.20 18.91
CA ILE B 147 10.37 -25.59 19.21
C ILE B 147 9.48 -24.66 18.42
N LYS B 148 8.78 -25.21 17.43
CA LYS B 148 7.97 -24.39 16.53
C LYS B 148 6.78 -23.79 17.26
N GLN B 149 6.43 -22.57 16.88
CA GLN B 149 5.37 -21.84 17.57
C GLN B 149 4.01 -22.45 17.31
N LEU B 150 3.67 -22.66 16.04
CA LEU B 150 2.40 -23.26 15.67
C LEU B 150 2.42 -24.77 15.68
N GLY B 151 3.53 -25.38 16.08
CA GLY B 151 3.62 -26.82 16.20
C GLY B 151 3.43 -27.55 14.89
N GLY B 152 2.31 -28.26 14.78
CA GLY B 152 1.99 -29.00 13.59
C GLY B 152 1.41 -28.18 12.48
N GLY B 153 1.27 -26.88 12.68
CA GLY B 153 0.80 -26.01 11.63
C GLY B 153 1.78 -25.80 10.51
N TYR B 154 3.06 -26.14 10.72
CA TYR B 154 4.04 -25.98 9.66
C TYR B 154 3.70 -26.82 8.45
N TYR B 155 3.30 -28.07 8.67
CA TYR B 155 2.95 -28.95 7.56
C TYR B 155 1.64 -28.56 6.91
N VAL B 156 1.05 -27.45 7.35
CA VAL B 156 -0.13 -26.87 6.71
C VAL B 156 0.15 -25.46 6.21
N PHE B 157 0.81 -24.64 7.01
CA PHE B 157 1.16 -23.29 6.60
C PHE B 157 2.65 -23.22 6.37
N PRO B 158 3.12 -23.24 5.13
CA PRO B 158 4.57 -23.24 4.90
C PRO B 158 5.28 -22.04 5.46
N GLY B 159 4.60 -20.90 5.54
CA GLY B 159 5.26 -19.73 6.09
C GLY B 159 5.33 -19.69 7.59
N ALA B 160 4.62 -20.58 8.28
CA ALA B 160 4.53 -20.55 9.74
C ALA B 160 5.59 -21.46 10.36
N SER B 161 6.84 -21.16 10.06
CA SER B 161 7.95 -21.93 10.60
C SER B 161 8.64 -21.23 11.75
N HIS B 162 8.05 -20.17 12.31
CA HIS B 162 8.68 -19.43 13.38
C HIS B 162 8.68 -20.24 14.68
N ASN B 163 9.54 -19.83 15.60
CA ASN B 163 9.81 -20.57 16.83
C ASN B 163 9.47 -19.73 18.05
N ARG B 164 9.52 -20.38 19.22
CA ARG B 164 9.16 -19.75 20.48
C ARG B 164 10.22 -18.79 21.00
N PHE B 165 11.43 -18.87 20.47
CA PHE B 165 12.52 -18.02 20.97
C PHE B 165 12.26 -16.56 20.68
N GLU B 166 11.94 -16.23 19.42
CA GLU B 166 11.61 -14.85 19.08
C GLU B 166 10.29 -14.43 19.72
N HIS B 167 9.36 -15.36 19.90
CA HIS B 167 8.12 -15.05 20.60
C HIS B 167 8.40 -14.58 22.02
N SER B 168 9.25 -15.30 22.74
CA SER B 168 9.58 -14.91 24.11
C SER B 168 10.33 -13.58 24.12
N LEU B 169 11.24 -13.37 23.18
CA LEU B 169 11.92 -12.09 23.08
C LEU B 169 10.92 -10.95 22.93
N GLY B 170 9.97 -11.11 22.01
CA GLY B 170 9.00 -10.05 21.79
C GLY B 170 8.07 -9.84 22.96
N VAL B 171 7.67 -10.90 23.64
CA VAL B 171 6.80 -10.76 24.80
C VAL B 171 7.52 -10.02 25.93
N GLY B 172 8.79 -10.33 26.13
CA GLY B 172 9.55 -9.57 27.12
C GLY B 172 9.64 -8.10 26.74
N TYR B 173 9.87 -7.84 25.45
CA TYR B 173 9.89 -6.46 24.97
C TYR B 173 8.59 -5.74 25.28
N LEU B 174 7.46 -6.36 24.97
CA LEU B 174 6.16 -5.72 25.18
C LEU B 174 5.89 -5.49 26.65
N ALA B 175 6.22 -6.47 27.50
CA ALA B 175 5.99 -6.29 28.93
C ALA B 175 6.83 -5.16 29.48
N GLY B 176 8.09 -5.06 29.06
CA GLY B 176 8.91 -3.94 29.49
C GLY B 176 8.38 -2.60 29.04
N CYS B 177 7.93 -2.53 27.78
CA CYS B 177 7.35 -1.28 27.29
C CYS B 177 6.13 -0.88 28.08
N LEU B 178 5.24 -1.83 28.37
CA LEU B 178 4.01 -1.49 29.09
C LEU B 178 4.32 -1.05 30.53
N VAL B 179 5.19 -1.77 31.23
CA VAL B 179 5.49 -1.35 32.60
C VAL B 179 6.18 -0.01 32.62
N HIS B 180 7.06 0.26 31.65
CA HIS B 180 7.73 1.56 31.61
C HIS B 180 6.73 2.68 31.35
N ALA B 181 5.79 2.46 30.43
CA ALA B 181 4.77 3.48 30.16
C ALA B 181 3.93 3.73 31.40
N LEU B 182 3.47 2.66 32.05
CA LEU B 182 2.61 2.82 33.21
C LEU B 182 3.32 3.50 34.36
N GLY B 183 4.63 3.27 34.50
CA GLY B 183 5.38 3.96 35.53
C GLY B 183 5.78 5.37 35.16
N GLU B 184 5.77 5.69 33.87
CA GLU B 184 6.11 7.05 33.47
C GLU B 184 4.91 7.97 33.56
N LYS B 185 3.74 7.52 33.11
CA LYS B 185 2.56 8.38 33.20
C LYS B 185 2.22 8.69 34.66
N GLN B 186 1.86 7.66 35.42
CA GLN B 186 1.42 7.84 36.79
C GLN B 186 2.59 7.62 37.73
N PRO B 187 3.09 8.64 38.43
CA PRO B 187 4.14 8.41 39.43
C PRO B 187 3.60 7.94 40.77
N GLU B 188 2.28 8.00 40.99
CA GLU B 188 1.74 7.55 42.27
C GLU B 188 1.70 6.04 42.39
N LEU B 189 1.79 5.32 41.27
CA LEU B 189 1.90 3.87 41.33
C LEU B 189 3.24 3.45 41.92
N GLN B 190 4.30 4.22 41.68
CA GLN B 190 5.63 4.03 42.27
C GLN B 190 6.37 2.84 41.69
N ILE B 191 6.08 2.49 40.43
CA ILE B 191 6.78 1.39 39.78
C ILE B 191 8.27 1.71 39.72
N SER B 192 9.09 0.78 40.22
CA SER B 192 10.53 0.94 40.28
C SER B 192 11.22 0.06 39.24
N GLU B 193 12.55 0.14 39.21
CA GLU B 193 13.30 -0.65 38.24
C GLU B 193 13.20 -2.13 38.55
N ARG B 194 13.14 -2.51 39.83
CA ARG B 194 13.00 -3.91 40.19
C ARG B 194 11.78 -4.52 39.52
N ASP B 195 10.64 -3.83 39.62
CA ASP B 195 9.41 -4.35 39.02
C ASP B 195 9.52 -4.42 37.51
N VAL B 196 10.19 -3.43 36.90
CA VAL B 196 10.35 -3.44 35.45
C VAL B 196 11.15 -4.66 35.01
N LEU B 197 12.27 -4.92 35.69
CA LEU B 197 13.08 -6.08 35.34
C LEU B 197 12.34 -7.37 35.60
N CYS B 198 11.57 -7.44 36.70
CA CYS B 198 10.83 -8.65 37.01
C CYS B 198 9.73 -8.93 35.99
N VAL B 199 9.02 -7.89 35.55
CA VAL B 199 7.99 -8.08 34.55
C VAL B 199 8.60 -8.50 33.22
N GLN B 200 9.74 -7.90 32.85
CA GLN B 200 10.40 -8.30 31.61
C GLN B 200 10.90 -9.74 31.67
N ILE B 201 11.47 -10.14 32.81
CA ILE B 201 11.94 -11.52 32.97
C ILE B 201 10.76 -12.48 32.86
N ALA B 202 9.64 -12.14 33.48
CA ALA B 202 8.46 -13.00 33.39
C ALA B 202 7.97 -13.12 31.95
N GLY B 203 7.97 -12.00 31.22
CA GLY B 203 7.58 -12.05 29.83
C GLY B 203 8.50 -12.93 29.01
N LEU B 204 9.81 -12.88 29.30
CA LEU B 204 10.78 -13.72 28.60
C LEU B 204 10.56 -15.20 28.90
N CYS B 205 10.35 -15.55 30.17
CA CYS B 205 10.33 -16.94 30.59
C CYS B 205 8.92 -17.50 30.69
N HIS B 206 7.92 -16.76 30.21
CA HIS B 206 6.55 -17.23 30.28
C HIS B 206 6.32 -18.53 29.50
N ASP B 207 7.22 -18.90 28.58
CA ASP B 207 7.05 -20.11 27.79
C ASP B 207 8.31 -20.95 27.79
N LEU B 208 9.10 -20.89 28.86
CA LEU B 208 10.30 -21.70 28.95
C LEU B 208 10.01 -23.19 28.98
N GLY B 209 8.80 -23.59 29.33
CA GLY B 209 8.53 -24.98 29.55
C GLY B 209 7.78 -25.66 28.43
N HIS B 210 7.75 -25.04 27.26
CA HIS B 210 7.06 -25.63 26.14
C HIS B 210 7.75 -26.91 25.68
N GLY B 211 6.96 -27.92 25.35
CA GLY B 211 7.50 -29.18 24.90
C GLY B 211 7.63 -29.22 23.40
N PRO B 212 7.95 -30.38 22.85
CA PRO B 212 7.98 -30.51 21.39
C PRO B 212 6.65 -30.14 20.76
N PHE B 213 6.73 -29.39 19.66
CA PHE B 213 5.54 -28.95 18.92
C PHE B 213 4.58 -28.18 19.81
N SER B 214 5.14 -27.38 20.72
CA SER B 214 4.41 -26.42 21.52
C SER B 214 3.20 -27.00 22.25
N HIS B 215 2.01 -26.53 21.88
CA HIS B 215 0.82 -26.93 22.62
C HIS B 215 0.49 -28.39 22.42
N MET B 216 1.11 -29.05 21.46
CA MET B 216 0.81 -30.45 21.24
C MET B 216 1.31 -31.29 22.40
N PHE B 217 2.40 -30.84 23.05
CA PHE B 217 2.97 -31.64 24.14
C PHE B 217 2.03 -31.74 25.33
N ASP B 218 1.54 -30.61 25.81
CA ASP B 218 0.65 -30.58 26.95
C ASP B 218 -0.82 -30.61 26.55
N GLY B 219 -1.11 -30.70 25.26
CA GLY B 219 -2.48 -30.77 24.81
C GLY B 219 -2.88 -32.16 24.38
N ARG B 220 -1.97 -32.88 23.76
CA ARG B 220 -2.32 -34.20 23.27
C ARG B 220 -1.40 -35.29 23.76
N PHE B 221 -0.10 -35.01 23.92
CA PHE B 221 0.84 -36.08 24.23
C PHE B 221 0.86 -36.41 25.71
N ILE B 222 1.22 -35.46 26.56
CA ILE B 222 1.38 -35.73 27.99
C ILE B 222 0.10 -36.24 28.63
N PRO B 223 -1.07 -35.63 28.40
CA PRO B 223 -2.30 -36.20 28.97
C PRO B 223 -2.65 -37.57 28.45
N LEU B 224 -2.11 -37.97 27.30
CA LEU B 224 -2.39 -39.30 26.76
C LEU B 224 -1.28 -40.30 27.04
N ALA B 225 -0.03 -39.85 27.16
CA ALA B 225 1.05 -40.76 27.52
C ALA B 225 1.00 -41.12 29.00
N ARG B 226 0.72 -40.15 29.85
CA ARG B 226 0.64 -40.33 31.30
C ARG B 226 -0.68 -39.74 31.78
N PRO B 227 -1.78 -40.49 31.64
CA PRO B 227 -3.10 -39.94 31.99
C PRO B 227 -3.28 -39.62 33.47
N GLU B 228 -2.36 -40.02 34.34
CA GLU B 228 -2.49 -39.79 35.77
C GLU B 228 -1.66 -38.62 36.27
N VAL B 229 -1.07 -37.84 35.37
CA VAL B 229 -0.19 -36.74 35.74
C VAL B 229 -0.77 -35.46 35.15
N LYS B 230 -0.90 -34.44 35.98
CA LYS B 230 -1.27 -33.11 35.52
C LYS B 230 -0.02 -32.33 35.20
N TRP B 231 -0.04 -31.62 34.06
CA TRP B 231 1.15 -30.92 33.58
C TRP B 231 0.71 -29.84 32.60
N THR B 232 1.01 -28.59 32.92
CA THR B 232 0.82 -27.47 32.02
C THR B 232 2.18 -26.88 31.71
N HIS B 233 2.27 -26.20 30.57
CA HIS B 233 3.55 -25.62 30.20
C HIS B 233 3.94 -24.44 31.08
N GLU B 234 3.02 -23.92 31.90
CA GLU B 234 3.40 -22.90 32.88
C GLU B 234 4.16 -23.53 34.04
N GLN B 235 3.76 -24.74 34.45
CA GLN B 235 4.54 -25.47 35.44
C GLN B 235 5.94 -25.74 34.91
N GLY B 236 6.03 -26.19 33.66
CA GLY B 236 7.33 -26.42 33.07
C GLY B 236 8.12 -25.14 32.92
N SER B 237 7.45 -24.03 32.65
CA SER B 237 8.13 -22.75 32.56
C SER B 237 8.73 -22.35 33.90
N VAL B 238 7.97 -22.54 34.99
CA VAL B 238 8.48 -22.22 36.32
C VAL B 238 9.66 -23.12 36.66
N MET B 239 9.53 -24.43 36.39
CA MET B 239 10.60 -25.37 36.69
C MET B 239 11.84 -25.08 35.86
N MET B 240 11.66 -24.76 34.59
CA MET B 240 12.78 -24.45 33.71
C MET B 240 13.44 -23.14 34.11
N PHE B 241 12.65 -22.16 34.55
CA PHE B 241 13.23 -20.91 35.02
C PHE B 241 14.05 -21.14 36.28
N GLU B 242 13.54 -21.97 37.20
CA GLU B 242 14.33 -22.29 38.38
C GLU B 242 15.61 -23.03 38.02
N HIS B 243 15.52 -23.97 37.07
CA HIS B 243 16.70 -24.69 36.61
C HIS B 243 17.71 -23.73 35.97
N LEU B 244 17.22 -22.79 35.16
CA LEU B 244 18.08 -21.79 34.53
C LEU B 244 18.79 -20.96 35.59
N ILE B 245 18.03 -20.42 36.54
CA ILE B 245 18.62 -19.57 37.57
C ILE B 245 19.66 -20.33 38.37
N ASN B 246 19.36 -21.58 38.75
CA ASN B 246 20.28 -22.34 39.57
C ASN B 246 21.53 -22.73 38.79
N SER B 247 21.36 -23.25 37.58
CA SER B 247 22.49 -23.75 36.81
C SER B 247 23.42 -22.63 36.38
N ASN B 248 22.88 -21.51 35.94
CA ASN B 248 23.67 -20.48 35.29
C ASN B 248 24.17 -19.40 36.25
N GLY B 249 23.92 -19.54 37.55
CA GLY B 249 24.38 -18.54 38.50
C GLY B 249 23.80 -17.16 38.28
N ILE B 250 22.51 -17.09 37.95
CA ILE B 250 21.90 -15.79 37.66
C ILE B 250 21.68 -14.98 38.94
N LYS B 251 21.41 -15.65 40.06
CA LYS B 251 21.11 -14.95 41.31
C LYS B 251 22.15 -13.92 41.71
N PRO B 252 23.46 -14.18 41.63
CA PRO B 252 24.40 -13.09 41.91
C PRO B 252 24.22 -11.88 41.02
N VAL B 253 23.87 -12.08 39.75
CA VAL B 253 23.68 -10.95 38.85
C VAL B 253 22.39 -10.21 39.16
N MET B 254 21.34 -10.95 39.55
CA MET B 254 20.10 -10.32 39.98
C MET B 254 20.34 -9.48 41.23
N GLU B 255 21.14 -10.00 42.16
CA GLU B 255 21.47 -9.20 43.34
C GLU B 255 22.27 -7.97 42.94
N GLN B 256 23.21 -8.14 41.99
CA GLN B 256 24.09 -7.05 41.61
C GLN B 256 23.31 -5.89 41.01
N TYR B 257 22.35 -6.18 40.13
CA TYR B 257 21.66 -5.09 39.44
C TYR B 257 20.55 -4.46 40.27
N GLY B 258 20.08 -5.12 41.32
CA GLY B 258 19.06 -4.50 42.15
C GLY B 258 17.96 -5.42 42.63
N LEU B 259 17.69 -6.48 41.88
CA LEU B 259 16.67 -7.42 42.31
C LEU B 259 17.13 -8.12 43.59
N ILE B 260 16.16 -8.55 44.39
CA ILE B 260 16.39 -9.34 45.59
C ILE B 260 15.77 -10.71 45.33
N PRO B 261 16.57 -11.75 45.07
CA PRO B 261 16.01 -13.00 44.54
C PRO B 261 14.94 -13.63 45.41
N GLU B 262 15.05 -13.53 46.73
CA GLU B 262 14.14 -14.25 47.61
C GLU B 262 12.69 -13.90 47.32
N GLU B 263 12.40 -12.63 47.06
CA GLU B 263 11.05 -12.22 46.71
C GLU B 263 10.86 -11.91 45.25
N ASP B 264 11.89 -11.42 44.56
CA ASP B 264 11.76 -11.11 43.14
C ASP B 264 11.56 -12.37 42.31
N ILE B 265 12.26 -13.45 42.65
CA ILE B 265 12.08 -14.71 41.92
C ILE B 265 10.70 -15.29 42.19
N CYS B 266 10.21 -15.17 43.43
CA CYS B 266 8.85 -15.59 43.70
C CYS B 266 7.86 -14.77 42.89
N PHE B 267 8.12 -13.47 42.75
CA PHE B 267 7.27 -12.62 41.92
C PHE B 267 7.27 -13.06 40.48
N ILE B 268 8.44 -13.38 39.93
CA ILE B 268 8.51 -13.81 38.53
C ILE B 268 7.77 -15.12 38.34
N LYS B 269 7.96 -16.06 39.26
CA LYS B 269 7.23 -17.33 39.16
C LYS B 269 5.73 -17.11 39.24
N GLU B 270 5.29 -16.22 40.13
CA GLU B 270 3.86 -15.93 40.26
C GLU B 270 3.31 -15.30 38.99
N GLN B 271 4.10 -14.44 38.35
CA GLN B 271 3.66 -13.89 37.08
C GLN B 271 3.53 -14.97 36.02
N ILE B 272 4.45 -15.93 36.02
CA ILE B 272 4.41 -16.99 35.01
C ILE B 272 3.20 -17.89 35.22
N VAL B 273 2.97 -18.35 36.45
CA VAL B 273 1.96 -19.38 36.68
C VAL B 273 0.75 -18.88 37.45
N GLY B 274 0.89 -17.89 38.32
CA GLY B 274 -0.21 -17.43 39.12
C GLY B 274 0.07 -17.57 40.61
N PRO B 275 -0.97 -17.78 41.40
CA PRO B 275 -0.78 -17.98 42.84
C PRO B 275 -0.01 -19.26 43.11
N LEU B 276 1.12 -19.13 43.83
CA LEU B 276 1.94 -20.29 44.15
C LEU B 276 1.33 -21.14 45.25
N GLU B 277 0.25 -20.68 45.88
CA GLU B 277 -0.41 -21.45 46.93
C GLU B 277 -1.89 -21.61 46.61
N SER B 278 -2.66 -22.14 47.55
CA SER B 278 -4.08 -22.43 47.34
C SER B 278 -4.95 -21.61 48.28
N PRO B 279 -5.55 -20.52 47.82
CA PRO B 279 -6.58 -19.84 48.62
C PRO B 279 -7.95 -20.45 48.35
N VAL B 280 -9.02 -19.93 48.97
CA VAL B 280 -10.33 -20.51 48.71
C VAL B 280 -11.24 -19.51 48.00
N GLU B 281 -11.64 -18.45 48.69
CA GLU B 281 -12.39 -17.42 47.97
C GLU B 281 -11.93 -16.00 48.26
N ASP B 282 -11.64 -15.67 49.53
CA ASP B 282 -11.38 -14.29 49.92
C ASP B 282 -10.27 -14.20 50.98
N SER B 283 -9.30 -15.11 50.95
CA SER B 283 -8.24 -15.12 51.95
C SER B 283 -7.23 -14.01 51.66
N LEU B 284 -7.72 -12.77 51.72
CA LEU B 284 -6.92 -11.55 51.62
C LEU B 284 -6.20 -11.54 50.26
N TRP B 285 -4.93 -11.13 50.23
CA TRP B 285 -4.18 -11.00 48.98
C TRP B 285 -3.40 -12.28 48.71
N PRO B 286 -3.66 -12.97 47.60
CA PRO B 286 -3.02 -14.28 47.39
C PRO B 286 -1.51 -14.20 47.17
N TYR B 287 -1.09 -13.36 46.24
CA TYR B 287 0.30 -13.35 45.81
C TYR B 287 1.23 -12.87 46.92
N LYS B 288 2.31 -13.61 47.14
CA LYS B 288 3.35 -13.20 48.07
C LYS B 288 4.49 -12.48 47.38
N GLY B 289 4.43 -12.31 46.07
CA GLY B 289 5.46 -11.57 45.37
C GLY B 289 5.39 -10.08 45.63
N ARG B 290 4.30 -9.46 45.21
CA ARG B 290 4.15 -8.03 45.37
C ARG B 290 2.96 -7.71 46.27
N PRO B 291 3.07 -6.69 47.10
CA PRO B 291 1.93 -6.27 47.91
C PRO B 291 0.76 -5.84 47.04
N GLU B 292 -0.44 -5.85 47.63
CA GLU B 292 -1.66 -5.61 46.87
C GLU B 292 -1.61 -4.28 46.11
N ASN B 293 -0.92 -3.28 46.65
CA ASN B 293 -0.89 -1.98 46.00
C ASN B 293 -0.08 -1.97 44.73
N LYS B 294 0.36 -3.13 44.23
CA LYS B 294 0.95 -3.24 42.90
C LYS B 294 0.25 -4.34 42.10
N SER B 295 -1.06 -4.49 42.33
CA SER B 295 -1.80 -5.58 41.71
C SER B 295 -1.70 -5.54 40.19
N PHE B 296 -1.69 -4.36 39.60
CA PHE B 296 -1.61 -4.24 38.15
C PHE B 296 -0.42 -4.99 37.58
N LEU B 297 0.66 -5.08 38.35
CA LEU B 297 1.87 -5.74 37.84
C LEU B 297 1.64 -7.20 37.49
N TYR B 298 0.59 -7.82 38.02
CA TYR B 298 0.31 -9.21 37.74
C TYR B 298 -0.57 -9.42 36.53
N GLU B 299 -0.91 -8.36 35.80
CA GLU B 299 -1.76 -8.48 34.63
C GLU B 299 -1.04 -8.13 33.34
N ILE B 300 0.26 -7.86 33.39
CA ILE B 300 0.99 -7.47 32.20
C ILE B 300 1.32 -8.69 31.34
N VAL B 301 2.13 -9.60 31.89
CA VAL B 301 2.64 -10.72 31.10
C VAL B 301 1.51 -11.68 30.74
N SER B 302 0.67 -12.03 31.70
CA SER B 302 -0.38 -13.02 31.45
C SER B 302 -1.61 -12.64 32.28
N ASN B 303 -2.54 -11.93 31.66
CA ASN B 303 -3.82 -11.64 32.29
C ASN B 303 -4.77 -12.81 32.07
N LYS B 304 -5.62 -13.05 33.06
CA LYS B 304 -6.59 -14.12 32.99
C LYS B 304 -8.04 -13.62 33.05
N ARG B 305 -8.25 -12.37 33.46
CA ARG B 305 -9.59 -11.81 33.52
C ARG B 305 -9.95 -11.03 32.25
N ASN B 306 -9.16 -9.98 31.95
CA ASN B 306 -9.45 -9.17 30.77
C ASN B 306 -9.07 -9.88 29.49
N GLY B 307 -8.07 -10.75 29.54
CA GLY B 307 -7.55 -11.35 28.33
C GLY B 307 -6.61 -10.48 27.54
N ILE B 308 -6.28 -9.29 28.04
CA ILE B 308 -5.38 -8.37 27.36
C ILE B 308 -4.04 -8.49 28.07
N ASP B 309 -3.14 -9.29 27.50
CA ASP B 309 -1.81 -9.49 28.04
C ASP B 309 -0.80 -9.32 26.91
N VAL B 310 0.40 -8.87 27.27
CA VAL B 310 1.41 -8.51 26.28
C VAL B 310 1.91 -9.70 25.49
N ASP B 311 1.57 -10.92 25.90
CA ASP B 311 1.96 -12.11 25.14
C ASP B 311 1.03 -12.34 23.95
N LYS B 312 -0.27 -12.15 24.15
CA LYS B 312 -1.20 -12.33 23.05
C LYS B 312 -0.96 -11.30 21.96
N TRP B 313 -0.61 -10.07 22.32
CA TRP B 313 -0.27 -9.08 21.30
C TRP B 313 0.87 -9.57 20.42
N ASP B 314 1.95 -10.03 21.04
CA ASP B 314 3.11 -10.44 20.26
C ASP B 314 2.81 -11.66 19.40
N TYR B 315 2.13 -12.66 19.95
CA TYR B 315 1.95 -13.82 19.10
C TYR B 315 0.83 -13.63 18.08
N PHE B 316 -0.14 -12.74 18.31
CA PHE B 316 -1.06 -12.37 17.24
C PHE B 316 -0.31 -11.67 16.11
N ALA B 317 0.56 -10.73 16.46
CA ALA B 317 1.34 -10.05 15.43
C ALA B 317 2.22 -11.02 14.66
N ARG B 318 2.87 -11.96 15.37
CA ARG B 318 3.79 -12.89 14.73
C ARG B 318 3.05 -13.90 13.85
N ASP B 319 1.92 -14.42 14.33
CA ASP B 319 1.12 -15.32 13.52
C ASP B 319 0.60 -14.63 12.26
N CYS B 320 0.12 -13.39 12.40
CA CYS B 320 -0.36 -12.69 11.22
C CYS B 320 0.78 -12.36 10.27
N HIS B 321 1.97 -12.10 10.79
CA HIS B 321 3.12 -11.82 9.92
C HIS B 321 3.49 -13.05 9.10
N HIS B 322 3.57 -14.21 9.75
CA HIS B 322 4.02 -15.41 9.06
C HIS B 322 2.91 -16.17 8.33
N LEU B 323 1.65 -15.84 8.58
CA LEU B 323 0.56 -16.50 7.88
C LEU B 323 0.00 -15.68 6.73
N GLY B 324 0.31 -14.39 6.67
CA GLY B 324 -0.27 -13.53 5.66
C GLY B 324 -1.63 -12.96 6.00
N ILE B 325 -2.14 -13.21 7.20
CA ILE B 325 -3.37 -12.58 7.65
C ILE B 325 -3.07 -11.14 8.01
N GLN B 326 -4.07 -10.27 7.91
CA GLN B 326 -3.88 -8.85 8.17
C GLN B 326 -4.17 -8.54 9.63
N ASN B 327 -3.24 -7.82 10.26
CA ASN B 327 -3.30 -7.51 11.69
C ASN B 327 -3.57 -6.02 11.83
N ASN B 328 -4.83 -5.67 12.11
CA ASN B 328 -5.21 -4.28 12.25
C ASN B 328 -4.94 -3.72 13.64
N PHE B 329 -4.68 -4.58 14.63
CA PHE B 329 -4.42 -4.11 15.97
C PHE B 329 -3.08 -3.40 16.04
N ASP B 330 -3.00 -2.41 16.92
CA ASP B 330 -1.76 -1.68 17.15
C ASP B 330 -1.56 -1.57 18.65
N TYR B 331 -0.62 -2.36 19.18
CA TYR B 331 -0.32 -2.31 20.60
C TYR B 331 0.30 -0.99 21.01
N LYS B 332 0.95 -0.29 20.08
CA LYS B 332 1.55 0.99 20.44
C LYS B 332 0.49 2.00 20.83
N ARG B 333 -0.64 2.00 20.13
CA ARG B 333 -1.74 2.90 20.45
C ARG B 333 -2.53 2.44 21.66
N PHE B 334 -2.29 1.23 22.16
CA PHE B 334 -2.82 0.81 23.45
C PHE B 334 -1.92 1.24 24.59
N ILE B 335 -0.62 0.96 24.47
CA ILE B 335 0.34 1.37 25.48
C ILE B 335 0.39 2.88 25.61
N LYS B 336 0.11 3.61 24.53
CA LYS B 336 0.15 5.06 24.59
C LYS B 336 -0.90 5.62 25.53
N PHE B 337 -2.09 5.01 25.57
CA PHE B 337 -3.21 5.56 26.32
C PHE B 337 -3.62 4.69 27.50
N ALA B 338 -2.70 3.89 28.04
CA ALA B 338 -3.00 3.02 29.18
C ALA B 338 -2.63 3.70 30.48
N ARG B 339 -3.54 3.68 31.44
CA ARG B 339 -3.30 4.19 32.78
C ARG B 339 -3.97 3.26 33.77
N VAL B 340 -3.43 3.19 34.98
CA VAL B 340 -3.98 2.30 36.00
C VAL B 340 -5.07 3.02 36.78
N CYS B 341 -6.22 2.39 36.90
CA CYS B 341 -7.40 2.97 37.54
C CYS B 341 -7.98 1.99 38.54
N GLU B 342 -8.73 2.52 39.50
CA GLU B 342 -9.34 1.69 40.53
C GLU B 342 -10.62 1.05 40.01
N VAL B 343 -10.73 -0.26 40.17
CA VAL B 343 -11.91 -1.00 39.76
C VAL B 343 -12.24 -2.00 40.85
N ASP B 344 -13.29 -1.73 41.63
CA ASP B 344 -13.68 -2.57 42.76
C ASP B 344 -12.54 -2.72 43.75
N ASN B 345 -11.90 -1.59 44.08
CA ASN B 345 -10.82 -1.53 45.05
C ASN B 345 -9.64 -2.43 44.67
N GLU B 346 -9.30 -2.42 43.37
CA GLU B 346 -8.12 -3.13 42.88
C GLU B 346 -7.56 -2.35 41.70
N LEU B 347 -6.36 -1.82 41.84
CA LEU B 347 -5.73 -1.07 40.77
C LEU B 347 -5.51 -1.97 39.57
N ARG B 348 -6.08 -1.61 38.42
CA ARG B 348 -5.96 -2.39 37.20
C ARG B 348 -5.52 -1.52 36.04
N ILE B 349 -4.81 -2.12 35.09
CA ILE B 349 -4.45 -1.41 33.87
C ILE B 349 -5.72 -1.15 33.07
N CYS B 350 -5.86 0.08 32.56
CA CYS B 350 -7.04 0.50 31.85
C CYS B 350 -6.66 1.24 30.57
N ALA B 351 -7.58 1.21 29.61
CA ALA B 351 -7.37 1.79 28.29
C ALA B 351 -8.33 2.95 28.05
N ARG B 352 -7.91 3.85 27.18
CA ARG B 352 -8.77 4.95 26.74
C ARG B 352 -9.93 4.39 25.93
N ASP B 353 -11.13 4.94 26.15
CA ASP B 353 -12.28 4.47 25.38
C ASP B 353 -12.11 4.76 23.90
N LYS B 354 -11.20 5.67 23.53
CA LYS B 354 -10.98 6.01 22.14
C LYS B 354 -10.26 4.90 21.39
N GLU B 355 -9.81 3.87 22.09
CA GLU B 355 -9.18 2.73 21.45
C GLU B 355 -10.02 1.47 21.63
N VAL B 356 -11.22 1.60 22.21
CA VAL B 356 -12.05 0.42 22.44
C VAL B 356 -12.37 -0.27 21.12
N GLY B 357 -12.78 0.51 20.12
CA GLY B 357 -12.99 -0.07 18.81
C GLY B 357 -11.73 -0.75 18.29
N ASN B 358 -10.58 -0.12 18.53
CA ASN B 358 -9.31 -0.75 18.18
C ASN B 358 -9.18 -2.12 18.83
N LEU B 359 -9.55 -2.22 20.11
CA LEU B 359 -9.51 -3.50 20.80
C LEU B 359 -10.39 -4.52 20.09
N TYR B 360 -11.54 -4.07 19.58
CA TYR B 360 -12.39 -4.97 18.78
C TYR B 360 -11.57 -5.64 17.71
N ASP B 361 -10.77 -4.85 16.97
CA ASP B 361 -9.94 -5.40 15.91
C ASP B 361 -9.11 -6.55 16.43
N MET B 362 -8.41 -6.33 17.56
CA MET B 362 -7.59 -7.40 18.13
C MET B 362 -8.39 -8.66 18.32
N PHE B 363 -9.55 -8.55 18.97
CA PHE B 363 -10.36 -9.74 19.19
C PHE B 363 -10.78 -10.36 17.88
N HIS B 364 -11.17 -9.52 16.91
CA HIS B 364 -11.48 -10.05 15.59
C HIS B 364 -10.30 -10.84 15.04
N THR B 365 -9.10 -10.25 15.09
CA THR B 365 -7.90 -10.97 14.67
C THR B 365 -7.80 -12.28 15.41
N ARG B 366 -7.98 -12.24 16.73
CA ARG B 366 -7.91 -13.47 17.52
C ARG B 366 -8.82 -14.53 16.92
N ASN B 367 -10.08 -14.17 16.67
CA ASN B 367 -11.02 -15.15 16.16
C ASN B 367 -10.53 -15.73 14.85
N SER B 368 -10.02 -14.86 13.96
CA SER B 368 -9.47 -15.35 12.70
C SER B 368 -8.37 -16.37 12.94
N LEU B 369 -7.42 -16.03 13.81
CA LEU B 369 -6.32 -16.94 14.07
C LEU B 369 -6.79 -18.23 14.72
N HIS B 370 -7.93 -18.22 15.40
CA HIS B 370 -8.44 -19.44 16.00
C HIS B 370 -9.38 -20.20 15.08
N ARG B 371 -9.72 -19.64 13.93
CA ARG B 371 -10.60 -20.31 12.98
C ARG B 371 -9.85 -20.83 11.78
N ARG B 372 -8.72 -20.22 11.42
CA ARG B 372 -7.90 -20.63 10.29
C ARG B 372 -6.67 -21.40 10.72
N ALA B 373 -5.93 -20.89 11.69
CA ALA B 373 -4.65 -21.50 12.06
C ALA B 373 -4.83 -22.67 13.02
N TYR B 374 -5.37 -22.40 14.20
CA TYR B 374 -5.31 -23.37 15.29
C TYR B 374 -6.34 -24.49 15.18
N GLN B 375 -7.25 -24.42 14.22
CA GLN B 375 -8.29 -25.44 14.07
C GLN B 375 -8.42 -25.84 12.61
N HIS B 376 -7.28 -26.05 11.95
CA HIS B 376 -7.27 -26.15 10.50
C HIS B 376 -7.89 -27.44 9.98
N LYS B 377 -8.11 -28.43 10.84
CA LYS B 377 -8.70 -29.72 10.47
C LYS B 377 -7.73 -30.57 9.66
N VAL B 378 -6.61 -29.99 9.24
CA VAL B 378 -5.52 -30.74 8.65
C VAL B 378 -4.24 -30.59 9.45
N GLY B 379 -4.06 -29.45 10.11
CA GLY B 379 -3.00 -29.34 11.09
C GLY B 379 -3.30 -30.15 12.33
N ASN B 380 -4.59 -30.39 12.61
CA ASN B 380 -4.97 -31.21 13.74
C ASN B 380 -4.80 -32.69 13.46
N ILE B 381 -5.12 -33.14 12.25
CA ILE B 381 -4.87 -34.55 11.95
C ILE B 381 -3.37 -34.81 11.85
N ILE B 382 -2.60 -33.85 11.33
CA ILE B 382 -1.15 -34.01 11.33
C ILE B 382 -0.61 -33.99 12.75
N ASP B 383 -1.16 -33.13 13.61
CA ASP B 383 -0.76 -33.15 15.01
C ASP B 383 -1.09 -34.48 15.67
N THR B 384 -2.25 -35.05 15.33
CA THR B 384 -2.64 -36.36 15.87
C THR B 384 -1.70 -37.46 15.40
N MET B 385 -1.30 -37.41 14.13
CA MET B 385 -0.35 -38.41 13.62
C MET B 385 1.00 -38.27 14.30
N ILE B 386 1.48 -37.04 14.49
CA ILE B 386 2.74 -36.83 15.19
C ILE B 386 2.64 -37.32 16.63
N THR B 387 1.49 -37.08 17.26
CA THR B 387 1.27 -37.55 18.63
C THR B 387 1.28 -39.07 18.71
N ASP B 388 0.63 -39.73 17.76
CA ASP B 388 0.63 -41.19 17.76
C ASP B 388 2.02 -41.75 17.52
N ALA B 389 2.78 -41.12 16.63
CA ALA B 389 4.16 -41.54 16.41
C ALA B 389 4.99 -41.37 17.68
N PHE B 390 4.82 -40.25 18.36
CA PHE B 390 5.53 -40.03 19.61
C PHE B 390 5.13 -41.08 20.65
N LEU B 391 3.84 -41.38 20.74
CA LEU B 391 3.38 -42.37 21.71
C LEU B 391 3.96 -43.74 21.42
N LYS B 392 4.22 -44.07 20.16
CA LYS B 392 4.71 -45.42 19.88
C LYS B 392 6.22 -45.51 20.01
N ALA B 393 6.92 -44.39 19.84
CA ALA B 393 8.34 -44.34 20.06
C ALA B 393 8.69 -43.89 21.47
N ASP B 394 7.71 -43.85 22.37
CA ASP B 394 7.97 -43.38 23.73
C ASP B 394 8.79 -44.37 24.52
N ASP B 395 8.46 -45.66 24.42
CA ASP B 395 9.10 -46.67 25.23
C ASP B 395 10.51 -47.01 24.77
N TYR B 396 10.94 -46.53 23.61
CA TYR B 396 12.25 -46.87 23.07
C TYR B 396 13.19 -45.68 22.94
N ILE B 397 12.66 -44.49 22.70
CA ILE B 397 13.49 -43.29 22.69
C ILE B 397 13.96 -43.01 24.11
N GLU B 398 15.26 -42.81 24.29
CA GLU B 398 15.85 -42.52 25.59
C GLU B 398 16.38 -41.10 25.61
N ILE B 399 16.22 -40.44 26.75
CA ILE B 399 16.78 -39.12 26.98
C ILE B 399 17.49 -39.16 28.32
N THR B 400 18.74 -38.69 28.35
CA THR B 400 19.55 -38.73 29.55
C THR B 400 19.29 -37.49 30.39
N GLY B 401 19.05 -37.69 31.68
CA GLY B 401 18.84 -36.59 32.60
C GLY B 401 20.00 -36.35 33.52
N ALA B 402 19.73 -35.83 34.71
CA ALA B 402 20.78 -35.63 35.69
C ALA B 402 21.14 -36.94 36.35
N GLY B 403 22.44 -37.15 36.59
CA GLY B 403 22.89 -38.40 37.15
C GLY B 403 22.88 -39.56 36.17
N GLY B 404 22.66 -39.28 34.89
CA GLY B 404 22.63 -40.31 33.88
C GLY B 404 21.33 -41.08 33.81
N LYS B 405 20.36 -40.78 34.66
CA LYS B 405 19.10 -41.51 34.66
C LYS B 405 18.37 -41.25 33.35
N LYS B 406 18.20 -42.31 32.55
CA LYS B 406 17.51 -42.18 31.28
C LYS B 406 16.03 -41.90 31.52
N TYR B 407 15.53 -40.84 30.90
CA TYR B 407 14.12 -40.48 30.97
C TYR B 407 13.50 -40.65 29.60
N ARG B 408 12.30 -41.22 29.56
CA ARG B 408 11.58 -41.30 28.30
C ARG B 408 11.05 -39.92 27.93
N ILE B 409 10.43 -39.83 26.76
CA ILE B 409 9.81 -38.57 26.35
C ILE B 409 8.71 -38.19 27.33
N SER B 410 7.90 -39.17 27.74
CA SER B 410 6.77 -38.88 28.62
C SER B 410 7.25 -38.45 30.00
N THR B 411 8.25 -39.11 30.54
CA THR B 411 8.71 -38.81 31.90
C THR B 411 9.76 -37.71 31.95
N ALA B 412 10.25 -37.26 30.79
CA ALA B 412 11.30 -36.25 30.78
C ALA B 412 10.87 -34.95 31.44
N ILE B 413 9.57 -34.69 31.52
CA ILE B 413 9.08 -33.49 32.17
C ILE B 413 9.43 -33.46 33.66
N ASP B 414 9.68 -34.63 34.25
CA ASP B 414 9.99 -34.69 35.68
C ASP B 414 11.42 -34.31 36.00
N ASP B 415 12.27 -34.11 35.00
CA ASP B 415 13.65 -33.70 35.21
C ASP B 415 14.02 -32.68 34.15
N MET B 416 14.42 -31.48 34.59
CA MET B 416 14.64 -30.41 33.63
C MET B 416 15.93 -30.57 32.84
N GLU B 417 16.91 -31.30 33.35
CA GLU B 417 18.10 -31.56 32.56
C GLU B 417 17.78 -32.45 31.35
N ALA B 418 16.91 -33.45 31.55
CA ALA B 418 16.47 -34.27 30.42
C ALA B 418 15.44 -33.57 29.57
N TYR B 419 14.62 -32.70 30.16
CA TYR B 419 13.61 -31.98 29.41
C TYR B 419 14.20 -30.85 28.59
N THR B 420 15.39 -30.37 28.95
CA THR B 420 16.05 -29.38 28.12
C THR B 420 16.43 -29.93 26.76
N LYS B 421 16.81 -31.21 26.71
CA LYS B 421 17.25 -31.84 25.47
C LYS B 421 16.12 -32.54 24.74
N LEU B 422 14.90 -32.03 24.86
CA LEU B 422 13.70 -32.63 24.30
C LEU B 422 12.98 -31.56 23.49
N THR B 423 13.26 -31.50 22.19
CA THR B 423 12.69 -30.47 21.33
C THR B 423 11.98 -31.10 20.14
N ASP B 424 11.62 -30.27 19.16
CA ASP B 424 10.99 -30.80 17.94
C ASP B 424 11.88 -31.79 17.22
N ASN B 425 13.19 -31.75 17.46
CA ASN B 425 14.13 -32.65 16.79
C ASN B 425 13.78 -34.10 17.00
N ILE B 426 13.08 -34.43 18.08
CA ILE B 426 12.67 -35.80 18.33
C ILE B 426 11.92 -36.35 17.13
N PHE B 427 11.05 -35.53 16.53
CA PHE B 427 10.40 -35.88 15.28
C PHE B 427 11.40 -36.48 14.31
N LEU B 428 12.40 -35.69 13.92
CA LEU B 428 13.41 -36.18 12.99
C LEU B 428 14.17 -37.36 13.58
N GLU B 429 14.39 -37.36 14.89
CA GLU B 429 15.10 -38.47 15.52
C GLU B 429 14.35 -39.77 15.34
N ILE B 430 13.03 -39.73 15.24
CA ILE B 430 12.28 -40.94 14.94
C ILE B 430 12.20 -41.20 13.45
N LEU B 431 12.27 -40.14 12.64
CA LEU B 431 12.15 -40.30 11.20
C LEU B 431 13.42 -40.87 10.59
N TYR B 432 14.58 -40.47 11.10
CA TYR B 432 15.86 -40.85 10.52
C TYR B 432 16.51 -42.02 11.26
N SER B 433 15.72 -42.75 12.04
CA SER B 433 16.26 -43.87 12.80
C SER B 433 16.38 -45.11 11.94
N THR B 434 17.14 -46.08 12.44
CA THR B 434 17.26 -47.39 11.84
C THR B 434 16.94 -48.51 12.82
N ASP B 435 16.58 -48.19 14.04
CA ASP B 435 16.27 -49.21 15.04
C ASP B 435 15.00 -49.94 14.64
N PRO B 436 15.00 -51.27 14.62
CA PRO B 436 13.76 -52.00 14.32
C PRO B 436 12.63 -51.74 15.30
N LYS B 437 12.97 -51.51 16.58
CA LYS B 437 11.93 -51.30 17.59
C LYS B 437 11.11 -50.05 17.32
N LEU B 438 11.72 -49.04 16.71
CA LEU B 438 11.03 -47.81 16.34
C LEU B 438 10.28 -47.93 15.04
N LYS B 439 10.37 -49.07 14.35
CA LYS B 439 9.87 -49.20 12.99
C LYS B 439 8.47 -48.61 12.83
N ASP B 440 7.50 -49.16 13.57
CA ASP B 440 6.13 -48.68 13.45
C ASP B 440 6.06 -47.17 13.59
N ALA B 441 6.66 -46.65 14.66
CA ALA B 441 6.66 -45.21 14.87
C ALA B 441 7.25 -44.48 13.68
N ARG B 442 8.42 -44.91 13.22
CA ARG B 442 9.04 -44.27 12.07
C ARG B 442 8.13 -44.28 10.86
N GLU B 443 7.40 -45.38 10.65
CA GLU B 443 6.53 -45.42 9.48
C GLU B 443 5.41 -44.39 9.58
N ILE B 444 4.90 -44.15 10.78
CA ILE B 444 3.85 -43.14 10.92
C ILE B 444 4.39 -41.75 10.68
N LEU B 445 5.71 -41.57 10.72
CA LEU B 445 6.26 -40.29 10.32
C LEU B 445 6.49 -40.22 8.82
N LYS B 446 6.63 -41.37 8.17
CA LYS B 446 6.84 -41.38 6.74
C LYS B 446 5.53 -41.25 5.98
N GLN B 447 4.43 -41.77 6.53
CA GLN B 447 3.13 -41.55 5.91
C GLN B 447 2.76 -40.07 5.91
N ILE B 448 3.26 -39.31 6.88
CA ILE B 448 3.12 -37.87 6.86
C ILE B 448 3.93 -37.27 5.70
N GLU B 449 5.10 -37.84 5.42
CA GLU B 449 5.97 -37.33 4.37
C GLU B 449 5.51 -37.66 2.96
N TYR B 450 4.60 -38.62 2.79
CA TYR B 450 3.94 -38.86 1.53
C TYR B 450 2.61 -38.14 1.44
N ARG B 451 2.25 -37.35 2.45
CA ARG B 451 0.94 -36.75 2.59
C ARG B 451 -0.16 -37.77 2.62
N ASN B 452 0.14 -39.00 3.03
CA ASN B 452 -0.88 -40.05 3.12
C ASN B 452 -1.50 -40.03 4.52
N LEU B 453 -2.19 -38.93 4.81
CA LEU B 453 -2.73 -38.67 6.13
C LEU B 453 -4.04 -39.44 6.33
N PHE B 454 -4.51 -39.43 7.58
CA PHE B 454 -5.78 -40.04 7.90
C PHE B 454 -6.92 -39.08 7.57
N LYS B 455 -8.08 -39.66 7.27
CA LYS B 455 -9.24 -38.88 6.85
C LYS B 455 -10.13 -38.55 8.03
N TYR B 456 -10.68 -37.34 8.03
CA TYR B 456 -11.54 -36.86 9.10
C TYR B 456 -12.92 -37.46 8.94
N VAL B 457 -13.31 -38.36 9.84
CA VAL B 457 -14.62 -38.99 9.74
C VAL B 457 -15.72 -37.98 10.00
N GLY B 458 -15.51 -37.07 10.94
CA GLY B 458 -16.52 -36.07 11.21
C GLY B 458 -16.12 -35.15 12.35
N GLU B 459 -16.97 -34.15 12.59
CA GLU B 459 -16.78 -33.19 13.67
C GLU B 459 -18.11 -32.96 14.36
N THR B 460 -18.05 -32.70 15.67
CA THR B 460 -19.22 -32.44 16.48
C THR B 460 -18.83 -31.57 17.66
N GLN B 461 -19.81 -31.19 18.46
CA GLN B 461 -19.62 -30.39 19.65
C GLN B 461 -20.39 -31.00 20.81
N PRO B 462 -19.96 -30.73 22.04
CA PRO B 462 -20.72 -31.21 23.20
C PRO B 462 -21.96 -30.35 23.44
N THR B 463 -22.91 -30.95 24.15
CA THR B 463 -24.19 -30.31 24.44
C THR B 463 -24.26 -29.92 25.91
N GLY B 464 -24.66 -28.68 26.17
CA GLY B 464 -24.81 -28.20 27.53
C GLY B 464 -23.50 -27.97 28.24
N GLN B 465 -23.29 -28.68 29.35
CA GLN B 465 -22.08 -28.54 30.15
C GLN B 465 -21.23 -29.81 30.17
N ILE B 466 -21.61 -30.85 29.44
CA ILE B 466 -20.82 -32.07 29.40
C ILE B 466 -19.54 -31.80 28.61
N LYS B 467 -18.41 -32.24 29.16
CA LYS B 467 -17.12 -32.00 28.51
C LYS B 467 -16.18 -33.14 28.84
N ILE B 468 -15.10 -33.22 28.07
CA ILE B 468 -14.06 -34.23 28.26
C ILE B 468 -12.82 -33.53 28.80
N LYS B 469 -12.33 -34.00 29.93
CA LYS B 469 -11.17 -33.39 30.59
C LYS B 469 -9.88 -34.00 30.03
N ARG B 470 -8.75 -33.68 30.64
CA ARG B 470 -7.47 -34.20 30.19
C ARG B 470 -7.25 -35.65 30.59
N GLU B 471 -8.10 -36.20 31.46
CA GLU B 471 -7.94 -37.58 31.90
C GLU B 471 -8.78 -38.56 31.10
N ASP B 472 -9.89 -38.11 30.52
CA ASP B 472 -10.76 -38.97 29.75
C ASP B 472 -10.39 -39.02 28.28
N TYR B 473 -9.33 -38.32 27.87
CA TYR B 473 -8.94 -38.31 26.47
C TYR B 473 -8.55 -39.71 25.98
N GLU B 474 -7.84 -40.46 26.82
CA GLU B 474 -7.42 -41.81 26.42
C GLU B 474 -8.61 -42.75 26.29
N SER B 475 -9.62 -42.60 27.15
CA SER B 475 -10.79 -43.46 27.10
C SER B 475 -11.70 -43.14 25.93
N LEU B 476 -11.59 -41.94 25.36
CA LEU B 476 -12.45 -41.53 24.26
C LEU B 476 -12.31 -42.43 23.04
N PRO B 477 -11.11 -42.77 22.58
CA PRO B 477 -11.01 -43.66 21.40
C PRO B 477 -11.63 -45.03 21.63
N LYS B 478 -11.52 -45.58 22.83
CA LYS B 478 -12.11 -46.89 23.10
C LYS B 478 -13.63 -46.84 22.98
N GLU B 479 -14.24 -45.77 23.48
CA GLU B 479 -15.69 -45.61 23.31
C GLU B 479 -16.04 -45.36 21.85
N VAL B 480 -15.20 -44.64 21.13
CA VAL B 480 -15.46 -44.41 19.71
C VAL B 480 -15.48 -45.74 18.96
N ALA B 481 -14.52 -46.60 19.27
CA ALA B 481 -14.50 -47.94 18.71
C ALA B 481 -15.58 -48.83 19.28
N SER B 482 -16.27 -48.37 20.34
CA SER B 482 -17.27 -49.19 21.01
C SER B 482 -18.67 -48.97 20.45
N ALA B 483 -18.80 -48.18 19.39
CA ALA B 483 -20.11 -47.95 18.78
C ALA B 483 -20.67 -49.25 18.22
N LYS B 484 -21.99 -49.40 18.31
CA LYS B 484 -22.69 -50.60 17.86
C LYS B 484 -23.89 -50.19 17.00
N PRO B 485 -23.63 -49.63 15.81
CA PRO B 485 -24.73 -49.25 14.93
C PRO B 485 -25.56 -50.46 14.52
N LYS B 486 -26.88 -50.26 14.40
CA LYS B 486 -27.77 -51.34 14.03
C LYS B 486 -27.85 -51.49 12.51
N VAL B 487 -26.68 -51.58 11.87
CA VAL B 487 -26.59 -51.75 10.43
C VAL B 487 -25.52 -52.78 10.14
N LEU B 488 -25.52 -53.29 8.90
CA LEU B 488 -24.52 -54.26 8.47
C LEU B 488 -23.24 -53.50 8.17
N LEU B 489 -22.38 -53.37 9.17
CA LEU B 489 -21.10 -52.67 9.04
C LEU B 489 -20.03 -53.70 8.73
N ASP B 490 -19.54 -53.70 7.49
CA ASP B 490 -18.55 -54.67 7.06
C ASP B 490 -17.15 -54.38 7.61
N VAL B 491 -16.92 -53.18 8.12
CA VAL B 491 -15.62 -52.80 8.66
C VAL B 491 -15.63 -53.06 10.16
N LYS B 492 -14.69 -53.88 10.61
CA LYS B 492 -14.54 -54.16 12.04
C LYS B 492 -13.50 -53.21 12.63
N LEU B 493 -13.88 -51.94 12.68
CA LEU B 493 -12.97 -50.90 13.15
C LEU B 493 -12.74 -51.05 14.65
N LYS B 494 -11.48 -51.05 15.04
CA LYS B 494 -11.07 -51.15 16.43
C LYS B 494 -10.52 -49.80 16.89
N ALA B 495 -9.98 -49.77 18.12
CA ALA B 495 -9.40 -48.55 18.64
C ALA B 495 -8.24 -48.08 17.78
N GLU B 496 -7.50 -49.01 17.17
CA GLU B 496 -6.44 -48.66 16.24
C GLU B 496 -6.97 -48.18 14.89
N ASP B 497 -8.27 -48.34 14.64
CA ASP B 497 -8.88 -47.92 13.38
C ASP B 497 -9.62 -46.59 13.48
N PHE B 498 -9.46 -45.87 14.58
CA PHE B 498 -10.11 -44.58 14.75
C PHE B 498 -9.29 -43.72 15.70
N ILE B 499 -9.56 -42.42 15.65
CA ILE B 499 -8.90 -41.45 16.54
C ILE B 499 -9.91 -40.36 16.86
N VAL B 500 -9.88 -39.89 18.10
CA VAL B 500 -10.80 -38.87 18.59
C VAL B 500 -9.96 -37.74 19.18
N ASP B 501 -9.98 -36.58 18.51
CA ASP B 501 -9.24 -35.41 18.97
C ASP B 501 -10.23 -34.43 19.60
N VAL B 502 -10.01 -34.12 20.87
CA VAL B 502 -10.82 -33.14 21.58
C VAL B 502 -10.11 -31.80 21.45
N ILE B 503 -10.54 -31.01 20.47
CA ILE B 503 -9.93 -29.71 20.18
C ILE B 503 -10.62 -28.71 21.10
N ASN B 504 -10.10 -28.59 22.32
CA ASN B 504 -10.65 -27.69 23.32
C ASN B 504 -10.40 -26.25 22.87
N MET B 505 -11.47 -25.53 22.52
CA MET B 505 -11.30 -24.13 22.14
C MET B 505 -10.90 -23.31 23.35
N ASP B 506 -9.84 -22.52 23.19
CA ASP B 506 -9.33 -21.72 24.31
C ASP B 506 -10.39 -20.74 24.78
N TYR B 507 -10.56 -20.66 26.10
CA TYR B 507 -11.54 -19.77 26.69
C TYR B 507 -11.11 -18.31 26.56
N ASN B 513 -14.37 -11.74 25.14
CA ASN B 513 -15.47 -10.82 24.91
C ASN B 513 -14.95 -9.43 24.61
N PRO B 514 -15.60 -8.73 23.69
CA PRO B 514 -15.17 -7.35 23.39
C PRO B 514 -15.16 -6.46 24.61
N ILE B 515 -16.11 -6.66 25.52
CA ILE B 515 -16.11 -5.92 26.78
C ILE B 515 -15.36 -6.75 27.82
N ASP B 516 -15.90 -7.92 28.13
CA ASP B 516 -15.35 -8.77 29.20
C ASP B 516 -15.01 -7.93 30.42
N HIS B 517 -13.79 -8.07 30.93
CA HIS B 517 -13.28 -7.17 31.96
C HIS B 517 -12.71 -5.94 31.28
N VAL B 518 -13.62 -5.09 30.81
CA VAL B 518 -13.28 -3.92 30.02
C VAL B 518 -12.57 -2.88 30.87
N SER B 519 -12.02 -1.87 30.22
CA SER B 519 -11.27 -0.81 30.87
C SER B 519 -11.80 0.53 30.40
N PHE B 520 -11.57 1.57 31.21
CA PHE B 520 -12.13 2.89 30.90
C PHE B 520 -11.19 3.97 31.43
N TYR B 521 -10.31 4.47 30.57
CA TYR B 521 -9.47 5.61 30.90
C TYR B 521 -10.08 6.89 30.34
N CYS B 522 -11.30 7.19 30.78
CA CYS B 522 -12.04 8.31 30.24
C CYS B 522 -11.31 9.63 30.52
N LYS B 523 -11.34 10.52 29.55
CA LYS B 523 -10.61 11.79 29.67
C LYS B 523 -11.14 12.60 30.83
N THR B 524 -10.24 13.33 31.48
CA THR B 524 -10.52 14.17 32.65
C THR B 524 -11.07 13.37 33.83
N ALA B 525 -11.00 12.04 33.76
CA ALA B 525 -11.49 11.15 34.82
C ALA B 525 -10.40 10.14 35.14
N PRO B 526 -9.29 10.60 35.73
CA PRO B 526 -8.18 9.68 36.03
C PRO B 526 -8.42 8.79 37.24
N ASN B 527 -9.63 8.75 37.76
CA ASN B 527 -9.99 7.91 38.89
C ASN B 527 -11.21 7.04 38.62
N ARG B 528 -12.18 7.54 37.87
CA ARG B 528 -13.46 6.86 37.66
C ARG B 528 -13.41 6.14 36.31
N ALA B 529 -13.17 4.82 36.36
CA ALA B 529 -13.15 3.98 35.18
C ALA B 529 -14.50 3.32 34.92
N ILE B 530 -15.57 4.14 34.85
CA ILE B 530 -16.93 3.63 34.80
C ILE B 530 -17.47 3.50 33.38
N ARG B 531 -16.67 3.81 32.37
CA ARG B 531 -17.14 3.84 30.99
C ARG B 531 -17.27 2.45 30.36
N ILE B 532 -17.23 1.37 31.15
CA ILE B 532 -17.27 0.03 30.58
C ILE B 532 -18.68 -0.27 30.09
N THR B 533 -18.88 -0.13 28.78
CA THR B 533 -20.19 -0.37 28.17
C THR B 533 -20.16 -1.49 27.14
N LYS B 534 -19.25 -1.44 26.19
CA LYS B 534 -19.18 -2.45 25.12
C LYS B 534 -17.75 -2.92 24.89
N GLU B 547 -16.46 -23.50 22.25
CA GLU B 547 -16.55 -24.40 23.39
C GLU B 547 -15.47 -25.47 23.34
N GLN B 548 -15.86 -26.67 22.89
CA GLN B 548 -14.94 -27.79 22.75
C GLN B 548 -15.39 -28.62 21.56
N LEU B 549 -14.58 -28.64 20.50
CA LEU B 549 -14.92 -29.42 19.32
C LEU B 549 -14.34 -30.83 19.44
N ILE B 550 -14.99 -31.79 18.81
CA ILE B 550 -14.53 -33.18 18.83
C ILE B 550 -14.49 -33.67 17.40
N ARG B 551 -13.31 -34.07 16.94
CA ARG B 551 -13.09 -34.53 15.57
C ARG B 551 -12.69 -36.00 15.57
N VAL B 552 -13.43 -36.81 14.81
CA VAL B 552 -13.16 -38.24 14.69
C VAL B 552 -12.55 -38.48 13.33
N TYR B 553 -11.42 -39.19 13.32
CA TYR B 553 -10.67 -39.51 12.11
C TYR B 553 -10.46 -41.01 12.01
N CYS B 554 -10.23 -41.50 10.78
CA CYS B 554 -10.10 -42.92 10.51
C CYS B 554 -8.72 -43.22 9.94
N LYS B 555 -8.08 -44.27 10.46
CA LYS B 555 -6.74 -44.62 9.99
C LYS B 555 -6.77 -45.27 8.61
N LYS B 556 -7.71 -46.18 8.37
CA LYS B 556 -7.80 -46.82 7.07
C LYS B 556 -8.30 -45.81 6.02
N VAL B 557 -8.02 -46.12 4.77
CA VAL B 557 -8.29 -45.20 3.67
C VAL B 557 -9.29 -45.74 2.67
N ASP B 558 -9.83 -46.94 2.88
CA ASP B 558 -10.82 -47.47 1.97
C ASP B 558 -12.10 -46.64 2.01
N ARG B 559 -12.74 -46.49 0.84
CA ARG B 559 -13.96 -45.68 0.76
C ARG B 559 -15.07 -46.28 1.61
N LYS B 560 -15.26 -47.60 1.52
CA LYS B 560 -16.23 -48.27 2.39
C LYS B 560 -15.84 -48.11 3.85
N SER B 561 -14.55 -48.18 4.14
CA SER B 561 -14.08 -47.94 5.50
C SER B 561 -14.40 -46.51 5.95
N LEU B 562 -14.26 -45.54 5.05
CA LEU B 562 -14.60 -44.16 5.40
C LEU B 562 -16.09 -44.00 5.69
N TYR B 563 -16.94 -44.64 4.88
CA TYR B 563 -18.38 -44.58 5.14
C TYR B 563 -18.72 -45.24 6.47
N ALA B 564 -18.10 -46.40 6.75
CA ALA B 564 -18.33 -47.08 8.02
C ALA B 564 -17.86 -46.24 9.19
N ALA B 565 -16.73 -45.55 9.03
CA ALA B 565 -16.24 -44.67 10.09
C ALA B 565 -17.19 -43.51 10.33
N ARG B 566 -17.75 -42.94 9.26
CA ARG B 566 -18.72 -41.86 9.44
C ARG B 566 -19.97 -42.36 10.18
N GLN B 567 -20.45 -43.55 9.80
CA GLN B 567 -21.61 -44.12 10.49
C GLN B 567 -21.30 -44.40 11.96
N TYR B 568 -20.12 -44.94 12.24
CA TYR B 568 -19.72 -45.22 13.61
C TYR B 568 -19.61 -43.95 14.42
N PHE B 569 -19.06 -42.87 13.83
CA PHE B 569 -18.97 -41.60 14.52
C PHE B 569 -20.36 -41.04 14.83
N VAL B 570 -21.29 -41.15 13.88
CA VAL B 570 -22.65 -40.67 14.14
C VAL B 570 -23.28 -41.46 15.28
N GLN B 571 -23.11 -42.78 15.28
CA GLN B 571 -23.69 -43.60 16.34
C GLN B 571 -23.07 -43.27 17.71
N TRP B 572 -21.75 -43.08 17.75
CA TRP B 572 -21.09 -42.74 19.01
C TRP B 572 -21.52 -41.38 19.52
N CYS B 573 -21.67 -40.40 18.62
CA CYS B 573 -22.14 -39.09 19.04
C CYS B 573 -23.56 -39.15 19.56
N ALA B 574 -24.40 -39.97 18.93
CA ALA B 574 -25.77 -40.14 19.42
C ALA B 574 -25.79 -40.79 20.80
N ASP B 575 -24.96 -41.83 20.99
CA ASP B 575 -24.94 -42.53 22.27
C ASP B 575 -24.47 -41.62 23.40
N ARG B 576 -23.46 -40.79 23.15
CA ARG B 576 -22.90 -39.92 24.16
C ARG B 576 -23.69 -38.63 24.35
N ASN B 577 -24.94 -38.58 23.87
CA ASN B 577 -25.80 -37.40 23.95
C ASN B 577 -25.16 -36.16 23.33
N PHE B 578 -24.13 -36.35 22.52
CA PHE B 578 -23.46 -35.25 21.86
C PHE B 578 -24.34 -34.68 20.74
N THR B 579 -23.95 -33.52 20.25
CA THR B 579 -24.71 -32.88 19.17
C THR B 579 -24.63 -33.72 17.91
N LYS B 580 -25.75 -33.87 17.23
CA LYS B 580 -25.77 -34.56 15.96
C LYS B 580 -24.96 -33.78 14.93
N PRO B 581 -24.11 -34.42 14.15
CA PRO B 581 -23.31 -33.69 13.17
C PRO B 581 -24.18 -33.11 12.06
N GLN B 582 -23.65 -32.05 11.43
CA GLN B 582 -24.36 -31.42 10.33
C GLN B 582 -24.55 -32.39 9.17
N ASP B 583 -23.52 -33.20 8.89
CA ASP B 583 -23.59 -34.25 7.88
C ASP B 583 -23.78 -35.63 8.50
N GLY B 584 -24.39 -35.68 9.69
CA GLY B 584 -24.62 -36.96 10.34
C GLY B 584 -25.57 -37.85 9.56
N ASP B 585 -26.65 -37.27 9.03
CA ASP B 585 -27.66 -38.03 8.30
C ASP B 585 -27.17 -38.50 6.94
N VAL B 586 -26.02 -38.02 6.47
CA VAL B 586 -25.50 -38.45 5.17
C VAL B 586 -25.15 -39.93 5.18
N ILE B 587 -24.59 -40.42 6.29
CA ILE B 587 -24.15 -41.79 6.39
C ILE B 587 -25.00 -42.53 7.42
N ALA B 588 -26.26 -42.11 7.56
CA ALA B 588 -27.18 -42.66 8.55
C ALA B 588 -28.47 -43.09 7.88
N PRO B 589 -28.42 -44.17 7.08
CA PRO B 589 -29.64 -44.68 6.45
C PRO B 589 -30.38 -45.76 7.24
N LEU B 590 -29.74 -46.35 8.25
CA LEU B 590 -30.33 -47.45 9.00
C LEU B 590 -30.61 -47.11 10.47
N ILE B 591 -29.60 -46.64 11.20
CA ILE B 591 -29.75 -46.39 12.63
C ILE B 591 -30.40 -45.04 12.94
N THR B 592 -30.64 -44.21 11.93
CA THR B 592 -31.26 -42.91 12.16
C THR B 592 -32.67 -43.04 12.75
N PRO B 593 -33.55 -43.89 12.23
CA PRO B 593 -34.89 -44.01 12.82
C PRO B 593 -34.89 -44.53 14.24
N GLN B 594 -33.82 -45.22 14.67
CA GLN B 594 -33.78 -45.75 16.04
C GLN B 594 -33.78 -44.63 17.07
N LYS B 595 -33.04 -43.55 16.81
CA LYS B 595 -32.91 -42.46 17.77
C LYS B 595 -34.04 -41.46 17.55
N LYS B 596 -34.91 -41.31 18.55
CA LYS B 596 -36.01 -40.37 18.46
C LYS B 596 -35.52 -38.93 18.45
N GLU B 597 -34.51 -38.63 19.27
CA GLU B 597 -34.00 -37.26 19.36
C GLU B 597 -33.28 -36.85 18.08
N TRP B 598 -32.70 -37.81 17.36
CA TRP B 598 -31.98 -37.48 16.13
C TRP B 598 -32.92 -36.90 15.07
N ASN B 599 -34.11 -37.49 14.93
CA ASN B 599 -35.07 -37.02 13.94
C ASN B 599 -35.75 -35.72 14.35
N ASP B 600 -35.62 -35.30 15.62
CA ASP B 600 -36.23 -34.07 16.09
C ASP B 600 -35.37 -32.89 15.67
N SER B 601 -35.80 -32.17 14.63
CA SER B 601 -35.04 -31.03 14.16
C SER B 601 -35.05 -29.89 15.17
N THR B 602 -36.16 -29.71 15.88
CA THR B 602 -36.27 -28.66 16.88
C THR B 602 -35.43 -28.97 18.10
N MET C 115 -2.97 28.04 13.22
CA MET C 115 -2.66 26.81 12.50
C MET C 115 -3.94 26.05 12.15
N LYS C 116 -4.12 25.78 10.86
CA LYS C 116 -5.28 25.04 10.36
C LYS C 116 -4.82 23.95 9.42
N VAL C 117 -5.55 22.83 9.43
CA VAL C 117 -5.20 21.65 8.67
C VAL C 117 -6.34 21.32 7.70
N ILE C 118 -5.98 21.05 6.44
CA ILE C 118 -6.94 20.72 5.40
C ILE C 118 -6.52 19.42 4.75
N ASN C 119 -7.50 18.74 4.15
CA ASN C 119 -7.29 17.43 3.54
C ASN C 119 -7.36 17.55 2.02
N ASP C 120 -6.36 17.01 1.35
CA ASP C 120 -6.27 17.01 -0.10
C ASP C 120 -6.05 15.60 -0.63
N PRO C 121 -6.44 15.33 -1.88
CA PRO C 121 -6.26 13.98 -2.43
C PRO C 121 -4.81 13.52 -2.46
N ILE C 122 -3.86 14.41 -2.67
CA ILE C 122 -2.45 14.07 -2.79
C ILE C 122 -1.60 14.69 -1.69
N HIS C 123 -1.85 15.96 -1.36
CA HIS C 123 -1.02 16.63 -0.36
C HIS C 123 -1.18 16.00 1.02
N GLY C 124 -2.40 15.67 1.40
CA GLY C 124 -2.65 15.09 2.71
C GLY C 124 -2.97 16.13 3.76
N HIS C 125 -1.98 16.46 4.59
CA HIS C 125 -2.15 17.44 5.64
C HIS C 125 -1.69 18.82 5.16
N ILE C 126 -2.46 19.85 5.53
CA ILE C 126 -2.18 21.21 5.07
C ILE C 126 -1.95 22.13 6.26
N GLU C 127 -1.41 21.58 7.35
CA GLU C 127 -1.10 22.40 8.51
C GLU C 127 0.05 23.35 8.21
N LEU C 128 0.06 24.49 8.91
CA LEU C 128 1.10 25.49 8.71
C LEU C 128 1.21 26.33 9.98
N HIS C 129 2.01 27.39 9.92
CA HIS C 129 2.21 28.28 11.05
C HIS C 129 1.01 29.20 11.23
N PRO C 130 0.83 29.77 12.42
CA PRO C 130 -0.33 30.65 12.63
C PRO C 130 -0.37 31.84 11.68
N LEU C 131 0.77 32.44 11.37
CA LEU C 131 0.80 33.53 10.40
C LEU C 131 0.45 33.04 9.00
N LEU C 132 1.04 31.90 8.60
CA LEU C 132 0.71 31.30 7.31
C LEU C 132 -0.76 30.89 7.27
N VAL C 133 -1.28 30.38 8.38
CA VAL C 133 -2.70 30.01 8.44
C VAL C 133 -3.58 31.24 8.26
N ARG C 134 -3.21 32.34 8.91
CA ARG C 134 -4.00 33.57 8.80
C ARG C 134 -3.94 34.13 7.38
N ILE C 135 -2.78 34.06 6.73
CA ILE C 135 -2.62 34.63 5.39
C ILE C 135 -3.09 33.71 4.28
N ILE C 136 -3.31 32.42 4.57
CA ILE C 136 -3.69 31.47 3.53
C ILE C 136 -5.09 31.77 3.02
N ASP C 137 -6.04 32.01 3.93
CA ASP C 137 -7.43 32.27 3.56
C ASP C 137 -7.53 33.72 3.09
N THR C 138 -7.10 33.95 1.86
CA THR C 138 -7.06 35.27 1.26
C THR C 138 -7.67 35.22 -0.13
N PRO C 139 -8.16 36.34 -0.64
CA PRO C 139 -8.73 36.36 -1.99
C PRO C 139 -7.71 36.65 -3.06
N GLN C 140 -6.54 37.17 -2.66
CA GLN C 140 -5.48 37.44 -3.63
C GLN C 140 -4.96 36.17 -4.27
N PHE C 141 -4.80 35.11 -3.47
CA PHE C 141 -4.45 33.80 -3.98
C PHE C 141 -5.67 32.95 -4.29
N GLN C 142 -6.87 33.51 -4.14
CA GLN C 142 -8.07 32.80 -4.55
C GLN C 142 -8.22 32.79 -6.07
N ARG C 143 -7.67 33.80 -6.75
CA ARG C 143 -7.67 33.79 -8.20
C ARG C 143 -6.91 32.59 -8.75
N LEU C 144 -6.01 32.00 -7.95
CA LEU C 144 -5.41 30.73 -8.32
C LEU C 144 -6.47 29.64 -8.41
N ARG C 145 -7.42 29.64 -7.46
CA ARG C 145 -8.52 28.68 -7.47
C ARG C 145 -9.50 28.93 -8.61
N TYR C 146 -9.45 30.11 -9.22
CA TYR C 146 -10.34 30.47 -10.31
C TYR C 146 -9.70 30.35 -11.68
N ILE C 147 -8.44 29.94 -11.75
CA ILE C 147 -7.76 29.69 -13.01
C ILE C 147 -7.14 28.30 -12.93
N LYS C 148 -7.50 27.44 -13.88
CA LYS C 148 -7.07 26.05 -13.84
C LYS C 148 -5.57 25.95 -14.11
N GLN C 149 -4.87 25.24 -13.22
CA GLN C 149 -3.45 24.97 -13.47
C GLN C 149 -3.28 24.11 -14.71
N LEU C 150 -4.18 23.14 -14.92
CA LEU C 150 -4.15 22.34 -16.12
C LEU C 150 -4.45 23.15 -17.37
N GLY C 151 -5.08 24.32 -17.22
CA GLY C 151 -5.33 25.18 -18.36
C GLY C 151 -6.15 24.53 -19.45
N GLY C 152 -5.49 24.21 -20.57
CA GLY C 152 -6.13 23.46 -21.63
C GLY C 152 -6.47 22.03 -21.28
N GLY C 153 -6.23 21.61 -20.04
CA GLY C 153 -6.61 20.28 -19.59
C GLY C 153 -8.10 20.10 -19.41
N TYR C 154 -8.85 21.20 -19.26
CA TYR C 154 -10.31 21.09 -19.22
C TYR C 154 -10.83 20.50 -20.52
N TYR C 155 -10.27 20.92 -21.65
CA TYR C 155 -10.58 20.31 -22.94
C TYR C 155 -9.77 19.07 -23.21
N VAL C 156 -8.96 18.61 -22.25
CA VAL C 156 -8.14 17.41 -22.43
C VAL C 156 -8.50 16.37 -21.38
N PHE C 157 -8.31 16.72 -20.11
CA PHE C 157 -8.55 15.78 -19.01
C PHE C 157 -9.97 15.92 -18.50
N PRO C 158 -10.80 14.88 -18.62
CA PRO C 158 -12.16 14.97 -18.05
C PRO C 158 -12.18 15.08 -16.54
N GLY C 159 -11.12 14.67 -15.85
CA GLY C 159 -11.10 14.73 -14.41
C GLY C 159 -10.28 15.87 -13.85
N ALA C 160 -9.13 16.14 -14.46
CA ALA C 160 -8.17 17.11 -13.92
C ALA C 160 -8.67 18.53 -14.22
N SER C 161 -9.62 18.98 -13.42
CA SER C 161 -10.10 20.34 -13.45
C SER C 161 -9.50 21.18 -12.33
N HIS C 162 -8.46 20.68 -11.67
CA HIS C 162 -7.87 21.39 -10.54
C HIS C 162 -7.32 22.73 -10.99
N ASN C 163 -7.44 23.72 -10.10
CA ASN C 163 -6.98 25.06 -10.37
C ASN C 163 -5.66 25.31 -9.66
N ARG C 164 -5.08 26.49 -9.89
CA ARG C 164 -3.76 26.80 -9.37
C ARG C 164 -3.71 26.82 -7.85
N PHE C 165 -4.86 26.91 -7.17
CA PHE C 165 -4.84 26.92 -5.71
C PHE C 165 -4.36 25.59 -5.16
N GLU C 166 -4.91 24.48 -5.67
CA GLU C 166 -4.50 23.17 -5.17
C GLU C 166 -3.02 22.91 -5.45
N HIS C 167 -2.58 23.23 -6.67
CA HIS C 167 -1.17 23.02 -7.03
C HIS C 167 -0.24 23.88 -6.18
N SER C 168 -0.60 25.16 -5.99
CA SER C 168 0.22 26.07 -5.20
C SER C 168 0.26 25.64 -3.74
N LEU C 169 -0.88 25.22 -3.18
CA LEU C 169 -0.91 24.77 -1.80
C LEU C 169 -0.07 23.51 -1.62
N GLY C 170 -0.16 22.58 -2.58
CA GLY C 170 0.68 21.39 -2.51
C GLY C 170 2.16 21.74 -2.60
N VAL C 171 2.51 22.67 -3.49
CA VAL C 171 3.91 23.08 -3.63
C VAL C 171 4.41 23.70 -2.34
N GLY C 172 3.62 24.59 -1.74
CA GLY C 172 4.03 25.22 -0.50
C GLY C 172 4.16 24.23 0.65
N TYR C 173 3.18 23.32 0.77
CA TYR C 173 3.25 22.32 1.83
C TYR C 173 4.43 21.39 1.65
N LEU C 174 4.70 20.98 0.40
CA LEU C 174 5.85 20.12 0.15
C LEU C 174 7.16 20.84 0.44
N ALA C 175 7.26 22.12 0.08
CA ALA C 175 8.46 22.88 0.40
C ALA C 175 8.64 23.00 1.91
N GLY C 176 7.55 23.24 2.63
CA GLY C 176 7.65 23.31 4.09
C GLY C 176 8.03 21.99 4.71
N CYS C 177 7.48 20.89 4.21
CA CYS C 177 7.84 19.56 4.71
C CYS C 177 9.31 19.26 4.44
N LEU C 178 9.79 19.62 3.25
CA LEU C 178 11.21 19.42 2.94
C LEU C 178 12.10 20.26 3.85
N VAL C 179 11.69 21.50 4.12
CA VAL C 179 12.47 22.35 5.01
C VAL C 179 12.50 21.77 6.41
N HIS C 180 11.36 21.27 6.89
CA HIS C 180 11.32 20.67 8.21
C HIS C 180 12.19 19.42 8.28
N ALA C 181 12.14 18.58 7.24
CA ALA C 181 12.97 17.38 7.22
C ALA C 181 14.45 17.73 7.21
N LEU C 182 14.83 18.75 6.42
CA LEU C 182 16.22 19.18 6.39
C LEU C 182 16.67 19.74 7.73
N GLY C 183 15.80 20.52 8.39
CA GLY C 183 16.16 21.08 9.68
C GLY C 183 16.21 20.05 10.79
N GLU C 184 15.45 18.96 10.64
CA GLU C 184 15.46 17.91 11.66
C GLU C 184 16.64 16.96 11.46
N LYS C 185 16.80 16.41 10.27
CA LYS C 185 17.87 15.45 10.02
C LYS C 185 19.23 16.13 9.94
N GLN C 186 19.28 17.39 9.52
CA GLN C 186 20.53 18.13 9.38
C GLN C 186 20.40 19.44 10.14
N PRO C 187 20.55 19.41 11.47
CA PRO C 187 20.45 20.64 12.26
C PRO C 187 21.62 21.60 12.10
N GLU C 188 22.66 21.21 11.35
CA GLU C 188 23.80 22.09 11.15
C GLU C 188 23.45 23.34 10.37
N LEU C 189 22.34 23.32 9.61
CA LEU C 189 21.93 24.51 8.88
C LEU C 189 21.53 25.64 9.82
N GLN C 190 21.01 25.31 11.00
CA GLN C 190 20.62 26.30 12.01
C GLN C 190 19.62 27.30 11.45
N ILE C 191 18.69 26.82 10.62
CA ILE C 191 17.63 27.65 10.08
C ILE C 191 16.46 27.62 11.06
N SER C 192 16.09 28.78 11.58
CA SER C 192 15.06 28.87 12.61
C SER C 192 13.67 28.78 11.99
N GLU C 193 12.65 28.92 12.84
CA GLU C 193 11.28 28.88 12.36
C GLU C 193 10.95 30.04 11.43
N ARG C 194 11.68 31.15 11.54
CA ARG C 194 11.47 32.26 10.62
C ARG C 194 11.79 31.86 9.19
N ASP C 195 12.84 31.06 9.00
CA ASP C 195 13.17 30.59 7.65
C ASP C 195 12.06 29.72 7.08
N VAL C 196 11.50 28.82 7.90
CA VAL C 196 10.42 27.96 7.43
C VAL C 196 9.17 28.77 7.13
N LEU C 197 8.88 29.77 7.96
CA LEU C 197 7.73 30.64 7.70
C LEU C 197 7.91 31.41 6.40
N CYS C 198 9.12 31.93 6.16
CA CYS C 198 9.38 32.63 4.90
C CYS C 198 9.28 31.68 3.71
N VAL C 199 9.77 30.46 3.85
CA VAL C 199 9.67 29.48 2.77
C VAL C 199 8.20 29.17 2.46
N GLN C 200 7.39 29.01 3.51
CA GLN C 200 5.96 28.76 3.30
C GLN C 200 5.28 29.95 2.64
N ILE C 201 5.61 31.16 3.08
CA ILE C 201 5.01 32.36 2.49
C ILE C 201 5.40 32.50 1.03
N ALA C 202 6.64 32.13 0.69
CA ALA C 202 7.08 32.19 -0.70
C ALA C 202 6.42 31.11 -1.54
N GLY C 203 6.30 29.89 -1.01
CA GLY C 203 5.67 28.81 -1.74
C GLY C 203 4.18 28.98 -1.90
N LEU C 204 3.55 29.80 -1.05
CA LEU C 204 2.13 30.09 -1.21
C LEU C 204 1.82 30.85 -2.49
N CYS C 205 2.83 31.40 -3.16
CA CYS C 205 2.67 32.16 -4.39
C CYS C 205 3.58 31.59 -5.48
N HIS C 206 3.56 30.26 -5.63
CA HIS C 206 4.41 29.61 -6.62
C HIS C 206 4.04 30.05 -8.04
N ASP C 207 2.75 30.14 -8.34
CA ASP C 207 2.26 30.58 -9.64
C ASP C 207 1.13 31.59 -9.46
N LEU C 208 1.33 32.56 -8.59
CA LEU C 208 0.31 33.57 -8.28
C LEU C 208 0.41 34.80 -9.16
N GLY C 209 0.94 34.66 -10.37
CA GLY C 209 1.04 35.79 -11.27
C GLY C 209 0.79 35.43 -12.71
N HIS C 210 0.20 34.27 -12.95
CA HIS C 210 -0.12 33.84 -14.31
C HIS C 210 -1.35 34.62 -14.78
N GLY C 211 -1.86 34.26 -15.96
CA GLY C 211 -3.04 34.90 -16.49
C GLY C 211 -4.20 33.94 -16.58
N PRO C 212 -5.27 34.36 -17.25
CA PRO C 212 -6.42 33.47 -17.41
C PRO C 212 -6.02 32.20 -18.14
N PHE C 213 -6.57 31.07 -17.68
CA PHE C 213 -6.29 29.75 -18.21
C PHE C 213 -4.82 29.35 -18.07
N SER C 214 -4.08 30.05 -17.20
CA SER C 214 -2.73 29.67 -16.83
C SER C 214 -1.80 29.49 -18.02
N HIS C 215 -1.63 28.23 -18.45
CA HIS C 215 -0.65 27.90 -19.48
C HIS C 215 -0.91 28.62 -20.79
N MET C 216 -2.15 29.07 -21.03
CA MET C 216 -2.43 29.79 -22.25
C MET C 216 -1.88 31.22 -22.22
N PHE C 217 -1.80 31.82 -21.03
CA PHE C 217 -1.47 33.24 -20.95
C PHE C 217 0.01 33.48 -21.24
N ASP C 218 0.89 32.93 -20.41
CA ASP C 218 2.32 33.14 -20.61
C ASP C 218 2.86 32.42 -21.83
N GLY C 219 2.15 31.41 -22.31
CA GLY C 219 2.61 30.65 -23.46
C GLY C 219 1.98 31.05 -24.77
N ARG C 220 0.75 31.55 -24.74
CA ARG C 220 0.06 31.92 -25.97
C ARG C 220 -0.51 33.33 -25.96
N PHE C 221 -1.00 33.81 -24.83
CA PHE C 221 -1.64 35.12 -24.77
C PHE C 221 -0.62 36.24 -24.54
N ILE C 222 0.13 36.16 -23.44
CA ILE C 222 1.22 37.12 -23.23
C ILE C 222 2.23 37.05 -24.35
N PRO C 223 2.60 35.87 -24.87
CA PRO C 223 3.59 35.82 -25.96
C PRO C 223 3.14 36.49 -27.24
N LEU C 224 1.84 36.74 -27.41
CA LEU C 224 1.32 37.31 -28.65
C LEU C 224 0.74 38.70 -28.49
N ALA C 225 0.19 39.03 -27.32
CA ALA C 225 -0.46 40.33 -27.16
C ALA C 225 0.54 41.47 -27.30
N ARG C 226 1.72 41.33 -26.71
CA ARG C 226 2.75 42.39 -26.72
C ARG C 226 4.07 41.80 -27.17
N PRO C 227 4.30 41.69 -28.49
CA PRO C 227 5.63 41.28 -28.96
C PRO C 227 6.72 42.23 -28.53
N GLU C 228 6.43 43.53 -28.41
CA GLU C 228 7.41 44.50 -27.98
C GLU C 228 7.69 44.46 -26.48
N VAL C 229 6.88 43.75 -25.71
CA VAL C 229 7.08 43.60 -24.27
C VAL C 229 7.05 42.10 -23.98
N LYS C 230 8.22 41.47 -24.00
CA LYS C 230 8.34 40.04 -23.74
C LYS C 230 8.53 39.81 -22.25
N TRP C 231 7.60 39.09 -21.64
CA TRP C 231 7.67 38.79 -20.22
C TRP C 231 6.85 37.53 -19.94
N THR C 232 7.33 36.72 -19.02
CA THR C 232 6.70 35.46 -18.66
C THR C 232 6.00 35.60 -17.31
N HIS C 233 5.49 34.48 -16.81
CA HIS C 233 4.78 34.48 -15.55
C HIS C 233 5.67 34.74 -14.35
N GLU C 234 6.99 34.74 -14.52
CA GLU C 234 7.88 34.96 -13.37
C GLU C 234 7.83 36.41 -12.90
N GLN C 235 8.08 37.36 -13.81
CA GLN C 235 8.02 38.77 -13.45
C GLN C 235 6.61 39.17 -13.03
N GLY C 236 5.61 38.64 -13.74
CA GLY C 236 4.23 38.87 -13.34
C GLY C 236 3.93 38.36 -11.95
N SER C 237 4.45 37.17 -11.62
CA SER C 237 4.24 36.62 -10.29
C SER C 237 4.91 37.48 -9.23
N VAL C 238 6.12 37.96 -9.49
CA VAL C 238 6.80 38.81 -8.52
C VAL C 238 6.00 40.09 -8.30
N MET C 239 5.58 40.72 -9.39
CA MET C 239 4.84 41.98 -9.26
C MET C 239 3.49 41.77 -8.56
N MET C 240 2.78 40.69 -8.92
CA MET C 240 1.49 40.42 -8.30
C MET C 240 1.63 40.11 -6.82
N PHE C 241 2.66 39.32 -6.45
CA PHE C 241 2.87 39.04 -5.03
C PHE C 241 3.23 40.30 -4.27
N GLU C 242 4.05 41.17 -4.85
CA GLU C 242 4.38 42.43 -4.19
C GLU C 242 3.13 43.28 -4.00
N HIS C 243 2.28 43.36 -5.01
CA HIS C 243 1.06 44.15 -4.89
C HIS C 243 0.12 43.56 -3.84
N LEU C 244 0.00 42.23 -3.81
CA LEU C 244 -0.86 41.58 -2.82
C LEU C 244 -0.34 41.80 -1.41
N ILE C 245 0.98 41.74 -1.23
CA ILE C 245 1.57 41.99 0.08
C ILE C 245 1.34 43.43 0.49
N ASN C 246 1.47 44.37 -0.45
CA ASN C 246 1.23 45.77 -0.14
C ASN C 246 -0.23 46.01 0.24
N SER C 247 -1.15 45.34 -0.45
CA SER C 247 -2.58 45.54 -0.18
C SER C 247 -3.02 44.85 1.11
N ASN C 248 -2.41 43.73 1.47
CA ASN C 248 -2.81 43.01 2.68
C ASN C 248 -2.47 43.82 3.93
N GLY C 249 -1.34 44.49 3.94
CA GLY C 249 -0.89 45.22 5.11
C GLY C 249 -0.60 44.31 6.29
N ILE C 250 0.13 43.24 6.02
CA ILE C 250 0.43 42.23 7.03
C ILE C 250 1.76 42.52 7.70
N LYS C 251 2.27 43.75 7.54
CA LYS C 251 3.52 44.11 8.19
C LYS C 251 3.45 43.97 9.70
N PRO C 252 2.43 44.49 10.39
CA PRO C 252 2.30 44.17 11.83
C PRO C 252 2.11 42.69 12.09
N VAL C 253 1.40 41.99 11.20
CA VAL C 253 1.21 40.55 11.34
C VAL C 253 2.54 39.83 11.17
N MET C 254 3.36 40.25 10.20
CA MET C 254 4.68 39.68 10.04
C MET C 254 5.56 39.96 11.26
N GLU C 255 5.41 41.15 11.84
CA GLU C 255 6.13 41.45 13.08
C GLU C 255 5.70 40.52 14.20
N GLN C 256 4.40 40.20 14.27
CA GLN C 256 3.93 39.23 15.24
C GLN C 256 4.47 37.83 14.95
N TYR C 257 4.94 37.58 13.73
CA TYR C 257 5.58 36.31 13.38
C TYR C 257 7.07 36.28 13.69
N GLY C 258 7.65 37.40 14.10
CA GLY C 258 9.04 37.46 14.47
C GLY C 258 10.01 37.77 13.36
N LEU C 259 9.55 37.89 12.11
CA LEU C 259 10.41 38.16 10.97
C LEU C 259 10.21 39.59 10.51
N ILE C 260 11.31 40.22 10.10
CA ILE C 260 11.25 41.61 9.63
C ILE C 260 10.70 41.61 8.21
N PRO C 261 9.65 42.39 7.92
CA PRO C 261 9.10 42.40 6.55
C PRO C 261 10.12 42.84 5.50
N GLU C 262 11.02 43.76 5.84
CA GLU C 262 11.99 44.27 4.87
C GLU C 262 12.93 43.18 4.37
N GLU C 263 13.02 42.07 5.09
CA GLU C 263 13.77 40.91 4.63
C GLU C 263 12.88 39.77 4.16
N ASP C 264 11.72 39.57 4.79
CA ASP C 264 10.82 38.50 4.39
C ASP C 264 10.29 38.72 2.98
N ILE C 265 9.91 39.96 2.66
CA ILE C 265 9.39 40.25 1.33
C ILE C 265 10.48 40.04 0.28
N CYS C 266 11.70 40.49 0.56
CA CYS C 266 12.80 40.30 -0.37
C CYS C 266 13.10 38.82 -0.59
N PHE C 267 13.12 38.03 0.49
CA PHE C 267 13.38 36.60 0.35
C PHE C 267 12.26 35.91 -0.43
N ILE C 268 11.00 36.28 -0.18
CA ILE C 268 9.89 35.68 -0.91
C ILE C 268 9.99 36.01 -2.40
N LYS C 269 10.28 37.28 -2.72
CA LYS C 269 10.41 37.67 -4.12
C LYS C 269 11.57 36.94 -4.79
N GLU C 270 12.71 36.82 -4.10
CA GLU C 270 13.85 36.12 -4.68
C GLU C 270 13.53 34.65 -4.93
N GLN C 271 12.85 34.00 -3.99
CA GLN C 271 12.47 32.60 -4.18
C GLN C 271 11.48 32.45 -5.33
N ILE C 272 10.52 33.38 -5.44
CA ILE C 272 9.50 33.27 -6.47
C ILE C 272 10.09 33.48 -7.85
N VAL C 273 10.92 34.51 -8.00
CA VAL C 273 11.44 34.87 -9.32
C VAL C 273 12.74 34.12 -9.63
N GLY C 274 13.72 34.21 -8.74
CA GLY C 274 15.02 33.65 -8.97
C GLY C 274 16.11 34.70 -8.79
N PRO C 275 17.03 34.79 -9.74
CA PRO C 275 18.02 35.87 -9.70
C PRO C 275 17.43 37.19 -10.14
N LEU C 276 17.15 38.07 -9.19
CA LEU C 276 16.51 39.35 -9.46
C LEU C 276 17.49 40.52 -9.44
N GLU C 277 18.78 40.25 -9.30
CA GLU C 277 19.81 41.28 -9.25
C GLU C 277 20.56 41.46 -10.56
N SER C 278 20.06 40.85 -11.65
CA SER C 278 20.71 40.91 -12.95
C SER C 278 22.13 40.36 -12.83
N PRO C 279 22.29 39.05 -12.63
CA PRO C 279 23.61 38.49 -12.34
C PRO C 279 24.69 38.86 -13.35
N VAL C 280 25.70 39.59 -12.88
CA VAL C 280 26.84 39.99 -13.71
C VAL C 280 27.83 38.85 -13.78
N GLU C 281 28.82 38.96 -14.66
CA GLU C 281 29.83 37.92 -14.83
C GLU C 281 30.70 37.73 -13.59
N ASP C 282 30.69 38.67 -12.66
CA ASP C 282 31.49 38.53 -11.45
C ASP C 282 31.02 37.34 -10.63
N SER C 283 31.97 36.65 -10.00
CA SER C 283 31.67 35.43 -9.25
C SER C 283 31.17 35.77 -7.85
N LEU C 284 30.14 36.61 -7.77
CA LEU C 284 29.50 36.96 -6.51
C LEU C 284 28.18 36.21 -6.40
N TRP C 285 27.42 36.52 -5.35
CA TRP C 285 26.12 35.87 -5.17
C TRP C 285 25.13 36.40 -6.21
N PRO C 286 24.55 35.53 -7.04
CA PRO C 286 23.58 36.03 -8.04
C PRO C 286 22.32 36.60 -7.42
N TYR C 287 21.99 36.26 -6.19
CA TYR C 287 20.79 36.72 -5.52
C TYR C 287 21.17 37.68 -4.40
N LYS C 288 20.48 38.81 -4.33
CA LYS C 288 20.71 39.78 -3.27
C LYS C 288 19.93 39.47 -2.00
N GLY C 289 19.12 38.41 -2.02
CA GLY C 289 18.39 37.99 -0.84
C GLY C 289 19.08 36.86 -0.09
N ARG C 290 19.58 35.86 -0.85
CA ARG C 290 20.25 34.73 -0.24
C ARG C 290 21.77 34.88 -0.33
N PRO C 291 22.49 34.40 0.68
CA PRO C 291 23.96 34.53 0.67
C PRO C 291 24.64 33.42 -0.12
N GLU C 292 25.98 33.41 -0.09
CA GLU C 292 26.73 32.36 -0.76
C GLU C 292 26.60 31.01 -0.07
N ASN C 293 26.10 30.99 1.17
CA ASN C 293 25.87 29.76 1.92
C ASN C 293 24.46 29.74 2.49
N LYS C 294 23.49 30.23 1.70
CA LYS C 294 22.11 30.27 2.14
C LYS C 294 21.13 29.85 1.04
N SER C 295 21.61 29.19 0.00
CA SER C 295 20.77 28.79 -1.12
C SER C 295 20.15 27.41 -0.95
N PHE C 296 20.48 26.70 0.14
CA PHE C 296 19.93 25.36 0.32
C PHE C 296 18.42 25.40 0.56
N LEU C 297 17.95 26.36 1.35
CA LEU C 297 16.53 26.42 1.68
C LEU C 297 15.67 26.92 0.52
N TYR C 298 16.24 27.78 -0.34
CA TYR C 298 15.48 28.38 -1.42
C TYR C 298 15.32 27.45 -2.63
N GLU C 299 16.08 26.36 -2.70
CA GLU C 299 15.99 25.43 -3.82
C GLU C 299 14.87 24.40 -3.64
N ILE C 300 14.27 24.32 -2.45
CA ILE C 300 13.18 23.37 -2.23
C ILE C 300 11.95 23.79 -3.02
N VAL C 301 11.69 25.09 -3.12
CA VAL C 301 10.54 25.56 -3.89
C VAL C 301 10.72 25.24 -5.36
N SER C 302 11.91 25.48 -5.90
CA SER C 302 12.20 25.18 -7.30
C SER C 302 13.66 24.80 -7.43
N ASN C 303 13.93 23.75 -8.20
CA ASN C 303 15.28 23.25 -8.44
C ASN C 303 15.68 23.69 -9.86
N LYS C 304 16.27 24.88 -9.95
CA LYS C 304 16.63 25.44 -11.24
C LYS C 304 17.77 24.69 -11.93
N ARG C 305 18.49 23.83 -11.20
CA ARG C 305 19.57 23.04 -11.79
C ARG C 305 19.33 21.55 -11.71
N ASN C 306 18.97 21.04 -10.54
CA ASN C 306 18.75 19.60 -10.38
C ASN C 306 17.41 19.15 -10.94
N GLY C 307 16.39 20.02 -10.90
CA GLY C 307 15.07 19.68 -11.36
C GLY C 307 14.19 18.96 -10.35
N ILE C 308 14.73 18.63 -9.17
CA ILE C 308 13.95 17.96 -8.13
C ILE C 308 13.31 19.05 -7.28
N ASP C 309 12.15 19.53 -7.72
CA ASP C 309 11.45 20.59 -7.04
C ASP C 309 10.17 20.05 -6.41
N VAL C 310 9.81 20.62 -5.25
CA VAL C 310 8.57 20.25 -4.60
C VAL C 310 7.38 20.58 -5.50
N ASP C 311 7.43 21.74 -6.15
CA ASP C 311 6.35 22.13 -7.05
C ASP C 311 6.22 21.18 -8.23
N LYS C 312 7.35 20.79 -8.82
CA LYS C 312 7.29 19.88 -9.96
C LYS C 312 6.74 18.52 -9.57
N TRP C 313 7.18 17.99 -8.42
CA TRP C 313 6.67 16.70 -7.97
C TRP C 313 5.18 16.79 -7.65
N ASP C 314 4.76 17.89 -7.01
CA ASP C 314 3.35 18.05 -6.71
C ASP C 314 2.52 18.14 -7.99
N TYR C 315 3.02 18.87 -9.00
CA TYR C 315 2.30 18.97 -10.26
C TYR C 315 2.20 17.62 -10.96
N PHE C 316 3.31 16.86 -10.98
CA PHE C 316 3.28 15.55 -11.62
C PHE C 316 2.29 14.63 -10.92
N ALA C 317 2.36 14.58 -9.59
CA ALA C 317 1.45 13.72 -8.84
C ALA C 317 0.00 14.12 -9.03
N ARG C 318 -0.29 15.42 -8.98
CA ARG C 318 -1.67 15.87 -9.13
C ARG C 318 -2.20 15.59 -10.53
N ASP C 319 -1.39 15.82 -11.56
CA ASP C 319 -1.83 15.53 -12.92
C ASP C 319 -2.09 14.05 -13.10
N CYS C 320 -1.19 13.19 -12.59
CA CYS C 320 -1.39 11.75 -12.71
C CYS C 320 -2.63 11.29 -11.95
N HIS C 321 -2.87 11.84 -10.76
CA HIS C 321 -3.98 11.40 -9.93
C HIS C 321 -5.32 11.84 -10.53
N HIS C 322 -5.42 13.09 -10.96
CA HIS C 322 -6.68 13.63 -11.46
C HIS C 322 -6.85 13.43 -12.96
N LEU C 323 -5.89 12.80 -13.63
CA LEU C 323 -5.98 12.51 -15.06
C LEU C 323 -6.05 11.03 -15.38
N GLY C 324 -5.55 10.16 -14.51
CA GLY C 324 -5.60 8.74 -14.75
C GLY C 324 -4.29 8.11 -15.18
N ILE C 325 -3.18 8.52 -14.55
CA ILE C 325 -1.87 7.96 -14.85
C ILE C 325 -1.29 7.34 -13.59
N GLN C 326 -0.10 6.75 -13.71
CA GLN C 326 0.55 6.06 -12.60
C GLN C 326 1.70 6.92 -12.07
N ASN C 327 1.69 7.17 -10.77
CA ASN C 327 2.74 7.94 -10.10
C ASN C 327 3.56 6.96 -9.27
N ASN C 328 4.70 6.54 -9.81
CA ASN C 328 5.60 5.61 -9.12
C ASN C 328 6.61 6.32 -8.23
N PHE C 329 6.65 7.64 -8.24
CA PHE C 329 7.60 8.38 -7.42
C PHE C 329 7.16 8.40 -5.96
N ASP C 330 8.13 8.37 -5.07
CA ASP C 330 7.91 8.48 -3.63
C ASP C 330 8.74 9.66 -3.15
N TYR C 331 8.15 10.86 -3.21
CA TYR C 331 8.90 12.06 -2.87
C TYR C 331 9.17 12.16 -1.38
N LYS C 332 8.32 11.55 -0.55
CA LYS C 332 8.55 11.60 0.90
C LYS C 332 9.86 10.91 1.27
N ARG C 333 10.12 9.74 0.68
CA ARG C 333 11.38 9.05 0.93
C ARG C 333 12.56 9.85 0.40
N PHE C 334 12.38 10.51 -0.75
CA PHE C 334 13.44 11.34 -1.30
C PHE C 334 13.77 12.50 -0.35
N ILE C 335 12.75 13.12 0.22
CA ILE C 335 12.98 14.22 1.17
C ILE C 335 13.61 13.69 2.46
N LYS C 336 13.19 12.50 2.90
CA LYS C 336 13.75 11.93 4.11
C LYS C 336 15.22 11.59 3.94
N PHE C 337 15.60 11.08 2.77
CA PHE C 337 16.97 10.63 2.51
C PHE C 337 17.80 11.66 1.75
N ALA C 338 17.31 12.88 1.59
CA ALA C 338 18.03 13.88 0.82
C ALA C 338 19.19 14.48 1.61
N ARG C 339 18.89 15.13 2.75
CA ARG C 339 19.86 15.84 3.56
C ARG C 339 20.53 16.96 2.78
N VAL C 340 21.36 17.76 3.45
CA VAL C 340 22.07 18.88 2.85
C VAL C 340 23.53 18.50 2.70
N CYS C 341 24.04 18.60 1.48
CA CYS C 341 25.42 18.23 1.18
C CYS C 341 26.14 19.40 0.51
N GLU C 342 27.45 19.24 0.34
CA GLU C 342 28.30 20.24 -0.28
C GLU C 342 28.81 19.72 -1.60
N VAL C 343 28.50 20.44 -2.68
CA VAL C 343 28.95 20.10 -4.02
C VAL C 343 29.44 21.37 -4.69
N ASP C 344 30.61 21.30 -5.34
CA ASP C 344 31.21 22.44 -6.03
C ASP C 344 31.33 23.64 -5.11
N ASN C 345 31.71 23.39 -3.85
CA ASN C 345 31.83 24.43 -2.84
C ASN C 345 30.54 25.22 -2.68
N GLU C 346 29.41 24.52 -2.71
CA GLU C 346 28.11 25.14 -2.54
C GLU C 346 27.16 24.16 -1.87
N LEU C 347 26.11 24.70 -1.26
CA LEU C 347 25.11 23.85 -0.61
C LEU C 347 24.13 23.32 -1.64
N ARG C 348 23.77 22.04 -1.50
CA ARG C 348 22.84 21.40 -2.42
C ARG C 348 22.15 20.25 -1.72
N ILE C 349 21.21 19.63 -2.43
CA ILE C 349 20.47 18.46 -1.95
C ILE C 349 20.50 17.41 -3.05
N CYS C 350 20.82 16.17 -2.68
CA CYS C 350 20.87 15.08 -3.65
C CYS C 350 20.39 13.80 -3.00
N ALA C 351 19.99 12.84 -3.83
CA ALA C 351 19.58 11.53 -3.34
C ALA C 351 20.82 10.76 -2.89
N ARG C 352 20.78 10.23 -1.67
CA ARG C 352 22.00 9.64 -1.10
C ARG C 352 22.46 8.40 -1.84
N ASP C 353 21.73 7.30 -1.74
CA ASP C 353 22.15 6.05 -2.40
C ASP C 353 21.04 5.24 -3.04
N LYS C 354 19.79 5.35 -2.61
CA LYS C 354 18.77 4.36 -2.96
C LYS C 354 17.53 4.98 -3.61
N GLU C 355 17.57 6.25 -3.97
CA GLU C 355 16.47 6.88 -4.69
C GLU C 355 16.69 6.88 -6.19
N VAL C 356 17.74 6.20 -6.66
CA VAL C 356 18.02 6.15 -8.10
C VAL C 356 16.85 5.51 -8.85
N GLY C 357 16.32 4.41 -8.32
CA GLY C 357 15.14 3.83 -8.93
C GLY C 357 13.93 4.74 -8.83
N ASN C 358 13.71 5.31 -7.64
CA ASN C 358 12.58 6.22 -7.46
C ASN C 358 12.73 7.48 -8.31
N LEU C 359 13.94 8.05 -8.38
CA LEU C 359 14.14 9.26 -9.17
C LEU C 359 14.03 8.96 -10.66
N TYR C 360 14.54 7.82 -11.11
CA TYR C 360 14.40 7.44 -12.50
C TYR C 360 12.93 7.23 -12.86
N ASP C 361 12.18 6.61 -11.95
CA ASP C 361 10.74 6.46 -12.17
C ASP C 361 10.04 7.81 -12.22
N MET C 362 10.44 8.75 -11.36
CA MET C 362 9.86 10.09 -11.40
C MET C 362 10.16 10.78 -12.71
N PHE C 363 11.40 10.65 -13.20
CA PHE C 363 11.77 11.26 -14.48
C PHE C 363 10.98 10.63 -15.63
N HIS C 364 10.81 9.31 -15.60
CA HIS C 364 10.01 8.66 -16.64
C HIS C 364 8.55 9.12 -16.57
N THR C 365 8.01 9.28 -15.36
CA THR C 365 6.66 9.77 -15.20
C THR C 365 6.51 11.21 -15.69
N ARG C 366 7.51 12.05 -15.43
CA ARG C 366 7.49 13.40 -15.95
C ARG C 366 7.53 13.42 -17.46
N ASN C 367 8.35 12.55 -18.06
CA ASN C 367 8.38 12.45 -19.51
C ASN C 367 7.02 12.01 -20.05
N SER C 368 6.39 11.02 -19.39
CA SER C 368 5.08 10.57 -19.84
C SER C 368 4.04 11.67 -19.73
N LEU C 369 4.04 12.41 -18.62
CA LEU C 369 3.06 13.49 -18.44
C LEU C 369 3.28 14.60 -19.46
N HIS C 370 4.55 14.97 -19.70
CA HIS C 370 4.85 16.06 -20.61
C HIS C 370 4.84 15.64 -22.07
N ARG C 371 4.69 14.35 -22.37
CA ARG C 371 4.55 13.88 -23.74
C ARG C 371 3.15 13.39 -24.07
N ARG C 372 2.30 13.16 -23.07
CA ARG C 372 0.94 12.69 -23.31
C ARG C 372 -0.14 13.72 -22.99
N ALA C 373 0.10 14.62 -22.04
CA ALA C 373 -0.87 15.63 -21.66
C ALA C 373 -0.48 17.03 -22.11
N TYR C 374 0.71 17.49 -21.74
CA TYR C 374 1.19 18.80 -22.18
C TYR C 374 1.70 18.77 -23.62
N GLN C 375 1.77 17.59 -24.24
CA GLN C 375 2.20 17.45 -25.62
C GLN C 375 1.22 16.58 -26.39
N HIS C 376 -0.06 16.84 -26.20
CA HIS C 376 -1.11 16.16 -26.95
C HIS C 376 -1.35 16.90 -28.27
N LYS C 377 -2.40 16.52 -28.99
CA LYS C 377 -2.74 17.14 -30.26
C LYS C 377 -4.04 17.91 -30.21
N VAL C 378 -5.14 17.26 -29.81
CA VAL C 378 -6.44 17.92 -29.81
C VAL C 378 -6.50 19.01 -28.75
N GLY C 379 -5.92 18.74 -27.58
CA GLY C 379 -5.91 19.74 -26.53
C GLY C 379 -5.17 21.00 -26.93
N ASN C 380 -4.06 20.84 -27.66
CA ASN C 380 -3.34 22.00 -28.17
C ASN C 380 -4.20 22.80 -29.14
N ILE C 381 -4.97 22.12 -29.99
CA ILE C 381 -5.87 22.81 -30.91
C ILE C 381 -6.93 23.58 -30.14
N ILE C 382 -7.50 22.97 -29.10
CA ILE C 382 -8.51 23.66 -28.30
C ILE C 382 -7.92 24.88 -27.63
N ASP C 383 -6.72 24.74 -27.07
CA ASP C 383 -6.06 25.88 -26.43
C ASP C 383 -5.77 26.98 -27.43
N THR C 384 -5.29 26.63 -28.63
CA THR C 384 -5.01 27.64 -29.64
C THR C 384 -6.29 28.37 -30.06
N MET C 385 -7.39 27.62 -30.22
CA MET C 385 -8.65 28.26 -30.58
C MET C 385 -9.11 29.19 -29.48
N ILE C 386 -8.99 28.78 -28.22
CA ILE C 386 -9.39 29.63 -27.10
C ILE C 386 -8.55 30.89 -27.06
N THR C 387 -7.23 30.76 -27.24
CA THR C 387 -6.36 31.91 -27.23
C THR C 387 -6.68 32.88 -28.36
N ASP C 388 -6.91 32.33 -29.56
CA ASP C 388 -7.25 33.19 -30.69
C ASP C 388 -8.58 33.89 -30.49
N ALA C 389 -9.56 33.19 -29.91
CA ALA C 389 -10.85 33.81 -29.64
C ALA C 389 -10.71 34.93 -28.62
N PHE C 390 -9.89 34.73 -27.59
CA PHE C 390 -9.65 35.80 -26.63
C PHE C 390 -8.94 36.97 -27.28
N LEU C 391 -8.00 36.69 -28.18
CA LEU C 391 -7.29 37.76 -28.89
C LEU C 391 -8.24 38.58 -29.75
N LYS C 392 -9.14 37.92 -30.48
CA LYS C 392 -10.12 38.63 -31.28
C LYS C 392 -11.04 39.49 -30.42
N ALA C 393 -11.25 39.10 -29.16
CA ALA C 393 -12.10 39.82 -28.23
C ALA C 393 -11.31 40.60 -27.18
N ASP C 394 -10.05 40.94 -27.48
CA ASP C 394 -9.18 41.57 -26.49
C ASP C 394 -9.74 42.91 -26.04
N ASP C 395 -10.21 43.74 -26.97
CA ASP C 395 -10.73 45.05 -26.63
C ASP C 395 -12.17 45.01 -26.12
N TYR C 396 -12.84 43.87 -26.21
CA TYR C 396 -14.26 43.76 -25.86
C TYR C 396 -14.47 43.32 -24.42
N ILE C 397 -13.42 43.01 -23.68
CA ILE C 397 -13.51 42.65 -22.26
C ILE C 397 -12.52 43.53 -21.52
N GLU C 398 -12.98 44.67 -21.02
CA GLU C 398 -12.14 45.63 -20.31
C GLU C 398 -12.48 45.57 -18.83
N ILE C 399 -11.48 45.34 -18.00
CA ILE C 399 -11.64 45.27 -16.56
C ILE C 399 -11.24 46.59 -15.95
N THR C 400 -12.00 47.04 -14.95
CA THR C 400 -11.71 48.30 -14.29
C THR C 400 -10.40 48.20 -13.51
N GLY C 401 -9.61 49.27 -13.57
CA GLY C 401 -8.33 49.31 -12.88
C GLY C 401 -8.31 50.28 -11.73
N ALA C 402 -7.21 50.99 -11.56
CA ALA C 402 -7.07 51.96 -10.49
C ALA C 402 -7.58 53.33 -10.95
N GLY C 403 -8.08 54.11 -9.99
CA GLY C 403 -8.60 55.42 -10.31
C GLY C 403 -9.79 55.40 -11.23
N GLY C 404 -10.50 54.28 -11.30
CA GLY C 404 -11.64 54.15 -12.18
C GLY C 404 -11.29 53.86 -13.61
N LYS C 405 -10.02 53.72 -13.95
CA LYS C 405 -9.61 53.47 -15.32
C LYS C 405 -9.93 52.03 -15.72
N LYS C 406 -9.82 51.77 -17.02
CA LYS C 406 -10.10 50.45 -17.58
C LYS C 406 -8.90 49.96 -18.38
N TYR C 407 -8.58 48.68 -18.22
CA TYR C 407 -7.51 48.04 -18.97
C TYR C 407 -8.07 46.79 -19.64
N ARG C 408 -7.67 46.55 -20.88
CA ARG C 408 -8.14 45.38 -21.58
C ARG C 408 -7.47 44.12 -21.01
N ILE C 409 -8.11 42.97 -21.26
CA ILE C 409 -7.54 41.71 -20.84
C ILE C 409 -6.21 41.47 -21.53
N SER C 410 -6.05 42.03 -22.73
CA SER C 410 -4.76 41.95 -23.42
C SER C 410 -3.71 42.83 -22.75
N THR C 411 -4.11 43.97 -22.22
CA THR C 411 -3.18 44.94 -21.65
C THR C 411 -3.09 44.86 -20.13
N ALA C 412 -3.74 43.88 -19.52
CA ALA C 412 -3.79 43.78 -18.06
C ALA C 412 -2.60 43.03 -17.46
N ILE C 413 -1.65 42.61 -18.28
CA ILE C 413 -0.48 41.92 -17.76
C ILE C 413 0.41 42.86 -16.95
N ASP C 414 0.23 44.17 -17.09
CA ASP C 414 1.00 45.15 -16.33
C ASP C 414 0.14 45.92 -15.34
N ASP C 415 -1.09 45.46 -15.08
CA ASP C 415 -1.98 46.07 -14.11
C ASP C 415 -2.42 45.02 -13.10
N MET C 416 -2.16 45.28 -11.82
CA MET C 416 -2.46 44.31 -10.77
C MET C 416 -3.93 44.34 -10.34
N GLU C 417 -4.66 45.41 -10.66
CA GLU C 417 -6.09 45.44 -10.38
C GLU C 417 -6.82 44.38 -11.20
N ALA C 418 -6.46 44.23 -12.46
CA ALA C 418 -7.02 43.21 -13.33
C ALA C 418 -6.19 41.93 -13.36
N TYR C 419 -4.97 41.94 -12.83
CA TYR C 419 -4.24 40.69 -12.66
C TYR C 419 -4.83 39.90 -11.51
N THR C 420 -5.23 40.57 -10.44
CA THR C 420 -6.02 39.95 -9.38
C THR C 420 -7.45 39.67 -9.83
N LYS C 421 -7.84 40.16 -10.99
CA LYS C 421 -9.15 39.94 -11.58
C LYS C 421 -9.02 39.36 -12.98
N LEU C 422 -8.15 38.35 -13.10
CA LEU C 422 -7.93 37.66 -14.37
C LEU C 422 -8.03 36.16 -14.08
N THR C 423 -9.25 35.64 -14.20
CA THR C 423 -9.52 34.23 -14.01
C THR C 423 -10.06 33.66 -15.31
N ASP C 424 -10.43 32.38 -15.30
CA ASP C 424 -11.07 31.79 -16.47
C ASP C 424 -12.48 32.31 -16.68
N ASN C 425 -12.98 33.17 -15.78
CA ASN C 425 -14.28 33.78 -15.97
C ASN C 425 -14.31 34.68 -17.19
N ILE C 426 -13.15 35.13 -17.65
CA ILE C 426 -13.10 35.89 -18.89
C ILE C 426 -13.59 35.02 -20.03
N PHE C 427 -13.17 33.75 -20.02
CA PHE C 427 -13.68 32.82 -21.02
C PHE C 427 -15.19 32.69 -20.90
N LEU C 428 -15.69 32.66 -19.66
CA LEU C 428 -17.12 32.59 -19.45
C LEU C 428 -17.81 33.82 -20.02
N GLU C 429 -17.19 34.99 -19.84
CA GLU C 429 -17.74 36.20 -20.43
C GLU C 429 -17.75 36.09 -21.94
N ILE C 430 -16.68 35.52 -22.51
CA ILE C 430 -16.61 35.33 -23.94
C ILE C 430 -17.72 34.39 -24.40
N LEU C 431 -18.02 33.37 -23.58
CA LEU C 431 -19.09 32.43 -23.92
C LEU C 431 -20.48 33.04 -23.72
N TYR C 432 -20.62 34.05 -22.88
CA TYR C 432 -21.92 34.65 -22.58
C TYR C 432 -21.85 36.16 -22.72
N SER C 433 -21.29 36.63 -23.84
CA SER C 433 -21.19 38.06 -24.07
C SER C 433 -22.58 38.68 -24.21
N THR C 434 -22.84 39.71 -23.42
CA THR C 434 -24.09 40.44 -23.45
C THR C 434 -24.03 41.69 -24.32
N ASP C 435 -22.92 41.91 -25.02
CA ASP C 435 -22.75 43.08 -25.89
C ASP C 435 -22.97 42.71 -27.33
N PRO C 436 -23.29 43.69 -28.18
CA PRO C 436 -23.55 43.42 -29.61
C PRO C 436 -22.35 43.58 -30.52
N LYS C 437 -21.19 43.95 -30.00
CA LYS C 437 -20.01 44.18 -30.82
C LYS C 437 -19.07 42.98 -30.86
N LEU C 438 -19.40 41.88 -30.19
CA LEU C 438 -18.52 40.72 -30.08
C LEU C 438 -18.96 39.55 -30.96
N LYS C 439 -19.49 39.86 -32.15
CA LYS C 439 -19.95 38.81 -33.05
C LYS C 439 -18.79 37.95 -33.56
N ASP C 440 -17.66 38.58 -33.88
CA ASP C 440 -16.51 37.82 -34.36
C ASP C 440 -16.02 36.84 -33.30
N ALA C 441 -15.99 37.28 -32.04
CA ALA C 441 -15.63 36.38 -30.95
C ALA C 441 -16.77 35.42 -30.61
N ARG C 442 -18.02 35.85 -30.83
CA ARG C 442 -19.15 34.97 -30.57
C ARG C 442 -19.12 33.76 -31.49
N GLU C 443 -18.70 33.95 -32.75
CA GLU C 443 -18.60 32.82 -33.67
C GLU C 443 -17.60 31.78 -33.17
N ILE C 444 -16.44 32.24 -32.68
CA ILE C 444 -15.43 31.31 -32.17
C ILE C 444 -15.92 30.65 -30.88
N LEU C 445 -16.62 31.40 -30.03
CA LEU C 445 -17.17 30.82 -28.81
C LEU C 445 -18.18 29.73 -29.12
N LYS C 446 -19.04 29.97 -30.11
CA LYS C 446 -20.01 28.95 -30.51
C LYS C 446 -19.32 27.75 -31.15
N GLN C 447 -18.24 28.00 -31.92
CA GLN C 447 -17.49 26.90 -32.51
C GLN C 447 -16.86 26.02 -31.43
N ILE C 448 -16.32 26.64 -30.38
CA ILE C 448 -15.70 25.89 -29.29
C ILE C 448 -16.71 25.33 -28.30
N GLU C 449 -17.97 25.79 -28.34
CA GLU C 449 -18.97 25.30 -27.41
C GLU C 449 -19.29 23.82 -27.67
N TYR C 450 -19.40 23.43 -28.95
CA TYR C 450 -19.75 22.07 -29.32
C TYR C 450 -18.54 21.23 -29.71
N ARG C 451 -17.37 21.56 -29.15
CA ARG C 451 -16.13 20.83 -29.42
C ARG C 451 -15.85 20.78 -30.92
N ASN C 452 -16.18 21.87 -31.62
CA ASN C 452 -16.02 21.98 -33.06
C ASN C 452 -14.78 22.79 -33.43
N LEU C 453 -13.69 22.60 -32.68
CA LEU C 453 -12.47 23.37 -32.89
C LEU C 453 -11.81 22.96 -34.19
N PHE C 454 -10.64 23.54 -34.45
CA PHE C 454 -9.98 23.38 -35.73
C PHE C 454 -9.55 21.93 -35.95
N LYS C 455 -9.08 21.67 -37.17
CA LYS C 455 -8.63 20.35 -37.59
C LYS C 455 -7.13 20.38 -37.81
N TYR C 456 -6.43 19.46 -37.15
CA TYR C 456 -4.97 19.42 -37.25
C TYR C 456 -4.54 18.91 -38.63
N VAL C 457 -3.52 19.56 -39.20
CA VAL C 457 -2.99 19.16 -40.50
C VAL C 457 -1.70 18.36 -40.38
N GLY C 458 -1.11 18.27 -39.19
CA GLY C 458 0.09 17.48 -39.03
C GLY C 458 0.85 17.92 -37.78
N GLU C 459 2.15 17.63 -37.78
CA GLU C 459 3.03 18.01 -36.69
C GLU C 459 4.41 18.27 -37.28
N THR C 460 5.18 19.13 -36.61
CA THR C 460 6.50 19.49 -37.10
C THR C 460 7.35 20.01 -35.95
N GLN C 461 8.67 20.00 -36.18
CA GLN C 461 9.65 20.50 -35.23
C GLN C 461 10.84 21.00 -36.03
N PRO C 462 11.43 22.14 -35.65
CA PRO C 462 12.54 22.71 -36.42
C PRO C 462 13.84 21.96 -36.14
N THR C 463 14.91 22.42 -36.78
CA THR C 463 16.23 21.82 -36.66
C THR C 463 17.25 22.91 -36.41
N GLY C 464 18.42 22.50 -35.90
CA GLY C 464 19.49 23.44 -35.61
C GLY C 464 19.31 24.11 -34.26
N GLN C 465 20.26 24.99 -33.95
CA GLN C 465 20.25 25.73 -32.70
C GLN C 465 19.45 27.02 -32.77
N ILE C 466 18.89 27.36 -33.93
CA ILE C 466 18.12 28.58 -34.09
C ILE C 466 16.72 28.36 -33.54
N LYS C 467 16.32 29.21 -32.60
CA LYS C 467 14.99 29.17 -32.01
C LYS C 467 14.40 30.56 -32.01
N ILE C 468 13.11 30.66 -32.33
CA ILE C 468 12.45 31.95 -32.41
C ILE C 468 12.17 32.49 -31.01
N LYS C 469 12.04 33.81 -30.92
CA LYS C 469 11.74 34.47 -29.66
C LYS C 469 10.23 34.68 -29.53
N ARG C 470 9.83 35.44 -28.51
CA ARG C 470 8.40 35.67 -28.27
C ARG C 470 7.80 36.58 -29.34
N GLU C 471 8.58 37.55 -29.82
CA GLU C 471 8.07 38.46 -30.85
C GLU C 471 7.78 37.72 -32.15
N ASP C 472 8.64 36.77 -32.51
CA ASP C 472 8.44 36.02 -33.75
C ASP C 472 7.21 35.13 -33.73
N TYR C 473 6.65 34.88 -32.53
CA TYR C 473 5.47 34.03 -32.44
C TYR C 473 4.29 34.67 -33.16
N GLU C 474 4.11 35.99 -33.01
CA GLU C 474 3.00 36.67 -33.66
C GLU C 474 3.10 36.57 -35.18
N SER C 475 4.31 36.76 -35.72
CA SER C 475 4.48 36.64 -37.16
C SER C 475 4.41 35.20 -37.62
N LEU C 476 4.65 34.23 -36.74
CA LEU C 476 4.58 32.83 -37.12
C LEU C 476 3.23 32.45 -37.70
N PRO C 477 2.09 32.86 -37.12
CA PRO C 477 0.81 32.54 -37.77
C PRO C 477 0.69 33.14 -39.16
N LYS C 478 1.06 34.41 -39.31
CA LYS C 478 1.03 35.04 -40.63
C LYS C 478 2.03 34.39 -41.56
N GLU C 479 3.23 34.07 -41.06
CA GLU C 479 4.25 33.45 -41.91
C GLU C 479 3.80 32.07 -42.40
N VAL C 480 3.19 31.27 -41.52
CA VAL C 480 2.67 29.96 -41.90
C VAL C 480 1.51 30.09 -42.87
N ALA C 481 0.65 31.10 -42.68
CA ALA C 481 -0.41 31.33 -43.65
C ALA C 481 0.14 31.79 -44.99
N SER C 482 1.23 32.55 -44.98
CA SER C 482 1.85 33.04 -46.20
C SER C 482 2.48 31.94 -47.03
N ALA C 483 2.60 30.73 -46.48
CA ALA C 483 3.14 29.61 -47.23
C ALA C 483 2.31 29.38 -48.48
N LYS C 484 2.98 29.26 -49.63
CA LYS C 484 2.30 29.13 -50.91
C LYS C 484 3.21 28.38 -51.87
N PRO C 485 3.16 27.05 -51.86
CA PRO C 485 3.93 26.28 -52.84
C PRO C 485 3.30 26.36 -54.22
N LYS C 486 3.86 25.62 -55.18
CA LYS C 486 3.30 25.61 -56.53
C LYS C 486 2.10 24.68 -56.61
N VAL C 487 1.13 24.87 -55.73
CA VAL C 487 -0.07 24.05 -55.66
C VAL C 487 -1.29 24.96 -55.65
N LEU C 488 -2.26 24.64 -56.51
CA LEU C 488 -3.48 25.43 -56.60
C LEU C 488 -4.42 25.02 -55.47
N LEU C 489 -4.70 25.96 -54.56
CA LEU C 489 -5.57 25.71 -53.42
C LEU C 489 -6.93 26.34 -53.67
N ASP C 490 -7.99 25.58 -53.38
CA ASP C 490 -9.34 26.10 -53.55
C ASP C 490 -9.60 27.29 -52.62
N VAL C 491 -9.13 27.19 -51.38
CA VAL C 491 -9.26 28.26 -50.40
C VAL C 491 -7.86 28.67 -49.96
N LYS C 492 -7.56 29.97 -50.08
CA LYS C 492 -6.26 30.48 -49.70
C LYS C 492 -6.10 30.43 -48.18
N LEU C 493 -4.95 29.95 -47.71
CA LEU C 493 -4.68 29.85 -46.29
C LEU C 493 -4.34 31.23 -45.75
N LYS C 494 -5.38 31.95 -45.32
CA LYS C 494 -5.22 33.28 -44.75
C LYS C 494 -4.86 33.17 -43.27
N ALA C 495 -4.69 34.33 -42.63
CA ALA C 495 -4.39 34.35 -41.21
C ALA C 495 -5.52 33.76 -40.40
N GLU C 496 -6.77 34.09 -40.75
CA GLU C 496 -7.93 33.57 -40.06
C GLU C 496 -8.34 32.17 -40.54
N ASP C 497 -7.82 31.73 -41.68
CA ASP C 497 -8.13 30.40 -42.20
C ASP C 497 -7.10 29.36 -41.81
N PHE C 498 -5.82 29.71 -41.84
CA PHE C 498 -4.75 28.82 -41.43
C PHE C 498 -4.33 29.15 -40.00
N ILE C 499 -3.37 28.39 -39.48
CA ILE C 499 -2.92 28.58 -38.11
C ILE C 499 -1.50 28.05 -37.99
N VAL C 500 -0.74 28.64 -37.07
CA VAL C 500 0.57 28.15 -36.67
C VAL C 500 0.53 28.02 -35.14
N ASP C 501 0.43 26.80 -34.65
CA ASP C 501 0.40 26.53 -33.21
C ASP C 501 1.81 26.18 -32.77
N VAL C 502 2.41 27.09 -32.00
CA VAL C 502 3.79 26.90 -31.54
C VAL C 502 3.79 26.72 -30.03
N ILE C 503 3.77 25.46 -29.60
CA ILE C 503 3.82 25.13 -28.18
C ILE C 503 5.29 25.09 -27.79
N ASN C 504 5.75 26.13 -27.11
CA ASN C 504 7.13 26.21 -26.68
C ASN C 504 7.40 25.23 -25.55
N MET C 505 8.62 24.68 -25.54
CA MET C 505 9.04 23.67 -24.58
C MET C 505 10.11 24.26 -23.67
N ASP C 506 9.68 24.84 -22.55
CA ASP C 506 10.62 25.41 -21.60
C ASP C 506 11.46 24.32 -20.95
N TYR C 507 12.71 24.65 -20.66
CA TYR C 507 13.67 23.75 -20.02
C TYR C 507 13.81 22.50 -20.89
N GLY C 508 13.48 21.31 -20.38
CA GLY C 508 13.52 20.11 -21.18
C GLY C 508 14.93 19.59 -21.44
N MET C 509 15.76 20.43 -22.07
CA MET C 509 17.12 20.03 -22.41
C MET C 509 17.99 20.11 -21.15
N GLN C 510 17.87 19.10 -20.30
CA GLN C 510 18.65 19.01 -19.07
C GLN C 510 19.73 17.95 -19.26
N GLU C 511 20.97 18.32 -18.96
CA GLU C 511 22.11 17.43 -19.17
C GLU C 511 22.11 16.35 -18.11
N LYS C 512 22.11 15.09 -18.55
CA LYS C 512 22.17 13.92 -17.66
C LYS C 512 20.98 13.93 -16.69
N ASN C 513 19.80 13.74 -17.28
CA ASN C 513 18.56 13.82 -16.51
C ASN C 513 18.60 13.00 -15.22
N PRO C 514 19.09 11.76 -15.21
CA PRO C 514 19.26 11.07 -13.92
C PRO C 514 20.20 11.79 -12.98
N ILE C 515 21.25 12.44 -13.49
CA ILE C 515 22.21 13.16 -12.66
C ILE C 515 21.82 14.61 -12.52
N ASP C 516 21.78 15.33 -13.65
CA ASP C 516 21.47 16.76 -13.69
C ASP C 516 22.35 17.56 -12.73
N GLU C 547 12.37 22.10 -28.55
CA GLU C 547 12.28 23.52 -28.83
C GLU C 547 10.84 24.01 -28.78
N GLN C 548 10.02 23.52 -29.71
CA GLN C 548 8.61 23.89 -29.79
C GLN C 548 7.92 22.93 -30.74
N LEU C 549 6.73 22.48 -30.35
CA LEU C 549 5.89 21.70 -31.24
C LEU C 549 5.08 22.62 -32.15
N ILE C 550 5.17 22.39 -33.46
CA ILE C 550 4.52 23.21 -34.47
C ILE C 550 3.37 22.41 -35.06
N ARG C 551 2.19 23.02 -35.12
CA ARG C 551 1.00 22.37 -35.66
C ARG C 551 0.25 23.30 -36.60
N VAL C 552 -0.37 22.71 -37.61
CA VAL C 552 -1.11 23.44 -38.63
C VAL C 552 -2.59 23.13 -38.45
N TYR C 553 -3.38 24.15 -38.18
CA TYR C 553 -4.82 24.00 -37.95
C TYR C 553 -5.59 24.71 -39.05
N CYS C 554 -6.70 24.11 -39.47
CA CYS C 554 -7.55 24.66 -40.52
C CYS C 554 -8.83 25.20 -39.91
N LYS C 555 -9.18 26.44 -40.26
CA LYS C 555 -10.45 27.01 -39.80
C LYS C 555 -11.64 26.34 -40.46
N LYS C 556 -11.48 25.91 -41.72
CA LYS C 556 -12.51 25.17 -42.42
C LYS C 556 -12.29 23.68 -42.26
N VAL C 557 -13.39 22.92 -42.19
CA VAL C 557 -13.31 21.50 -41.91
C VAL C 557 -13.82 20.70 -43.12
N ASP C 558 -13.61 21.23 -44.31
CA ASP C 558 -14.00 20.55 -45.54
C ASP C 558 -12.86 19.67 -46.05
N ARG C 559 -13.21 18.63 -46.80
CA ARG C 559 -12.22 17.70 -47.31
C ARG C 559 -11.25 18.40 -48.26
N LYS C 560 -11.78 19.17 -49.21
CA LYS C 560 -10.92 19.97 -50.08
C LYS C 560 -10.18 21.03 -49.27
N SER C 561 -10.86 21.62 -48.29
CA SER C 561 -10.18 22.55 -47.39
C SER C 561 -9.11 21.85 -46.58
N LEU C 562 -9.36 20.61 -46.17
CA LEU C 562 -8.34 19.85 -45.46
C LEU C 562 -7.12 19.59 -46.34
N TYR C 563 -7.35 19.24 -47.60
CA TYR C 563 -6.24 19.03 -48.52
C TYR C 563 -5.46 20.32 -48.74
N ALA C 564 -6.17 21.44 -48.90
CA ALA C 564 -5.49 22.74 -49.06
C ALA C 564 -4.68 23.09 -47.82
N ALA C 565 -5.23 22.82 -46.63
CA ALA C 565 -4.50 23.08 -45.40
C ALA C 565 -3.26 22.20 -45.29
N ARG C 566 -3.37 20.94 -45.71
CA ARG C 566 -2.20 20.06 -45.71
C ARG C 566 -1.14 20.57 -46.67
N GLN C 567 -1.54 21.04 -47.85
CA GLN C 567 -0.58 21.60 -48.79
C GLN C 567 0.09 22.85 -48.22
N TYR C 568 -0.69 23.70 -47.55
CA TYR C 568 -0.13 24.90 -46.94
C TYR C 568 0.83 24.55 -45.82
N PHE C 569 0.51 23.50 -45.04
CA PHE C 569 1.41 23.04 -44.00
C PHE C 569 2.71 22.51 -44.58
N VAL C 570 2.63 21.77 -45.69
CA VAL C 570 3.84 21.28 -46.35
C VAL C 570 4.67 22.46 -46.84
N GLN C 571 4.01 23.47 -47.42
CA GLN C 571 4.73 24.65 -47.89
C GLN C 571 5.40 25.39 -46.73
N TRP C 572 4.71 25.51 -45.60
CA TRP C 572 5.28 26.18 -44.43
C TRP C 572 6.47 25.40 -43.88
N CYS C 573 6.37 24.07 -43.83
CA CYS C 573 7.48 23.26 -43.36
C CYS C 573 8.69 23.38 -44.28
N ALA C 574 8.44 23.42 -45.60
CA ALA C 574 9.53 23.64 -46.54
C ALA C 574 10.16 25.01 -46.36
N ASP C 575 9.33 26.04 -46.14
CA ASP C 575 9.85 27.37 -45.92
C ASP C 575 10.65 27.45 -44.62
N ARG C 576 10.17 26.79 -43.57
CA ARG C 576 10.86 26.77 -42.29
C ARG C 576 11.97 25.73 -42.24
N ASN C 577 12.18 24.98 -43.32
CA ASN C 577 13.20 23.93 -43.38
C ASN C 577 12.96 22.87 -42.30
N PHE C 578 11.80 22.23 -42.40
CA PHE C 578 11.40 21.19 -41.47
C PHE C 578 11.53 19.82 -42.12
N THR C 579 11.75 18.80 -41.29
CA THR C 579 11.92 17.45 -41.78
C THR C 579 10.61 16.92 -42.36
N LYS C 580 10.75 15.93 -43.25
CA LYS C 580 9.59 15.35 -43.90
C LYS C 580 8.72 14.61 -42.88
N PRO C 581 7.42 14.54 -43.11
CA PRO C 581 6.54 13.86 -42.16
C PRO C 581 6.81 12.36 -42.13
N GLN C 582 6.49 11.75 -40.99
CA GLN C 582 6.65 10.30 -40.86
C GLN C 582 5.76 9.56 -41.85
N ASP C 583 4.53 10.02 -42.04
CA ASP C 583 3.62 9.49 -43.06
C ASP C 583 3.59 10.38 -44.29
N GLY C 584 4.72 10.99 -44.64
CA GLY C 584 4.76 11.94 -45.75
C GLY C 584 4.59 11.33 -47.11
N ASP C 585 4.74 10.01 -47.23
CA ASP C 585 4.54 9.36 -48.51
C ASP C 585 3.10 9.44 -49.00
N VAL C 586 2.14 9.59 -48.08
CA VAL C 586 0.74 9.72 -48.44
C VAL C 586 0.18 11.11 -48.12
N ILE C 587 0.64 11.74 -47.03
CA ILE C 587 0.10 13.04 -46.64
C ILE C 587 0.41 14.11 -47.67
N ALA C 588 1.53 13.96 -48.40
CA ALA C 588 1.96 14.95 -49.40
C ALA C 588 2.19 14.23 -50.72
N PRO C 589 1.13 13.79 -51.39
CA PRO C 589 1.30 13.13 -52.69
C PRO C 589 1.55 14.09 -53.84
N LEU C 590 1.44 15.40 -53.61
CA LEU C 590 1.68 16.39 -54.66
C LEU C 590 2.57 17.55 -54.24
N ILE C 591 2.83 17.71 -52.94
CA ILE C 591 3.69 18.79 -52.45
C ILE C 591 5.12 18.32 -52.24
N THR C 592 5.29 17.15 -51.63
CA THR C 592 6.62 16.56 -51.50
C THR C 592 7.31 16.34 -52.83
N PRO C 593 6.63 15.86 -53.88
CA PRO C 593 7.32 15.60 -55.16
C PRO C 593 7.91 16.85 -55.80
N GLN C 594 7.48 18.04 -55.40
CA GLN C 594 8.04 19.26 -55.97
C GLN C 594 9.54 19.35 -55.70
N LYS C 595 9.96 18.97 -54.51
CA LYS C 595 11.37 18.97 -54.15
C LYS C 595 11.97 17.59 -54.39
N LYS C 596 13.14 17.57 -55.03
CA LYS C 596 13.82 16.31 -55.35
C LYS C 596 14.36 15.62 -54.11
N GLU C 597 14.38 16.28 -52.95
CA GLU C 597 14.88 15.65 -51.74
C GLU C 597 14.04 14.45 -51.33
N TRP C 598 12.72 14.54 -51.50
CA TRP C 598 11.85 13.42 -51.17
C TRP C 598 12.14 12.21 -52.05
N ASN C 599 12.40 12.44 -53.34
CA ASN C 599 12.71 11.33 -54.24
C ASN C 599 14.08 10.72 -53.96
N ASP C 600 14.93 11.41 -53.20
CA ASP C 600 16.27 10.91 -52.86
C ASP C 600 16.14 10.02 -51.63
N SER C 601 15.68 8.79 -51.86
CA SER C 601 15.52 7.83 -50.78
C SER C 601 16.85 7.36 -50.21
N THR C 602 17.93 7.45 -50.97
CA THR C 602 19.24 7.04 -50.49
C THR C 602 19.80 8.00 -49.46
N MET D 115 -15.83 6.17 -33.25
CA MET D 115 -15.97 5.86 -31.83
C MET D 115 -15.18 6.85 -30.97
N LYS D 116 -15.85 7.43 -29.98
CA LYS D 116 -15.24 8.40 -29.09
C LYS D 116 -14.89 7.75 -27.75
N VAL D 117 -13.74 8.13 -27.20
CA VAL D 117 -13.29 7.64 -25.91
C VAL D 117 -12.99 8.84 -25.03
N ILE D 118 -13.58 8.85 -23.83
CA ILE D 118 -13.38 9.91 -22.85
C ILE D 118 -12.58 9.32 -21.69
N ASN D 119 -11.44 9.93 -21.40
CA ASN D 119 -10.54 9.44 -20.36
C ASN D 119 -10.88 10.13 -19.04
N ASP D 120 -11.46 9.37 -18.10
CA ASP D 120 -11.79 9.87 -16.78
C ASP D 120 -11.36 8.85 -15.73
N PRO D 121 -11.03 9.31 -14.52
CA PRO D 121 -10.57 8.39 -13.48
C PRO D 121 -11.70 7.65 -12.76
N ILE D 122 -12.92 7.73 -13.25
CA ILE D 122 -14.06 7.04 -12.64
C ILE D 122 -14.32 5.69 -13.30
N HIS D 123 -14.37 5.66 -14.63
CA HIS D 123 -14.66 4.42 -15.34
C HIS D 123 -13.76 4.25 -16.56
N GLY D 124 -12.58 4.86 -16.54
CA GLY D 124 -11.64 4.71 -17.63
C GLY D 124 -12.13 5.29 -18.94
N HIS D 125 -12.45 4.42 -19.89
CA HIS D 125 -12.96 4.82 -21.19
C HIS D 125 -14.46 4.56 -21.26
N ILE D 126 -15.15 5.43 -21.99
CA ILE D 126 -16.61 5.35 -22.15
C ILE D 126 -16.90 5.18 -23.63
N GLU D 127 -17.55 4.08 -23.98
CA GLU D 127 -17.86 3.78 -25.38
C GLU D 127 -19.13 4.52 -25.78
N LEU D 128 -19.01 5.47 -26.70
CA LEU D 128 -20.13 6.25 -27.19
C LEU D 128 -20.25 6.08 -28.70
N HIS D 129 -21.42 5.68 -29.14
CA HIS D 129 -21.69 5.52 -30.57
C HIS D 129 -21.89 6.89 -31.19
N PRO D 130 -22.11 6.96 -32.51
CA PRO D 130 -22.26 8.28 -33.15
C PRO D 130 -23.38 9.11 -32.56
N LEU D 131 -24.52 8.51 -32.27
CA LEU D 131 -25.59 9.25 -31.58
C LEU D 131 -25.17 9.62 -30.17
N LEU D 132 -24.56 8.66 -29.45
CA LEU D 132 -24.09 8.94 -28.10
C LEU D 132 -22.97 9.98 -28.11
N VAL D 133 -22.08 9.91 -29.10
CA VAL D 133 -21.00 10.90 -29.21
C VAL D 133 -21.58 12.28 -29.49
N ARG D 134 -22.57 12.36 -30.38
CA ARG D 134 -23.19 13.63 -30.68
C ARG D 134 -23.90 14.21 -29.46
N ILE D 135 -24.59 13.37 -28.70
CA ILE D 135 -25.26 13.84 -27.49
C ILE D 135 -24.24 14.31 -26.46
N ILE D 136 -23.15 13.56 -26.28
CA ILE D 136 -22.11 13.94 -25.32
C ILE D 136 -21.37 15.17 -25.82
N ASP D 137 -21.15 15.28 -27.12
CA ASP D 137 -20.53 16.47 -27.70
C ASP D 137 -21.61 17.42 -28.21
N THR D 138 -22.27 18.06 -27.27
CA THR D 138 -23.34 19.02 -27.52
C THR D 138 -23.14 20.25 -26.67
N PRO D 139 -23.75 21.37 -27.04
CA PRO D 139 -23.59 22.59 -26.22
C PRO D 139 -24.03 22.40 -24.77
N GLN D 140 -25.20 21.80 -24.54
CA GLN D 140 -25.66 21.58 -23.19
C GLN D 140 -24.76 20.60 -22.43
N PHE D 141 -24.32 19.53 -23.10
CA PHE D 141 -23.43 18.58 -22.46
C PHE D 141 -22.09 19.21 -22.11
N GLN D 142 -21.57 20.07 -22.99
CA GLN D 142 -20.33 20.77 -22.70
C GLN D 142 -20.51 21.75 -21.55
N ARG D 143 -21.65 22.45 -21.50
CA ARG D 143 -21.92 23.40 -20.44
C ARG D 143 -22.23 22.73 -19.11
N LEU D 144 -22.59 21.44 -19.13
CA LEU D 144 -22.90 20.73 -17.90
C LEU D 144 -21.69 20.63 -16.95
N ARG D 145 -20.49 20.88 -17.44
CA ARG D 145 -19.27 20.82 -16.64
C ARG D 145 -18.96 22.13 -15.94
N TYR D 146 -19.96 22.98 -15.70
CA TYR D 146 -19.76 24.29 -15.10
C TYR D 146 -20.35 24.39 -13.69
N ILE D 147 -20.65 23.25 -13.05
CA ILE D 147 -21.22 23.25 -11.71
C ILE D 147 -20.41 22.30 -10.85
N LYS D 148 -20.49 22.51 -9.54
CA LYS D 148 -19.71 21.76 -8.56
C LYS D 148 -20.61 20.77 -7.82
N GLN D 149 -20.16 19.52 -7.73
CA GLN D 149 -20.89 18.53 -6.96
C GLN D 149 -20.89 18.86 -5.49
N LEU D 150 -19.72 19.18 -4.94
CA LEU D 150 -19.63 19.57 -3.53
C LEU D 150 -20.03 21.01 -3.30
N GLY D 151 -20.10 21.82 -4.35
CA GLY D 151 -20.50 23.21 -4.19
C GLY D 151 -19.54 23.97 -3.30
N GLY D 152 -20.09 24.65 -2.30
CA GLY D 152 -19.30 25.43 -1.37
C GLY D 152 -18.28 24.60 -0.61
N GLY D 153 -18.51 23.29 -0.51
CA GLY D 153 -17.53 22.41 0.11
C GLY D 153 -16.19 22.40 -0.60
N TYR D 154 -16.16 22.81 -1.87
CA TYR D 154 -14.88 22.98 -2.55
C TYR D 154 -13.98 23.95 -1.79
N TYR D 155 -14.57 24.95 -1.15
CA TYR D 155 -13.79 25.82 -0.27
C TYR D 155 -13.25 25.02 0.92
N VAL D 156 -14.12 24.23 1.56
CA VAL D 156 -13.69 23.45 2.70
C VAL D 156 -12.76 22.32 2.27
N PHE D 157 -13.13 21.59 1.22
CA PHE D 157 -12.33 20.49 0.72
C PHE D 157 -11.70 20.87 -0.61
N PRO D 158 -10.38 21.06 -0.69
CA PRO D 158 -9.79 21.55 -1.95
C PRO D 158 -9.81 20.52 -3.07
N GLY D 159 -9.57 19.25 -2.76
CA GLY D 159 -9.41 18.24 -3.79
C GLY D 159 -10.69 17.87 -4.52
N ALA D 160 -11.84 18.28 -4.02
CA ALA D 160 -13.14 17.98 -4.64
C ALA D 160 -13.57 19.18 -5.46
N SER D 161 -13.31 19.14 -6.77
CA SER D 161 -13.73 20.20 -7.68
C SER D 161 -14.22 19.61 -8.99
N HIS D 162 -14.75 18.39 -8.96
CA HIS D 162 -15.09 17.66 -10.17
C HIS D 162 -16.23 18.34 -10.93
N ASN D 163 -16.25 18.14 -12.24
CA ASN D 163 -17.30 18.66 -13.10
C ASN D 163 -18.45 17.67 -13.17
N ARG D 164 -19.66 18.20 -13.36
CA ARG D 164 -20.85 17.35 -13.37
C ARG D 164 -20.90 16.50 -14.63
N PHE D 165 -20.36 17.00 -15.74
CA PHE D 165 -20.39 16.25 -16.99
C PHE D 165 -19.60 14.96 -16.87
N GLU D 166 -18.45 15.00 -16.18
CA GLU D 166 -17.67 13.79 -15.98
C GLU D 166 -18.43 12.77 -15.14
N HIS D 167 -19.11 13.22 -14.08
CA HIS D 167 -19.91 12.32 -13.27
C HIS D 167 -21.03 11.70 -14.07
N SER D 168 -21.71 12.50 -14.90
CA SER D 168 -22.77 11.98 -15.74
C SER D 168 -22.23 10.96 -16.74
N LEU D 169 -21.05 11.24 -17.33
CA LEU D 169 -20.44 10.30 -18.26
C LEU D 169 -20.10 9.00 -17.58
N GLY D 170 -19.56 9.06 -16.37
CA GLY D 170 -19.27 7.83 -15.64
C GLY D 170 -20.52 7.04 -15.31
N VAL D 171 -21.59 7.74 -14.91
CA VAL D 171 -22.86 7.07 -14.63
C VAL D 171 -23.40 6.40 -15.89
N GLY D 172 -23.33 7.10 -17.02
CA GLY D 172 -23.78 6.53 -18.28
C GLY D 172 -22.97 5.32 -18.70
N TYR D 173 -21.65 5.38 -18.50
CA TYR D 173 -20.80 4.24 -18.81
C TYR D 173 -21.18 3.04 -17.94
N LEU D 174 -21.41 3.29 -16.65
CA LEU D 174 -21.82 2.21 -15.75
C LEU D 174 -23.16 1.63 -16.17
N ALA D 175 -24.11 2.48 -16.56
CA ALA D 175 -25.42 2.00 -17.00
C ALA D 175 -25.30 1.18 -18.28
N GLY D 176 -24.49 1.63 -19.24
CA GLY D 176 -24.28 0.86 -20.45
C GLY D 176 -23.62 -0.48 -20.19
N CYS D 177 -22.64 -0.50 -19.29
CA CYS D 177 -22.00 -1.76 -18.92
C CYS D 177 -23.00 -2.70 -18.25
N LEU D 178 -23.86 -2.16 -17.38
CA LEU D 178 -24.88 -2.99 -16.74
C LEU D 178 -25.85 -3.56 -17.77
N VAL D 179 -26.26 -2.74 -18.73
CA VAL D 179 -27.17 -3.22 -19.77
C VAL D 179 -26.52 -4.33 -20.60
N HIS D 180 -25.25 -4.14 -20.97
CA HIS D 180 -24.53 -5.16 -21.74
C HIS D 180 -24.39 -6.44 -20.94
N ALA D 181 -24.07 -6.33 -19.64
CA ALA D 181 -23.94 -7.51 -18.80
C ALA D 181 -25.27 -8.25 -18.66
N LEU D 182 -26.37 -7.49 -18.50
CA LEU D 182 -27.68 -8.12 -18.41
C LEU D 182 -28.04 -8.83 -19.71
N GLY D 183 -27.73 -8.21 -20.85
CA GLY D 183 -28.00 -8.86 -22.12
C GLY D 183 -27.17 -10.11 -22.35
N GLU D 184 -25.89 -10.06 -21.98
CA GLU D 184 -25.01 -11.19 -22.23
C GLU D 184 -25.28 -12.35 -21.28
N LYS D 185 -25.55 -12.04 -20.01
CA LYS D 185 -25.76 -13.10 -19.02
C LYS D 185 -27.00 -13.93 -19.33
N GLN D 186 -28.09 -13.26 -19.71
CA GLN D 186 -29.36 -13.93 -20.00
C GLN D 186 -29.71 -13.79 -21.47
N PRO D 187 -29.54 -14.84 -22.29
CA PRO D 187 -29.94 -14.74 -23.70
C PRO D 187 -31.43 -14.48 -23.87
N GLU D 188 -32.26 -15.00 -22.97
CA GLU D 188 -33.71 -14.81 -23.06
C GLU D 188 -34.14 -13.37 -22.80
N LEU D 189 -33.23 -12.52 -22.31
CA LEU D 189 -33.59 -11.12 -22.07
C LEU D 189 -33.92 -10.40 -23.37
N GLN D 190 -33.36 -10.85 -24.49
CA GLN D 190 -33.60 -10.26 -25.81
C GLN D 190 -33.30 -8.76 -25.81
N ILE D 191 -32.05 -8.44 -25.49
CA ILE D 191 -31.62 -7.05 -25.39
C ILE D 191 -31.33 -6.51 -26.77
N SER D 192 -32.06 -5.48 -27.18
CA SER D 192 -31.88 -4.83 -28.46
C SER D 192 -31.17 -3.49 -28.27
N GLU D 193 -31.00 -2.76 -29.37
CA GLU D 193 -30.34 -1.47 -29.32
C GLU D 193 -31.17 -0.42 -28.58
N ARG D 194 -32.49 -0.57 -28.60
CA ARG D 194 -33.37 0.44 -28.00
C ARG D 194 -33.14 0.56 -26.49
N ASP D 195 -33.03 -0.57 -25.80
CA ASP D 195 -32.83 -0.53 -24.36
C ASP D 195 -31.49 0.11 -23.99
N VAL D 196 -30.43 -0.24 -24.73
CA VAL D 196 -29.12 0.35 -24.47
C VAL D 196 -29.13 1.84 -24.76
N LEU D 197 -29.81 2.25 -25.84
CA LEU D 197 -29.90 3.67 -26.16
C LEU D 197 -30.66 4.43 -25.09
N CYS D 198 -31.74 3.84 -24.58
CA CYS D 198 -32.48 4.48 -23.49
C CYS D 198 -31.63 4.59 -22.23
N VAL D 199 -30.85 3.55 -21.92
CA VAL D 199 -29.97 3.59 -20.76
C VAL D 199 -28.93 4.70 -20.92
N GLN D 200 -28.34 4.81 -22.12
CA GLN D 200 -27.35 5.85 -22.37
C GLN D 200 -27.96 7.24 -22.27
N ILE D 201 -29.16 7.42 -22.83
CA ILE D 201 -29.83 8.72 -22.76
C ILE D 201 -30.12 9.10 -21.33
N ALA D 202 -30.58 8.13 -20.53
CA ALA D 202 -30.85 8.38 -19.12
C ALA D 202 -29.58 8.75 -18.37
N GLY D 203 -28.53 7.94 -18.54
CA GLY D 203 -27.27 8.21 -17.86
C GLY D 203 -26.64 9.52 -18.27
N LEU D 204 -26.95 9.99 -19.48
CA LEU D 204 -26.48 11.30 -19.91
C LEU D 204 -27.31 12.42 -19.29
N CYS D 205 -28.61 12.41 -19.53
CA CYS D 205 -29.52 13.47 -19.07
C CYS D 205 -30.17 13.16 -17.73
N HIS D 206 -29.51 12.37 -16.87
CA HIS D 206 -30.05 12.11 -15.54
C HIS D 206 -30.14 13.40 -14.73
N ASP D 207 -29.15 14.27 -14.86
CA ASP D 207 -29.13 15.58 -14.22
C ASP D 207 -28.65 16.62 -15.23
N LEU D 208 -29.23 16.58 -16.43
CA LEU D 208 -28.72 17.36 -17.55
C LEU D 208 -28.74 18.85 -17.26
N GLY D 209 -29.81 19.34 -16.65
CA GLY D 209 -29.93 20.74 -16.35
C GLY D 209 -29.84 21.09 -14.88
N HIS D 210 -28.97 20.40 -14.14
CA HIS D 210 -28.83 20.68 -12.71
C HIS D 210 -28.45 22.14 -12.50
N GLY D 211 -29.02 22.75 -11.47
CA GLY D 211 -28.91 24.17 -11.26
C GLY D 211 -27.48 24.60 -10.95
N PRO D 212 -27.31 25.91 -10.74
CA PRO D 212 -25.97 26.42 -10.39
C PRO D 212 -25.45 25.73 -9.14
N PHE D 213 -24.29 25.08 -9.27
CA PHE D 213 -23.74 24.20 -8.25
C PHE D 213 -24.69 23.03 -7.95
N SER D 214 -25.41 22.58 -8.99
CA SER D 214 -26.28 21.41 -8.92
C SER D 214 -27.31 21.49 -7.81
N HIS D 215 -27.09 20.72 -6.74
CA HIS D 215 -28.08 20.64 -5.66
C HIS D 215 -28.26 21.97 -4.94
N MET D 216 -27.23 22.81 -4.92
CA MET D 216 -27.28 24.06 -4.17
C MET D 216 -28.41 24.95 -4.66
N PHE D 217 -28.48 25.18 -5.97
CA PHE D 217 -29.51 26.06 -6.53
C PHE D 217 -30.90 25.50 -6.29
N ASP D 218 -31.16 24.27 -6.76
CA ASP D 218 -32.48 23.69 -6.64
C ASP D 218 -32.89 23.37 -5.21
N GLY D 219 -31.97 23.42 -4.26
CA GLY D 219 -32.31 23.16 -2.87
C GLY D 219 -32.35 24.40 -2.02
N ARG D 220 -31.83 25.50 -2.55
CA ARG D 220 -31.83 26.78 -1.83
C ARG D 220 -32.48 27.91 -2.60
N PHE D 221 -32.26 27.99 -3.91
CA PHE D 221 -32.65 29.17 -4.69
C PHE D 221 -34.06 29.09 -5.25
N ILE D 222 -34.67 27.90 -5.30
CA ILE D 222 -36.04 27.79 -5.79
C ILE D 222 -37.01 28.60 -4.95
N PRO D 223 -36.94 28.57 -3.61
CA PRO D 223 -37.88 29.37 -2.81
C PRO D 223 -37.84 30.86 -3.09
N LEU D 224 -36.66 31.41 -3.33
CA LEU D 224 -36.53 32.83 -3.67
C LEU D 224 -36.69 33.09 -5.16
N ALA D 225 -36.84 32.03 -5.96
CA ALA D 225 -36.97 32.20 -7.41
C ALA D 225 -38.38 32.56 -7.82
N ARG D 226 -39.33 31.67 -7.55
CA ARG D 226 -40.72 31.87 -7.93
C ARG D 226 -41.62 31.01 -7.04
N PRO D 227 -42.15 31.57 -5.95
CA PRO D 227 -42.94 30.74 -5.01
C PRO D 227 -44.18 30.13 -5.63
N GLU D 228 -44.69 30.67 -6.74
CA GLU D 228 -45.93 30.15 -7.33
C GLU D 228 -45.75 28.72 -7.82
N VAL D 229 -44.64 28.42 -8.46
CA VAL D 229 -44.38 27.10 -9.03
C VAL D 229 -43.19 26.49 -8.30
N LYS D 230 -43.39 25.32 -7.71
CA LYS D 230 -42.35 24.59 -7.01
C LYS D 230 -41.79 23.51 -7.93
N TRP D 231 -40.46 23.40 -7.96
CA TRP D 231 -39.81 22.43 -8.82
C TRP D 231 -38.39 22.19 -8.33
N THR D 232 -38.00 20.92 -8.28
CA THR D 232 -36.64 20.55 -7.91
C THR D 232 -35.75 20.59 -9.13
N HIS D 233 -34.52 20.07 -9.00
CA HIS D 233 -33.58 20.05 -10.12
C HIS D 233 -34.06 19.15 -11.26
N GLU D 234 -35.00 18.24 -10.99
CA GLU D 234 -35.45 17.31 -12.02
C GLU D 234 -36.19 18.05 -13.15
N GLN D 235 -37.04 19.02 -12.80
CA GLN D 235 -37.75 19.75 -13.84
C GLN D 235 -36.78 20.54 -14.72
N GLY D 236 -35.80 21.19 -14.11
CA GLY D 236 -34.79 21.89 -14.88
C GLY D 236 -33.97 20.96 -15.75
N SER D 237 -33.65 19.78 -15.23
CA SER D 237 -32.92 18.79 -16.03
C SER D 237 -33.73 18.33 -17.22
N VAL D 238 -35.02 18.06 -17.02
CA VAL D 238 -35.87 17.63 -18.13
C VAL D 238 -35.98 18.73 -19.17
N MET D 239 -36.19 19.97 -18.72
CA MET D 239 -36.31 21.09 -19.65
C MET D 239 -35.01 21.29 -20.44
N MET D 240 -33.86 21.19 -19.76
CA MET D 240 -32.59 21.36 -20.45
C MET D 240 -32.33 20.24 -21.46
N PHE D 241 -32.68 19.01 -21.11
CA PHE D 241 -32.54 17.92 -22.07
C PHE D 241 -33.44 18.13 -23.29
N GLU D 242 -34.68 18.57 -23.05
CA GLU D 242 -35.58 18.86 -24.17
C GLU D 242 -35.03 19.97 -25.04
N HIS D 243 -34.49 21.02 -24.43
CA HIS D 243 -33.92 22.12 -25.19
C HIS D 243 -32.70 21.67 -25.99
N LEU D 244 -31.87 20.81 -25.41
CA LEU D 244 -30.71 20.30 -26.13
C LEU D 244 -31.14 19.47 -27.33
N ILE D 245 -32.17 18.64 -27.16
CA ILE D 245 -32.67 17.85 -28.27
C ILE D 245 -33.22 18.76 -29.37
N ASN D 246 -33.96 19.81 -28.97
CA ASN D 246 -34.55 20.71 -29.95
C ASN D 246 -33.46 21.48 -30.71
N SER D 247 -32.44 21.96 -30.01
CA SER D 247 -31.41 22.77 -30.65
C SER D 247 -30.45 21.94 -31.49
N ASN D 248 -30.17 20.70 -31.08
CA ASN D 248 -29.22 19.88 -31.82
C ASN D 248 -29.73 19.58 -33.23
N GLY D 249 -31.01 19.29 -33.38
CA GLY D 249 -31.54 18.91 -34.67
C GLY D 249 -30.97 17.61 -35.19
N ILE D 250 -30.90 16.59 -34.34
CA ILE D 250 -30.28 15.32 -34.70
C ILE D 250 -31.31 14.20 -34.65
N LYS D 251 -32.57 14.54 -34.89
CA LYS D 251 -33.62 13.53 -34.93
C LYS D 251 -33.35 12.46 -35.99
N PRO D 252 -32.99 12.82 -37.22
CA PRO D 252 -32.60 11.78 -38.19
C PRO D 252 -31.40 10.97 -37.73
N VAL D 253 -30.46 11.57 -37.01
CA VAL D 253 -29.30 10.83 -36.52
C VAL D 253 -29.74 9.75 -35.55
N MET D 254 -30.64 10.08 -34.63
CA MET D 254 -31.16 9.09 -33.69
C MET D 254 -32.00 8.04 -34.41
N GLU D 255 -32.77 8.46 -35.41
CA GLU D 255 -33.62 7.52 -36.15
C GLU D 255 -32.77 6.50 -36.92
N GLN D 256 -31.65 6.95 -37.49
CA GLN D 256 -30.77 6.04 -38.23
C GLN D 256 -30.14 4.99 -37.33
N TYR D 257 -30.18 5.18 -36.02
CA TYR D 257 -29.72 4.19 -35.07
C TYR D 257 -30.83 3.26 -34.59
N GLY D 258 -32.05 3.46 -35.08
CA GLY D 258 -33.15 2.58 -34.71
C GLY D 258 -33.94 2.99 -33.49
N LEU D 259 -33.84 4.25 -33.06
CA LEU D 259 -34.47 4.71 -31.83
C LEU D 259 -35.64 5.64 -32.14
N ILE D 260 -36.69 5.53 -31.32
CA ILE D 260 -37.84 6.42 -31.41
C ILE D 260 -37.56 7.65 -30.56
N PRO D 261 -37.58 8.86 -31.12
CA PRO D 261 -37.16 10.04 -30.36
C PRO D 261 -38.05 10.35 -29.16
N GLU D 262 -39.35 10.50 -29.39
CA GLU D 262 -40.25 10.90 -28.31
C GLU D 262 -40.30 9.85 -27.20
N GLU D 263 -40.41 8.59 -27.59
CA GLU D 263 -40.49 7.51 -26.59
C GLU D 263 -39.22 7.44 -25.77
N ASP D 264 -38.06 7.52 -26.42
CA ASP D 264 -36.79 7.46 -25.69
C ASP D 264 -36.63 8.65 -24.76
N ILE D 265 -36.99 9.85 -25.23
CA ILE D 265 -36.86 11.04 -24.40
C ILE D 265 -37.77 10.94 -23.17
N CYS D 266 -39.02 10.51 -23.38
CA CYS D 266 -39.96 10.37 -22.28
C CYS D 266 -39.48 9.30 -21.29
N PHE D 267 -38.98 8.17 -21.80
CA PHE D 267 -38.49 7.11 -20.93
C PHE D 267 -37.30 7.58 -20.11
N ILE D 268 -36.37 8.32 -20.74
CA ILE D 268 -35.21 8.84 -20.01
C ILE D 268 -35.66 9.82 -18.93
N LYS D 269 -36.60 10.69 -19.27
CA LYS D 269 -37.10 11.65 -18.29
C LYS D 269 -37.78 10.93 -17.13
N GLU D 270 -38.56 9.89 -17.41
CA GLU D 270 -39.23 9.14 -16.35
C GLU D 270 -38.22 8.43 -15.47
N GLN D 271 -37.17 7.85 -16.07
CA GLN D 271 -36.12 7.19 -15.30
C GLN D 271 -35.51 8.12 -14.26
N ILE D 272 -35.60 9.42 -14.48
CA ILE D 272 -35.11 10.45 -13.55
C ILE D 272 -36.11 10.59 -12.42
N VAL D 273 -35.74 11.40 -11.41
CA VAL D 273 -36.56 11.52 -10.20
C VAL D 273 -37.99 11.93 -10.55
N GLY D 274 -38.17 12.74 -11.58
CA GLY D 274 -39.49 13.17 -12.01
C GLY D 274 -40.43 12.01 -12.31
N PRO D 275 -41.67 12.10 -11.79
CA PRO D 275 -42.63 11.01 -12.02
C PRO D 275 -43.43 11.20 -13.30
N LEU D 276 -43.28 10.27 -14.24
CA LEU D 276 -43.99 10.39 -15.52
C LEU D 276 -45.50 10.32 -15.35
N GLU D 277 -45.97 9.41 -14.51
CA GLU D 277 -47.40 9.20 -14.30
C GLU D 277 -47.77 9.55 -12.86
N SER D 278 -49.06 9.82 -12.66
CA SER D 278 -49.59 10.22 -11.37
C SER D 278 -49.76 9.01 -10.45
N PRO D 279 -50.19 7.87 -10.98
CA PRO D 279 -50.42 6.69 -10.13
C PRO D 279 -49.19 6.31 -9.33
N VAL D 280 -49.40 6.01 -8.05
CA VAL D 280 -48.31 5.58 -7.18
C VAL D 280 -48.05 4.09 -7.34
N GLU D 281 -49.04 3.27 -7.00
CA GLU D 281 -48.93 1.83 -7.18
C GLU D 281 -50.21 1.17 -7.67
N ASP D 282 -51.29 1.93 -7.91
CA ASP D 282 -52.54 1.32 -8.33
C ASP D 282 -52.57 1.07 -9.84
N SER D 283 -52.48 2.13 -10.63
CA SER D 283 -52.47 2.02 -12.09
C SER D 283 -51.02 2.07 -12.55
N LEU D 284 -50.33 0.95 -12.37
CA LEU D 284 -48.90 0.83 -12.67
C LEU D 284 -48.14 1.81 -11.78
N TRP D 285 -47.01 2.33 -12.25
CA TRP D 285 -46.17 3.24 -11.49
C TRP D 285 -46.03 4.55 -12.26
N PRO D 286 -45.27 5.52 -11.74
CA PRO D 286 -45.10 6.77 -12.48
C PRO D 286 -44.28 6.55 -13.75
N TYR D 287 -44.80 5.72 -14.64
CA TYR D 287 -44.11 5.26 -15.84
C TYR D 287 -45.07 5.33 -17.04
N LYS D 288 -45.70 6.49 -17.22
CA LYS D 288 -46.67 6.66 -18.31
C LYS D 288 -46.14 6.21 -19.66
N GLY D 289 -44.82 6.20 -19.84
CA GLY D 289 -44.24 5.70 -21.08
C GLY D 289 -43.38 4.47 -20.89
N ARG D 290 -43.22 4.03 -19.64
CA ARG D 290 -42.36 2.89 -19.33
C ARG D 290 -43.15 1.76 -18.70
N PRO D 291 -42.54 0.59 -18.49
CA PRO D 291 -43.25 -0.49 -17.79
C PRO D 291 -43.05 -0.44 -16.28
N GLU D 292 -44.13 -0.49 -15.51
CA GLU D 292 -44.01 -0.47 -14.06
C GLU D 292 -43.34 -1.74 -13.54
N ASN D 293 -43.68 -2.90 -14.13
CA ASN D 293 -43.08 -4.15 -13.70
C ASN D 293 -41.58 -4.18 -13.98
N LYS D 294 -41.17 -3.66 -15.13
CA LYS D 294 -39.76 -3.66 -15.51
C LYS D 294 -38.95 -2.77 -14.57
N SER D 295 -37.78 -3.26 -14.18
CA SER D 295 -36.90 -2.52 -13.29
C SER D 295 -35.45 -2.98 -13.46
N VAL D 310 -25.38 1.76 -9.66
CA VAL D 310 -25.74 2.37 -10.93
C VAL D 310 -25.22 3.81 -11.00
N ASP D 311 -26.13 4.75 -11.26
CA ASP D 311 -25.75 6.16 -11.28
C ASP D 311 -25.29 6.63 -9.90
N LYS D 312 -26.00 6.22 -8.85
CA LYS D 312 -25.61 6.60 -7.51
C LYS D 312 -24.24 6.03 -7.15
N TRP D 313 -23.99 4.78 -7.52
CA TRP D 313 -22.69 4.17 -7.25
C TRP D 313 -21.57 4.89 -8.00
N ASP D 314 -21.80 5.23 -9.26
CA ASP D 314 -20.79 5.95 -10.03
C ASP D 314 -20.51 7.33 -9.45
N TYR D 315 -21.57 8.05 -9.06
CA TYR D 315 -21.38 9.36 -8.47
C TYR D 315 -20.64 9.27 -7.13
N PHE D 316 -20.98 8.26 -6.32
CA PHE D 316 -20.28 8.08 -5.05
C PHE D 316 -18.82 7.76 -5.27
N ALA D 317 -18.51 6.89 -6.23
CA ALA D 317 -17.12 6.56 -6.53
C ALA D 317 -16.36 7.78 -7.02
N ARG D 318 -16.98 8.59 -7.89
CA ARG D 318 -16.31 9.79 -8.38
C ARG D 318 -16.06 10.79 -7.25
N ASP D 319 -17.03 10.97 -6.37
CA ASP D 319 -16.85 11.88 -5.24
C ASP D 319 -15.77 11.38 -4.29
N CYS D 320 -15.73 10.09 -4.03
CA CYS D 320 -14.69 9.52 -3.17
C CYS D 320 -13.31 9.70 -3.79
N HIS D 321 -13.19 9.46 -5.10
CA HIS D 321 -11.90 9.63 -5.76
C HIS D 321 -11.46 11.09 -5.76
N HIS D 322 -12.38 12.01 -6.01
CA HIS D 322 -12.02 13.43 -6.08
C HIS D 322 -11.66 13.97 -4.70
N LEU D 323 -12.48 13.67 -3.69
CA LEU D 323 -12.29 14.21 -2.36
C LEU D 323 -11.24 13.44 -1.55
N GLY D 324 -10.70 12.36 -2.08
CA GLY D 324 -9.73 11.57 -1.35
C GLY D 324 -10.30 10.70 -0.26
N ILE D 325 -11.62 10.50 -0.24
CA ILE D 325 -12.26 9.66 0.77
C ILE D 325 -12.11 8.20 0.35
N GLN D 326 -11.58 7.38 1.25
CA GLN D 326 -11.38 5.97 0.95
C GLN D 326 -12.72 5.25 0.86
N ASN D 327 -12.89 4.48 -0.21
CA ASN D 327 -14.13 3.72 -0.44
C ASN D 327 -13.77 2.24 -0.40
N ASN D 328 -14.28 1.54 0.63
CA ASN D 328 -14.02 0.11 0.76
C ASN D 328 -14.83 -0.74 -0.21
N PHE D 329 -15.79 -0.14 -0.91
CA PHE D 329 -16.65 -0.86 -1.84
C PHE D 329 -16.21 -0.58 -3.27
N ASP D 330 -16.12 -1.62 -4.08
CA ASP D 330 -15.78 -1.51 -5.49
C ASP D 330 -17.06 -1.53 -6.31
N TYR D 331 -17.18 -0.56 -7.23
CA TYR D 331 -18.37 -0.48 -8.06
C TYR D 331 -18.44 -1.63 -9.07
N LYS D 332 -17.29 -2.10 -9.54
CA LYS D 332 -17.28 -3.19 -10.52
C LYS D 332 -17.86 -4.46 -9.92
N ARG D 333 -17.51 -4.76 -8.67
CA ARG D 333 -18.04 -5.97 -8.02
C ARG D 333 -19.55 -5.89 -7.87
N PHE D 334 -20.08 -4.73 -7.47
CA PHE D 334 -21.52 -4.57 -7.35
C PHE D 334 -22.20 -4.68 -8.71
N ILE D 335 -21.59 -4.12 -9.75
CA ILE D 335 -22.18 -4.19 -11.08
C ILE D 335 -22.22 -5.63 -11.57
N LYS D 336 -21.14 -6.38 -11.34
CA LYS D 336 -21.07 -7.77 -11.79
C LYS D 336 -21.89 -8.72 -10.93
N PHE D 337 -22.43 -8.25 -9.80
CA PHE D 337 -23.21 -9.08 -8.89
C PHE D 337 -24.69 -8.69 -8.91
N ALA D 338 -25.21 -8.37 -10.10
CA ALA D 338 -26.61 -8.02 -10.27
C ALA D 338 -27.25 -8.96 -11.28
N ARG D 339 -28.45 -9.42 -10.96
CA ARG D 339 -29.17 -10.34 -11.83
C ARG D 339 -30.64 -9.93 -11.91
N VAL D 340 -31.30 -10.40 -12.96
CA VAL D 340 -32.73 -10.14 -13.16
C VAL D 340 -33.50 -11.31 -12.55
N CYS D 341 -34.39 -11.00 -11.61
CA CYS D 341 -35.16 -12.01 -10.91
C CYS D 341 -36.65 -11.68 -10.99
N GLU D 342 -37.48 -12.71 -10.94
CA GLU D 342 -38.93 -12.57 -11.03
C GLU D 342 -39.49 -12.47 -9.62
N VAL D 343 -39.78 -11.25 -9.19
CA VAL D 343 -40.40 -10.98 -7.89
C VAL D 343 -41.74 -10.31 -8.14
N ASP D 344 -42.79 -10.86 -7.53
CA ASP D 344 -44.16 -10.37 -7.71
C ASP D 344 -44.53 -10.33 -9.19
N ASN D 345 -44.09 -11.36 -9.92
CA ASN D 345 -44.30 -11.46 -11.37
C ASN D 345 -43.77 -10.22 -12.09
N GLU D 346 -42.62 -9.72 -11.65
CA GLU D 346 -42.01 -8.55 -12.25
C GLU D 346 -40.49 -8.70 -12.22
N LEU D 347 -39.84 -8.19 -13.26
CA LEU D 347 -38.38 -8.21 -13.31
C LEU D 347 -37.80 -7.21 -12.32
N ARG D 348 -36.82 -7.64 -11.54
CA ARG D 348 -36.21 -6.79 -10.54
C ARG D 348 -34.74 -7.14 -10.40
N ILE D 349 -33.98 -6.21 -9.83
CA ILE D 349 -32.55 -6.39 -9.63
C ILE D 349 -32.32 -7.13 -8.31
N CYS D 350 -31.54 -8.20 -8.37
CA CYS D 350 -31.20 -8.99 -7.20
C CYS D 350 -29.69 -9.12 -7.10
N ALA D 351 -29.19 -9.02 -5.88
CA ALA D 351 -27.76 -9.09 -5.61
C ALA D 351 -27.37 -10.47 -5.07
N ARG D 352 -26.07 -10.74 -5.06
CA ARG D 352 -25.57 -12.01 -4.56
C ARG D 352 -25.78 -12.10 -3.05
N ASP D 353 -26.02 -13.33 -2.58
CA ASP D 353 -26.23 -13.56 -1.16
C ASP D 353 -24.97 -13.34 -0.33
N LYS D 354 -23.80 -13.40 -0.95
CA LYS D 354 -22.53 -13.20 -0.26
C LYS D 354 -21.92 -11.83 -0.57
N GLU D 355 -22.76 -10.81 -0.73
CA GLU D 355 -22.30 -9.47 -1.05
C GLU D 355 -22.78 -8.45 -0.02
N VAL D 356 -23.00 -8.89 1.22
CA VAL D 356 -23.43 -7.97 2.28
C VAL D 356 -22.32 -6.98 2.59
N GLY D 357 -21.07 -7.44 2.57
CA GLY D 357 -19.96 -6.54 2.87
C GLY D 357 -19.84 -5.42 1.86
N ASN D 358 -20.04 -5.74 0.58
CA ASN D 358 -19.98 -4.71 -0.45
C ASN D 358 -21.09 -3.70 -0.26
N LEU D 359 -22.30 -4.18 0.03
CA LEU D 359 -23.44 -3.28 0.24
C LEU D 359 -23.15 -2.35 1.41
N TYR D 360 -22.70 -2.90 2.54
CA TYR D 360 -22.40 -2.10 3.72
C TYR D 360 -21.34 -1.06 3.41
N ASP D 361 -20.24 -1.47 2.77
CA ASP D 361 -19.18 -0.53 2.45
C ASP D 361 -19.69 0.59 1.54
N MET D 362 -20.50 0.22 0.53
CA MET D 362 -21.04 1.23 -0.38
C MET D 362 -21.88 2.24 0.39
N PHE D 363 -22.77 1.75 1.25
CA PHE D 363 -23.62 2.65 2.02
C PHE D 363 -22.77 3.56 2.90
N HIS D 364 -21.76 3.00 3.56
CA HIS D 364 -20.88 3.79 4.41
C HIS D 364 -20.22 4.90 3.61
N THR D 365 -19.65 4.55 2.46
CA THR D 365 -18.98 5.54 1.62
C THR D 365 -19.95 6.63 1.20
N ARG D 366 -21.17 6.24 0.80
CA ARG D 366 -22.16 7.21 0.37
C ARG D 366 -22.48 8.17 1.51
N ASN D 367 -22.72 7.63 2.71
CA ASN D 367 -23.03 8.48 3.84
C ASN D 367 -21.90 9.44 4.15
N SER D 368 -20.65 8.94 4.13
CA SER D 368 -19.51 9.79 4.40
C SER D 368 -19.43 10.92 3.39
N LEU D 369 -19.57 10.59 2.11
CA LEU D 369 -19.51 11.61 1.07
C LEU D 369 -20.61 12.64 1.25
N HIS D 370 -21.82 12.17 1.55
CA HIS D 370 -22.95 13.09 1.74
C HIS D 370 -22.67 14.05 2.89
N ARG D 371 -22.17 13.52 4.02
CA ARG D 371 -21.88 14.37 5.16
C ARG D 371 -20.82 15.39 4.81
N ARG D 372 -19.74 14.95 4.15
CA ARG D 372 -18.67 15.88 3.77
C ARG D 372 -19.21 16.99 2.88
N ALA D 373 -20.05 16.64 1.91
CA ALA D 373 -20.60 17.62 0.98
C ALA D 373 -21.56 18.59 1.65
N TYR D 374 -22.37 18.10 2.60
CA TYR D 374 -23.38 18.94 3.24
C TYR D 374 -22.97 19.52 4.58
N GLN D 375 -22.30 18.76 5.44
CA GLN D 375 -22.01 19.20 6.80
C GLN D 375 -20.76 20.06 6.91
N HIS D 376 -20.12 20.38 5.79
CA HIS D 376 -18.93 21.22 5.82
C HIS D 376 -19.25 22.60 6.41
N LYS D 377 -18.49 22.99 7.43
CA LYS D 377 -18.67 24.31 8.03
C LYS D 377 -18.42 25.42 7.02
N VAL D 378 -17.25 25.38 6.36
CA VAL D 378 -16.97 26.37 5.35
C VAL D 378 -17.93 26.18 4.18
N GLY D 379 -18.22 24.93 3.81
CA GLY D 379 -19.17 24.70 2.74
C GLY D 379 -20.49 25.37 3.04
N ASN D 380 -21.02 25.13 4.25
CA ASN D 380 -22.29 25.71 4.69
C ASN D 380 -22.27 27.22 4.58
N ILE D 381 -21.18 27.84 5.06
CA ILE D 381 -21.04 29.29 5.00
C ILE D 381 -21.04 29.75 3.55
N ILE D 382 -20.30 29.06 2.68
CA ILE D 382 -20.24 29.45 1.27
C ILE D 382 -21.63 29.35 0.67
N ASP D 383 -22.35 28.27 0.99
CA ASP D 383 -23.70 28.00 0.51
C ASP D 383 -24.58 29.21 0.81
N THR D 384 -24.80 29.45 2.11
CA THR D 384 -25.62 30.57 2.55
C THR D 384 -25.19 31.89 1.94
N MET D 385 -23.88 32.13 1.83
CA MET D 385 -23.40 33.36 1.20
C MET D 385 -23.77 33.40 -0.28
N ILE D 386 -23.72 32.26 -0.97
CA ILE D 386 -24.11 32.20 -2.37
C ILE D 386 -25.59 32.54 -2.52
N THR D 387 -26.42 32.00 -1.64
CA THR D 387 -27.85 32.32 -1.70
C THR D 387 -28.08 33.81 -1.42
N ASP D 388 -27.33 34.37 -0.47
CA ASP D 388 -27.45 35.80 -0.17
C ASP D 388 -27.03 36.64 -1.36
N ALA D 389 -25.95 36.25 -2.05
CA ALA D 389 -25.50 36.96 -3.25
C ALA D 389 -26.53 36.85 -4.36
N PHE D 390 -27.13 35.67 -4.53
CA PHE D 390 -28.15 35.49 -5.55
C PHE D 390 -29.37 36.37 -5.28
N LEU D 391 -29.78 36.46 -4.00
CA LEU D 391 -30.97 37.25 -3.70
C LEU D 391 -30.68 38.74 -3.78
N LYS D 392 -29.50 39.16 -3.31
CA LYS D 392 -29.19 40.60 -3.24
C LYS D 392 -29.15 41.22 -4.63
N ALA D 393 -28.61 40.49 -5.61
CA ALA D 393 -28.46 40.99 -6.98
C ALA D 393 -29.59 40.55 -7.89
N ASP D 394 -30.81 40.40 -7.36
CA ASP D 394 -31.94 40.04 -8.21
C ASP D 394 -32.20 41.11 -9.27
N ASP D 395 -32.13 42.38 -8.88
CA ASP D 395 -32.32 43.50 -9.80
C ASP D 395 -31.00 43.98 -10.41
N TYR D 396 -29.96 43.15 -10.40
CA TYR D 396 -28.67 43.54 -10.97
C TYR D 396 -28.02 42.42 -11.78
N ILE D 397 -28.81 41.47 -12.28
CA ILE D 397 -28.29 40.40 -13.11
C ILE D 397 -29.44 39.85 -13.94
N GLU D 398 -29.14 39.44 -15.16
CA GLU D 398 -30.15 38.93 -16.09
C GLU D 398 -29.43 38.17 -17.20
N ILE D 399 -30.21 37.58 -18.10
CA ILE D 399 -29.69 36.79 -19.21
C ILE D 399 -30.37 37.21 -20.50
N THR D 400 -29.80 36.73 -21.60
CA THR D 400 -30.35 36.94 -22.93
C THR D 400 -30.47 35.60 -23.64
N GLY D 401 -31.59 35.39 -24.31
CA GLY D 401 -31.85 34.14 -25.00
C GLY D 401 -32.83 34.33 -26.13
N ALA D 402 -33.74 33.37 -26.28
CA ALA D 402 -34.73 33.44 -27.33
C ALA D 402 -35.69 34.60 -27.09
N GLY D 403 -36.00 35.34 -28.17
CA GLY D 403 -36.92 36.45 -28.07
C GLY D 403 -36.36 37.70 -27.44
N GLY D 404 -35.05 37.76 -27.21
CA GLY D 404 -34.46 38.92 -26.55
C GLY D 404 -34.96 39.13 -25.15
N LYS D 405 -35.21 38.06 -24.42
CA LYS D 405 -35.75 38.17 -23.07
C LYS D 405 -34.68 38.66 -22.10
N LYS D 406 -35.11 39.43 -21.12
CA LYS D 406 -34.26 39.92 -20.04
C LYS D 406 -34.87 39.43 -18.73
N TYR D 407 -34.51 38.21 -18.33
CA TYR D 407 -35.03 37.58 -17.13
C TYR D 407 -33.92 37.44 -16.09
N ARG D 408 -34.27 37.64 -14.83
CA ARG D 408 -33.31 37.58 -13.74
C ARG D 408 -32.96 36.12 -13.42
N ILE D 409 -32.04 35.95 -12.47
CA ILE D 409 -31.59 34.62 -12.07
C ILE D 409 -32.69 33.80 -11.39
N SER D 410 -33.79 34.45 -11.01
CA SER D 410 -34.91 33.73 -10.42
C SER D 410 -35.66 32.89 -11.44
N THR D 411 -35.70 33.31 -12.70
CA THR D 411 -36.43 32.63 -13.75
C THR D 411 -35.54 31.77 -14.63
N ALA D 412 -34.52 31.14 -14.04
CA ALA D 412 -33.56 30.36 -14.82
C ALA D 412 -34.02 28.93 -15.10
N ILE D 413 -35.14 28.49 -14.52
CA ILE D 413 -35.64 27.14 -14.77
C ILE D 413 -36.90 27.15 -15.62
N ASP D 414 -37.78 28.16 -15.48
CA ASP D 414 -39.00 28.17 -16.26
C ASP D 414 -38.71 28.26 -17.75
N ASP D 415 -37.73 29.07 -18.14
CA ASP D 415 -37.35 29.24 -19.53
C ASP D 415 -36.03 28.52 -19.79
N MET D 416 -36.04 27.63 -20.78
CA MET D 416 -34.83 26.90 -21.13
C MET D 416 -33.75 27.83 -21.68
N GLU D 417 -34.16 28.96 -22.27
CA GLU D 417 -33.19 29.93 -22.75
C GLU D 417 -32.37 30.51 -21.60
N ALA D 418 -33.01 30.78 -20.47
CA ALA D 418 -32.28 31.23 -19.30
C ALA D 418 -31.33 30.15 -18.79
N TYR D 419 -31.77 28.89 -18.82
CA TYR D 419 -30.94 27.78 -18.37
C TYR D 419 -29.74 27.57 -19.29
N THR D 420 -29.87 27.91 -20.56
CA THR D 420 -28.77 27.72 -21.50
C THR D 420 -27.55 28.55 -21.11
N LYS D 421 -27.77 29.81 -20.71
CA LYS D 421 -26.69 30.69 -20.31
C LYS D 421 -26.33 30.56 -18.83
N LEU D 422 -26.66 29.42 -18.22
CA LEU D 422 -26.46 29.21 -16.79
C LEU D 422 -25.10 28.57 -16.52
N THR D 423 -24.37 29.16 -15.59
CA THR D 423 -23.07 28.63 -15.15
C THR D 423 -22.82 29.13 -13.74
N ASP D 424 -21.86 28.49 -13.06
CA ASP D 424 -21.45 28.93 -11.75
C ASP D 424 -20.61 30.18 -11.79
N ASN D 425 -20.47 30.80 -12.97
CA ASN D 425 -19.66 31.99 -13.12
C ASN D 425 -20.14 33.14 -12.26
N ILE D 426 -21.41 33.12 -11.82
CA ILE D 426 -21.88 34.15 -10.92
C ILE D 426 -21.02 34.17 -9.67
N PHE D 427 -20.67 32.99 -9.14
CA PHE D 427 -19.83 32.89 -7.96
C PHE D 427 -18.51 33.63 -8.11
N LEU D 428 -18.14 33.98 -9.34
CA LEU D 428 -17.07 34.93 -9.61
C LEU D 428 -17.59 36.23 -10.22
N GLU D 429 -18.55 36.16 -11.13
CA GLU D 429 -18.96 37.35 -11.87
C GLU D 429 -19.61 38.38 -10.96
N ILE D 430 -20.57 37.95 -10.15
CA ILE D 430 -21.16 38.84 -9.16
C ILE D 430 -20.10 39.33 -8.18
N LEU D 431 -19.03 38.55 -8.00
CA LEU D 431 -17.93 38.93 -7.13
C LEU D 431 -16.88 39.78 -7.82
N TYR D 432 -16.96 39.94 -9.15
CA TYR D 432 -15.91 40.63 -9.88
C TYR D 432 -16.35 41.96 -10.50
N SER D 433 -17.64 42.24 -10.60
CA SER D 433 -18.09 43.48 -11.21
C SER D 433 -17.62 44.67 -10.39
N THR D 434 -17.21 45.72 -11.09
CA THR D 434 -16.64 46.93 -10.49
C THR D 434 -17.49 48.15 -10.78
N ASP D 435 -18.81 48.01 -10.68
CA ASP D 435 -19.67 49.15 -10.98
C ASP D 435 -20.20 49.78 -9.70
N PRO D 436 -20.29 51.11 -9.66
CA PRO D 436 -20.87 51.76 -8.47
C PRO D 436 -22.31 51.37 -8.21
N LYS D 437 -23.10 51.12 -9.26
CA LYS D 437 -24.50 50.76 -9.09
C LYS D 437 -24.68 49.46 -8.32
N LEU D 438 -23.63 48.63 -8.24
CA LEU D 438 -23.66 47.41 -7.45
C LEU D 438 -22.59 47.44 -6.36
N LYS D 439 -22.22 48.64 -5.91
CA LYS D 439 -21.13 48.77 -4.94
C LYS D 439 -21.43 47.98 -3.68
N ASP D 440 -22.61 48.20 -3.08
CA ASP D 440 -23.02 47.39 -1.94
C ASP D 440 -23.07 45.91 -2.31
N ALA D 441 -23.57 45.61 -3.52
CA ALA D 441 -23.50 44.25 -4.03
C ALA D 441 -22.05 43.80 -4.18
N ARG D 442 -21.21 44.68 -4.70
CA ARG D 442 -19.77 44.38 -4.71
C ARG D 442 -19.25 44.16 -3.31
N GLU D 443 -19.84 44.87 -2.33
CA GLU D 443 -19.45 44.68 -0.93
C GLU D 443 -19.70 43.25 -0.46
N ILE D 444 -20.62 42.53 -1.09
CA ILE D 444 -20.80 41.12 -0.77
C ILE D 444 -19.52 40.36 -1.06
N LEU D 445 -18.92 40.61 -2.22
CA LEU D 445 -17.61 40.04 -2.50
C LEU D 445 -16.57 40.55 -1.53
N LYS D 446 -16.76 41.76 -1.00
CA LYS D 446 -15.87 42.27 0.05
C LYS D 446 -15.91 41.40 1.30
N GLN D 447 -17.05 40.75 1.57
CA GLN D 447 -17.11 39.81 2.68
C GLN D 447 -16.21 38.61 2.43
N ILE D 448 -15.89 38.34 1.17
CA ILE D 448 -14.94 37.30 0.82
C ILE D 448 -13.55 37.89 0.64
N GLU D 449 -13.44 39.19 0.36
CA GLU D 449 -12.14 39.84 0.26
C GLU D 449 -11.42 39.93 1.60
N TYR D 450 -12.12 39.71 2.70
CA TYR D 450 -11.52 39.56 4.01
C TYR D 450 -12.20 38.35 4.65
N ARG D 451 -11.50 37.23 4.69
CA ARG D 451 -12.11 35.94 5.06
C ARG D 451 -12.61 35.94 6.49
N ASN D 452 -13.94 35.92 6.65
CA ASN D 452 -14.55 35.78 7.96
C ASN D 452 -15.95 35.20 7.75
N LEU D 453 -16.08 33.90 8.00
CA LEU D 453 -17.33 33.20 7.77
C LEU D 453 -18.21 33.24 9.02
N PHE D 454 -19.48 32.87 8.83
CA PHE D 454 -20.46 32.91 9.91
C PHE D 454 -20.11 31.90 11.00
N LYS D 455 -20.33 32.31 12.25
CA LYS D 455 -20.04 31.45 13.39
C LYS D 455 -21.08 30.33 13.50
N TYR D 456 -20.62 29.17 13.95
CA TYR D 456 -21.47 28.00 14.11
C TYR D 456 -21.89 27.86 15.56
N VAL D 457 -23.21 27.75 15.80
CA VAL D 457 -23.75 27.65 17.15
C VAL D 457 -24.03 26.19 17.48
N GLY D 458 -24.89 25.56 16.69
CA GLY D 458 -25.27 24.18 16.95
C GLY D 458 -26.41 23.75 16.06
N GLU D 459 -27.13 22.72 16.50
CA GLU D 459 -28.25 22.16 15.75
C GLU D 459 -29.13 21.36 16.69
N THR D 460 -30.17 20.76 16.14
CA THR D 460 -31.11 19.93 16.88
C THR D 460 -31.78 18.97 15.91
N GLN D 461 -32.79 18.26 16.39
CA GLN D 461 -33.54 17.31 15.58
C GLN D 461 -35.03 17.55 15.73
N PRO D 462 -35.82 17.25 14.70
CA PRO D 462 -37.26 17.47 14.79
C PRO D 462 -37.92 16.51 15.78
N THR D 463 -39.07 16.94 16.31
CA THR D 463 -39.83 16.14 17.26
C THR D 463 -41.30 16.16 16.89
N GLY D 464 -42.01 15.12 17.28
CA GLY D 464 -43.43 15.03 16.99
C GLY D 464 -43.69 14.97 15.50
N GLN D 465 -44.45 15.94 15.00
CA GLN D 465 -44.74 16.03 13.57
C GLN D 465 -44.53 17.41 12.99
N ILE D 466 -44.33 18.44 13.82
CA ILE D 466 -44.12 19.79 13.33
C ILE D 466 -42.68 19.92 12.83
N LYS D 467 -42.53 20.27 11.55
CA LYS D 467 -41.22 20.44 10.95
C LYS D 467 -41.27 21.60 9.97
N ILE D 468 -40.09 22.18 9.72
CA ILE D 468 -39.97 23.29 8.77
C ILE D 468 -39.87 22.72 7.36
N LYS D 469 -41.00 22.60 6.69
CA LYS D 469 -41.05 22.03 5.35
C LYS D 469 -40.67 23.10 4.32
N ARG D 470 -40.90 22.80 3.05
CA ARG D 470 -40.59 23.77 1.99
C ARG D 470 -41.46 25.01 2.12
N GLU D 471 -42.69 24.87 2.60
CA GLU D 471 -43.53 26.03 2.84
C GLU D 471 -42.92 26.95 3.88
N ASP D 472 -42.30 26.38 4.92
CA ASP D 472 -41.61 27.16 5.94
C ASP D 472 -40.19 27.54 5.54
N TYR D 473 -39.72 27.10 4.36
CA TYR D 473 -38.37 27.43 3.95
C TYR D 473 -38.21 28.94 3.72
N GLU D 474 -39.22 29.58 3.14
CA GLU D 474 -39.16 31.01 2.90
C GLU D 474 -39.61 31.82 4.11
N SER D 475 -40.05 31.16 5.18
CA SER D 475 -40.50 31.82 6.39
C SER D 475 -39.61 31.56 7.59
N LEU D 476 -38.77 30.53 7.55
CA LEU D 476 -37.90 30.23 8.67
C LEU D 476 -36.94 31.35 9.00
N PRO D 477 -36.24 31.97 8.03
CA PRO D 477 -35.43 33.14 8.36
C PRO D 477 -36.22 34.28 8.95
N LYS D 478 -37.45 34.50 8.46
CA LYS D 478 -38.30 35.54 9.02
C LYS D 478 -38.72 35.18 10.44
N GLU D 479 -39.02 33.90 10.69
CA GLU D 479 -39.36 33.48 12.04
C GLU D 479 -38.19 33.67 13.00
N VAL D 480 -36.97 33.37 12.54
CA VAL D 480 -35.79 33.56 13.37
C VAL D 480 -35.55 35.05 13.63
N ALA D 481 -35.75 35.89 12.62
CA ALA D 481 -35.54 37.33 12.77
C ALA D 481 -36.55 37.97 13.70
N SER D 482 -37.73 37.37 13.88
CA SER D 482 -38.77 37.92 14.73
C SER D 482 -38.70 37.42 16.17
N ALA D 483 -37.69 36.62 16.50
CA ALA D 483 -37.58 36.09 17.85
C ALA D 483 -37.25 37.19 18.85
N LYS D 484 -37.82 37.07 20.05
CA LYS D 484 -37.60 38.03 21.13
C LYS D 484 -37.26 37.26 22.40
N PRO D 485 -36.04 36.72 22.49
CA PRO D 485 -35.66 35.95 23.68
C PRO D 485 -35.67 36.81 24.93
N LYS D 486 -36.03 36.19 26.05
CA LYS D 486 -36.08 36.87 27.35
C LYS D 486 -34.76 36.77 28.10
N VAL D 487 -33.67 37.15 27.43
CA VAL D 487 -32.34 37.12 28.02
C VAL D 487 -31.63 38.43 27.70
N LEU D 488 -30.56 38.70 28.44
CA LEU D 488 -29.80 39.92 28.26
C LEU D 488 -29.06 39.86 26.92
N LEU D 489 -29.59 40.56 25.93
CA LEU D 489 -29.00 40.61 24.60
C LEU D 489 -28.98 42.05 24.10
N ASP D 490 -27.92 42.41 23.38
CA ASP D 490 -27.76 43.76 22.87
C ASP D 490 -27.62 43.85 21.36
N VAL D 491 -27.47 42.73 20.66
CA VAL D 491 -27.30 42.72 19.21
C VAL D 491 -28.44 41.90 18.60
N LYS D 492 -29.16 42.49 17.66
CA LYS D 492 -30.27 41.85 16.99
C LYS D 492 -30.10 41.97 15.48
N LEU D 493 -30.74 41.06 14.76
CA LEU D 493 -30.64 41.00 13.31
C LEU D 493 -32.04 40.99 12.69
N LYS D 494 -32.15 41.55 11.50
CA LYS D 494 -33.40 41.60 10.77
C LYS D 494 -33.53 40.37 9.87
N ALA D 495 -34.52 40.39 8.98
CA ALA D 495 -34.72 39.25 8.08
C ALA D 495 -33.54 39.05 7.14
N GLU D 496 -32.99 40.14 6.61
CA GLU D 496 -31.86 40.03 5.70
C GLU D 496 -30.57 39.64 6.43
N ASP D 497 -30.46 39.95 7.72
CA ASP D 497 -29.28 39.63 8.51
C ASP D 497 -29.40 38.30 9.26
N PHE D 498 -30.50 37.57 9.08
CA PHE D 498 -30.70 36.28 9.74
C PHE D 498 -31.02 35.24 8.69
N ILE D 499 -30.35 34.09 8.77
CA ILE D 499 -30.50 33.00 7.81
C ILE D 499 -30.85 31.73 8.58
N VAL D 500 -31.92 31.05 8.16
CA VAL D 500 -32.38 29.82 8.78
C VAL D 500 -32.41 28.75 7.70
N ASP D 501 -31.35 27.94 7.64
CA ASP D 501 -31.23 26.89 6.64
C ASP D 501 -31.13 25.54 7.35
N VAL D 502 -31.92 24.57 6.88
CA VAL D 502 -31.95 23.24 7.46
C VAL D 502 -31.28 22.27 6.50
N ILE D 503 -30.86 21.13 7.04
CA ILE D 503 -30.22 20.07 6.27
C ILE D 503 -31.27 18.98 6.04
N ASN D 504 -31.95 19.04 4.90
CA ASN D 504 -32.98 18.05 4.58
C ASN D 504 -32.53 17.15 3.43
N GLN D 548 -33.54 14.83 10.23
CA GLN D 548 -34.10 16.17 10.25
C GLN D 548 -33.29 17.10 11.16
N LEU D 549 -32.18 17.59 10.65
CA LEU D 549 -31.28 18.46 11.41
C LEU D 549 -31.20 19.83 10.75
N ILE D 550 -31.28 20.87 11.57
CA ILE D 550 -31.20 22.26 11.12
C ILE D 550 -30.03 22.91 11.85
N ARG D 551 -29.02 23.32 11.08
CA ARG D 551 -27.83 23.94 11.66
C ARG D 551 -28.13 25.40 12.01
N VAL D 552 -27.27 25.95 12.87
CA VAL D 552 -27.39 27.33 13.33
C VAL D 552 -26.10 28.06 12.98
N TYR D 553 -26.20 29.04 12.08
CA TYR D 553 -25.07 29.87 11.69
C TYR D 553 -25.45 31.32 11.85
N CYS D 554 -24.57 32.08 12.52
CA CYS D 554 -24.80 33.50 12.77
C CYS D 554 -23.83 34.30 11.92
N LYS D 555 -24.37 35.20 11.09
CA LYS D 555 -23.54 36.02 10.22
C LYS D 555 -22.73 37.05 10.99
N LYS D 556 -23.09 37.34 12.24
CA LYS D 556 -22.35 38.29 13.04
C LYS D 556 -21.03 37.69 13.49
N VAL D 557 -20.09 38.57 13.87
CA VAL D 557 -18.78 38.15 14.31
C VAL D 557 -18.50 38.52 15.76
N ASP D 558 -19.24 39.44 16.36
CA ASP D 558 -19.00 39.82 17.75
C ASP D 558 -19.37 38.69 18.69
N ARG D 559 -18.61 38.55 19.78
CA ARG D 559 -18.91 37.53 20.77
C ARG D 559 -20.26 37.79 21.44
N LYS D 560 -20.55 39.04 21.77
CA LYS D 560 -21.85 39.37 22.34
C LYS D 560 -22.96 39.14 21.32
N SER D 561 -22.73 39.51 20.06
CA SER D 561 -23.71 39.26 19.02
C SER D 561 -23.92 37.76 18.83
N LEU D 562 -22.84 36.98 18.86
CA LEU D 562 -22.97 35.54 18.74
C LEU D 562 -23.77 34.95 19.90
N TYR D 563 -23.52 35.45 21.12
CA TYR D 563 -24.28 34.98 22.27
C TYR D 563 -25.75 35.34 22.16
N ALA D 564 -26.05 36.55 21.69
CA ALA D 564 -27.45 36.95 21.51
C ALA D 564 -28.13 36.09 20.45
N ALA D 565 -27.44 35.82 19.34
CA ALA D 565 -28.00 34.97 18.30
C ALA D 565 -28.21 33.55 18.81
N ARG D 566 -27.27 33.03 19.60
CA ARG D 566 -27.42 31.71 20.19
C ARG D 566 -28.62 31.65 21.13
N GLN D 567 -28.81 32.70 21.93
CA GLN D 567 -29.96 32.75 22.84
C GLN D 567 -31.27 32.78 22.05
N TYR D 568 -31.30 33.57 20.98
CA TYR D 568 -32.50 33.63 20.13
C TYR D 568 -32.79 32.27 19.49
N PHE D 569 -31.74 31.60 19.01
CA PHE D 569 -31.92 30.28 18.41
C PHE D 569 -32.40 29.27 19.44
N VAL D 570 -31.87 29.34 20.65
CA VAL D 570 -32.29 28.44 21.72
C VAL D 570 -33.76 28.68 22.06
N GLN D 571 -34.17 29.95 22.13
CA GLN D 571 -35.56 30.27 22.40
C GLN D 571 -36.47 29.76 21.28
N TRP D 572 -36.04 29.91 20.02
CA TRP D 572 -36.84 29.41 18.90
C TRP D 572 -36.96 27.89 18.95
N CYS D 573 -35.86 27.18 19.23
CA CYS D 573 -35.91 25.73 19.30
C CYS D 573 -36.77 25.25 20.48
N ALA D 574 -36.70 25.96 21.61
CA ALA D 574 -37.56 25.63 22.75
C ALA D 574 -39.03 25.88 22.43
N ASP D 575 -39.31 26.93 21.65
CA ASP D 575 -40.68 27.13 21.17
C ASP D 575 -41.07 26.10 20.13
N ARG D 576 -40.09 25.46 19.47
CA ARG D 576 -40.37 24.39 18.53
C ARG D 576 -40.36 23.02 19.20
N ASN D 577 -39.94 22.94 20.46
CA ASN D 577 -39.94 21.68 21.22
C ASN D 577 -39.16 20.59 20.51
N PHE D 578 -38.00 20.95 19.97
CA PHE D 578 -37.16 20.01 19.23
C PHE D 578 -36.30 19.21 20.20
N THR D 579 -35.42 18.39 19.63
CA THR D 579 -34.53 17.55 20.44
C THR D 579 -33.50 18.40 21.17
N LYS D 580 -33.18 17.97 22.39
CA LYS D 580 -32.21 18.70 23.19
C LYS D 580 -30.81 18.60 22.55
N PRO D 581 -30.04 19.67 22.60
CA PRO D 581 -28.69 19.66 22.01
C PRO D 581 -27.70 18.95 22.92
N GLN D 582 -26.45 18.87 22.45
CA GLN D 582 -25.42 18.18 23.20
C GLN D 582 -24.98 18.97 24.43
N ASP D 583 -24.78 20.28 24.29
CA ASP D 583 -24.25 21.13 25.35
C ASP D 583 -25.14 22.35 25.55
N GLY D 584 -26.45 22.12 25.65
CA GLY D 584 -27.39 23.21 25.82
C GLY D 584 -27.23 23.98 27.11
N ASP D 585 -26.67 23.34 28.15
CA ASP D 585 -26.44 24.05 29.41
C ASP D 585 -25.43 25.18 29.24
N VAL D 586 -24.36 24.93 28.48
CA VAL D 586 -23.35 25.96 28.27
C VAL D 586 -23.91 27.08 27.38
N ILE D 587 -24.68 26.71 26.35
CA ILE D 587 -25.20 27.70 25.42
C ILE D 587 -26.19 28.63 26.10
N ALA D 588 -27.05 28.08 26.96
CA ALA D 588 -28.09 28.86 27.64
C ALA D 588 -28.05 28.53 29.12
N PRO D 589 -27.88 29.52 30.00
CA PRO D 589 -27.88 29.23 31.44
C PRO D 589 -29.28 29.12 32.01
N LEU D 590 -30.24 29.79 31.38
CA LEU D 590 -31.61 29.78 31.86
C LEU D 590 -32.60 29.43 30.76
N ILE D 591 -32.29 29.79 29.52
CA ILE D 591 -33.22 29.52 28.41
C ILE D 591 -33.39 28.02 28.21
N THR D 592 -32.29 27.27 28.23
CA THR D 592 -32.36 25.82 28.10
C THR D 592 -33.00 25.26 29.36
N PRO D 593 -32.77 25.88 30.52
CA PRO D 593 -33.40 25.41 31.75
C PRO D 593 -34.90 25.71 31.83
N GLN D 594 -35.43 26.54 30.93
CA GLN D 594 -36.84 26.90 31.00
C GLN D 594 -37.73 25.69 30.80
N LYS D 595 -37.40 24.83 29.84
CA LYS D 595 -38.22 23.67 29.50
C LYS D 595 -37.92 22.50 30.43
N LYS D 596 -38.97 21.96 31.06
CA LYS D 596 -38.80 20.76 31.86
C LYS D 596 -38.61 19.53 31.00
N GLU D 597 -39.20 19.53 29.80
CA GLU D 597 -39.06 18.38 28.91
C GLU D 597 -37.63 18.21 28.43
N TRP D 598 -36.98 19.30 28.03
CA TRP D 598 -35.62 19.22 27.49
C TRP D 598 -34.55 19.07 28.57
N ASN D 599 -34.90 19.29 29.84
CA ASN D 599 -33.95 19.19 30.93
C ASN D 599 -33.81 17.79 31.48
N ASP D 600 -34.57 16.82 30.95
CA ASP D 600 -34.50 15.44 31.43
C ASP D 600 -33.20 14.82 30.98
N SER D 601 -32.24 14.71 31.90
CA SER D 601 -30.95 14.11 31.60
C SER D 601 -30.99 12.58 31.57
N THR D 602 -32.07 11.98 32.07
CA THR D 602 -32.19 10.53 32.07
C THR D 602 -32.89 10.04 30.80
#